data_1Y6D
#
_entry.id   1Y6D
#
_entity_poly.entity_id   1
_entity_poly.type   'polypeptide(L)'
_entity_poly.pdbx_seq_one_letter_code
;HHHHHHMNTDVLNQQKIEELSAEIGSDNVPVLLDIFLGEMDSYIGTLTELQGSEQLLYLKEISHALKSSAASFGADRLCE
RAIAIDKKAKANQLQEQGMETSEMLALLHITRDAYRSWTN
;
_entity_poly.pdbx_strand_id   A
#
# COMPACT_ATOMS: atom_id res chain seq x y z
N MET A 7 -1.71 -8.12 8.56
CA MET A 7 -0.80 -7.98 7.41
C MET A 7 -1.32 -8.81 6.25
N ASN A 8 -0.57 -8.83 5.17
CA ASN A 8 -0.87 -9.65 4.01
C ASN A 8 -0.29 -11.05 4.28
N THR A 9 -1.06 -11.86 4.99
CA THR A 9 -0.56 -13.09 5.57
C THR A 9 -0.91 -14.38 4.74
N ASP A 10 -0.73 -15.53 5.41
CA ASP A 10 -0.94 -16.88 4.91
C ASP A 10 -2.43 -17.13 4.65
N VAL A 11 -2.87 -16.65 3.50
CA VAL A 11 -4.24 -16.74 3.04
C VAL A 11 -4.28 -16.08 1.69
N LEU A 12 -3.53 -15.00 1.59
CA LEU A 12 -3.51 -14.22 0.41
C LEU A 12 -2.13 -14.09 -0.13
N ASN A 13 -1.14 -13.86 0.70
CA ASN A 13 0.16 -13.61 0.14
C ASN A 13 0.75 -14.84 -0.50
N GLN A 14 0.98 -15.85 0.21
CA GLN A 14 1.51 -17.04 -0.37
C GLN A 14 0.50 -17.73 -1.27
N GLN A 15 -0.79 -17.54 -1.03
CA GLN A 15 -1.77 -18.03 -1.94
C GLN A 15 -1.89 -17.16 -3.20
N LYS A 16 -2.55 -16.01 -3.08
CA LYS A 16 -2.86 -15.14 -4.22
C LYS A 16 -1.62 -14.45 -4.76
N ILE A 17 -0.59 -14.34 -3.96
CA ILE A 17 0.59 -13.67 -4.40
C ILE A 17 1.47 -14.61 -5.10
N GLU A 18 1.65 -15.79 -4.56
CA GLU A 18 2.60 -16.68 -5.14
C GLU A 18 2.04 -17.19 -6.48
N GLU A 19 0.71 -17.23 -6.57
CA GLU A 19 0.00 -17.70 -7.74
C GLU A 19 -0.18 -16.57 -8.79
N LEU A 20 -0.46 -15.34 -8.35
CA LEU A 20 -0.64 -14.23 -9.29
C LEU A 20 0.70 -13.66 -9.64
N SER A 21 1.59 -13.62 -8.68
CA SER A 21 2.97 -13.42 -9.01
C SER A 21 3.42 -14.52 -9.98
N ALA A 22 4.12 -15.54 -9.55
CA ALA A 22 4.45 -16.65 -10.46
C ALA A 22 5.05 -16.17 -11.81
N GLU A 23 4.56 -16.74 -12.91
CA GLU A 23 4.96 -16.36 -14.29
C GLU A 23 4.50 -14.96 -14.65
N ILE A 24 3.75 -14.37 -13.77
CA ILE A 24 3.31 -13.04 -13.91
C ILE A 24 4.04 -12.10 -12.97
N GLY A 25 3.55 -11.68 -11.81
CA GLY A 25 4.18 -10.79 -10.88
C GLY A 25 5.59 -11.07 -10.44
N SER A 26 6.18 -12.24 -10.70
CA SER A 26 7.59 -12.39 -10.33
C SER A 26 8.42 -11.41 -11.20
N ASP A 27 7.83 -11.02 -12.31
CA ASP A 27 8.42 -9.98 -13.14
C ASP A 27 7.74 -8.64 -12.91
N ASN A 28 6.43 -8.63 -12.65
CA ASN A 28 5.68 -7.38 -12.67
C ASN A 28 5.58 -6.73 -11.28
N VAL A 29 5.36 -7.51 -10.22
CA VAL A 29 5.18 -6.91 -8.88
C VAL A 29 6.43 -6.22 -8.33
N PRO A 30 7.70 -6.74 -8.49
CA PRO A 30 8.88 -6.00 -8.03
C PRO A 30 8.95 -4.64 -8.71
N VAL A 31 8.64 -4.69 -10.01
CA VAL A 31 8.60 -3.45 -10.78
C VAL A 31 7.63 -2.44 -10.13
N LEU A 32 6.41 -2.87 -9.85
CA LEU A 32 5.36 -2.01 -9.31
C LEU A 32 5.64 -1.62 -7.80
N LEU A 33 5.77 -2.65 -6.99
CA LEU A 33 6.00 -2.52 -5.56
C LEU A 33 7.10 -1.52 -5.26
N ASP A 34 8.27 -1.78 -5.82
CA ASP A 34 9.44 -0.93 -5.56
C ASP A 34 9.21 0.52 -6.02
N ILE A 35 8.48 0.72 -7.12
CA ILE A 35 8.31 2.07 -7.64
C ILE A 35 7.25 2.82 -6.87
N PHE A 36 6.15 2.14 -6.53
CA PHE A 36 5.05 2.80 -5.90
C PHE A 36 5.42 3.21 -4.52
N LEU A 37 6.39 2.57 -4.01
CA LEU A 37 6.93 2.89 -2.79
C LEU A 37 7.96 3.97 -2.94
N GLY A 38 8.98 3.75 -3.74
CA GLY A 38 10.05 4.71 -3.90
C GLY A 38 9.59 6.09 -4.37
N GLU A 39 8.76 6.14 -5.40
CA GLU A 39 8.36 7.42 -6.01
C GLU A 39 7.28 8.11 -5.18
N MET A 40 6.36 7.31 -4.69
CA MET A 40 5.33 7.89 -3.82
C MET A 40 5.97 8.52 -2.61
N ASP A 41 6.90 7.78 -2.06
CA ASP A 41 7.65 8.18 -0.90
C ASP A 41 8.57 9.34 -1.23
N SER A 42 8.90 9.45 -2.51
CA SER A 42 9.80 10.50 -2.95
C SER A 42 9.19 11.83 -2.69
N TYR A 43 7.98 11.91 -3.16
CA TYR A 43 7.22 13.09 -3.14
C TYR A 43 6.74 13.39 -1.79
N ILE A 44 6.83 12.45 -0.97
CA ILE A 44 6.47 12.71 0.36
C ILE A 44 7.67 13.15 1.15
N GLY A 45 8.82 12.80 0.66
CA GLY A 45 10.00 13.44 1.17
C GLY A 45 9.98 14.91 0.77
N THR A 46 9.79 15.15 -0.52
CA THR A 46 9.92 16.46 -1.06
C THR A 46 8.63 17.25 -0.97
N LEU A 47 7.49 16.72 -1.40
CA LEU A 47 6.26 17.46 -1.41
C LEU A 47 5.61 17.51 -0.05
N THR A 48 6.11 16.76 0.90
CA THR A 48 5.67 16.99 2.27
C THR A 48 6.42 18.13 2.87
N GLU A 49 7.65 18.23 2.47
CA GLU A 49 8.47 19.36 2.89
C GLU A 49 8.18 20.58 2.02
N LEU A 50 7.16 20.47 1.13
CA LEU A 50 6.73 21.54 0.29
C LEU A 50 5.21 21.79 0.37
N GLN A 51 4.43 20.78 0.74
CA GLN A 51 2.97 20.90 0.75
C GLN A 51 2.28 19.71 1.43
N GLY A 52 0.99 19.63 1.24
CA GLY A 52 0.19 18.53 1.75
C GLY A 52 0.08 17.42 0.74
N SER A 53 1.14 17.25 -0.02
CA SER A 53 1.18 16.20 -0.96
C SER A 53 0.97 14.86 -0.31
N GLU A 54 1.78 14.51 0.65
CA GLU A 54 1.44 13.37 1.55
C GLU A 54 -0.13 13.11 1.72
N GLN A 55 -0.91 14.18 1.84
CA GLN A 55 -2.37 14.05 1.87
C GLN A 55 -2.89 13.41 0.54
N LEU A 56 -2.26 13.81 -0.57
CA LEU A 56 -2.50 13.24 -1.86
C LEU A 56 -2.10 11.81 -1.80
N LEU A 57 -0.91 11.56 -1.20
CA LEU A 57 -0.27 10.25 -1.12
C LEU A 57 -1.25 9.11 -0.88
N TYR A 58 -2.24 9.38 -0.15
CA TYR A 58 -3.21 8.43 0.28
C TYR A 58 -4.11 7.96 -0.86
N LEU A 59 -4.71 8.94 -1.51
CA LEU A 59 -5.76 8.54 -2.44
C LEU A 59 -5.18 7.97 -3.66
N LYS A 60 -4.06 8.49 -4.03
CA LYS A 60 -3.37 7.99 -5.17
C LYS A 60 -2.90 6.57 -4.96
N GLU A 61 -2.19 6.31 -3.90
CA GLU A 61 -1.52 4.99 -3.91
C GLU A 61 -2.43 3.83 -3.70
N ILE A 62 -3.32 4.00 -2.80
CA ILE A 62 -4.22 2.93 -2.51
C ILE A 62 -5.23 2.72 -3.66
N SER A 63 -5.35 3.70 -4.56
CA SER A 63 -6.19 3.55 -5.75
C SER A 63 -5.29 3.17 -6.95
N HIS A 64 -4.14 3.79 -6.96
CA HIS A 64 -3.08 3.55 -7.91
C HIS A 64 -2.52 2.18 -7.75
N ALA A 65 -1.61 1.98 -6.84
CA ALA A 65 -0.80 0.82 -6.75
C ALA A 65 -1.40 -0.24 -5.89
N LEU A 66 -1.97 0.10 -4.75
CA LEU A 66 -2.57 -0.94 -3.93
C LEU A 66 -3.81 -1.44 -4.57
N LYS A 67 -4.51 -0.60 -5.26
CA LYS A 67 -5.68 -1.08 -5.91
C LYS A 67 -5.26 -1.87 -7.14
N SER A 68 -4.05 -1.64 -7.63
CA SER A 68 -3.55 -2.33 -8.78
C SER A 68 -3.00 -3.70 -8.38
N SER A 69 -1.94 -3.63 -7.63
CA SER A 69 -1.20 -4.75 -7.21
C SER A 69 -1.95 -5.52 -6.16
N ALA A 70 -2.72 -4.88 -5.33
CA ALA A 70 -3.43 -5.68 -4.34
C ALA A 70 -4.62 -6.36 -4.96
N ALA A 71 -5.23 -5.76 -5.95
CA ALA A 71 -6.37 -6.38 -6.65
C ALA A 71 -5.93 -7.68 -7.32
N SER A 72 -4.63 -7.78 -7.58
CA SER A 72 -4.06 -8.98 -8.13
C SER A 72 -3.35 -9.81 -7.04
N PHE A 73 -2.47 -9.16 -6.29
CA PHE A 73 -1.51 -9.85 -5.40
C PHE A 73 -1.90 -9.71 -3.90
N GLY A 74 -3.15 -9.44 -3.66
CA GLY A 74 -3.68 -9.27 -2.30
C GLY A 74 -5.13 -8.98 -2.41
N ALA A 75 -5.71 -9.74 -3.32
CA ALA A 75 -7.12 -9.62 -3.71
C ALA A 75 -8.06 -10.11 -2.59
N ASP A 76 -7.55 -10.06 -1.39
CA ASP A 76 -8.18 -10.59 -0.24
C ASP A 76 -8.32 -9.38 0.69
N ARG A 77 -7.97 -9.43 1.96
CA ARG A 77 -8.10 -8.37 2.96
C ARG A 77 -7.56 -7.03 2.55
N LEU A 78 -6.25 -6.95 2.37
CA LEU A 78 -5.58 -5.65 2.15
C LEU A 78 -6.22 -4.85 1.02
N CYS A 79 -6.87 -5.58 0.15
CA CYS A 79 -7.49 -4.94 -1.00
C CYS A 79 -8.63 -4.03 -0.53
N GLU A 80 -9.56 -4.61 0.19
CA GLU A 80 -10.75 -3.84 0.54
C GLU A 80 -10.75 -3.45 2.00
N ARG A 81 -10.18 -4.32 2.80
CA ARG A 81 -10.10 -4.11 4.23
C ARG A 81 -9.20 -2.92 4.49
N ALA A 82 -8.32 -2.60 3.58
CA ALA A 82 -7.52 -1.45 3.83
C ALA A 82 -8.28 -0.27 3.30
N ILE A 83 -8.62 -0.37 2.04
CA ILE A 83 -9.24 0.76 1.39
C ILE A 83 -10.51 1.33 2.05
N ALA A 84 -11.34 0.46 2.56
CA ALA A 84 -12.62 0.85 3.10
C ALA A 84 -12.54 0.86 4.61
N ILE A 85 -11.80 -0.10 5.15
CA ILE A 85 -11.81 -0.35 6.57
C ILE A 85 -10.84 0.55 7.31
N ASP A 86 -10.10 1.33 6.56
CA ASP A 86 -9.18 2.28 6.99
C ASP A 86 -9.80 3.52 6.91
N LYS A 87 -10.18 3.89 5.68
CA LYS A 87 -10.74 5.20 5.44
C LYS A 87 -11.69 5.63 6.54
N LYS A 88 -12.53 4.69 6.99
CA LYS A 88 -13.64 5.02 7.83
C LYS A 88 -13.19 5.23 9.27
N ALA A 89 -12.40 4.33 9.82
CA ALA A 89 -12.12 4.50 11.23
C ALA A 89 -10.70 4.24 11.47
N LYS A 90 -10.22 3.34 10.73
CA LYS A 90 -8.83 3.24 10.80
C LYS A 90 -8.14 4.58 10.46
N ALA A 91 -8.60 5.34 9.44
CA ALA A 91 -7.95 6.55 9.13
C ALA A 91 -8.44 7.66 10.04
N ASN A 92 -9.71 7.65 10.47
CA ASN A 92 -10.13 8.79 11.29
C ASN A 92 -10.21 8.52 12.75
N GLN A 93 -10.15 7.28 13.12
CA GLN A 93 -10.18 6.97 14.51
C GLN A 93 -8.77 6.96 15.02
N LEU A 94 -7.77 6.94 14.11
CA LEU A 94 -6.41 7.18 14.51
C LEU A 94 -6.32 8.65 14.87
N GLN A 95 -6.57 9.51 13.90
CA GLN A 95 -6.40 10.94 13.95
C GLN A 95 -7.67 11.63 13.43
N GLU A 96 -8.14 12.64 14.13
CA GLU A 96 -9.33 13.39 13.72
C GLU A 96 -9.00 14.18 12.45
N GLN A 97 -7.73 14.61 12.41
CA GLN A 97 -7.12 15.42 11.35
C GLN A 97 -7.36 14.88 9.94
N GLY A 98 -7.61 13.59 9.81
CA GLY A 98 -7.80 13.07 8.50
C GLY A 98 -6.56 12.42 7.93
N MET A 99 -6.24 11.25 8.53
CA MET A 99 -5.10 10.40 8.19
C MET A 99 -3.86 11.16 7.72
N GLU A 100 -3.69 12.35 8.27
CA GLU A 100 -2.73 13.35 7.80
C GLU A 100 -1.32 13.09 8.20
N THR A 101 -1.01 11.86 8.54
CA THR A 101 0.29 11.46 8.93
C THR A 101 0.31 10.02 9.34
N SER A 102 -0.41 9.68 10.39
CA SER A 102 -0.16 8.39 10.97
C SER A 102 -0.78 7.25 10.25
N GLU A 103 -1.71 7.52 9.36
CA GLU A 103 -2.21 6.42 8.61
C GLU A 103 -1.41 6.30 7.33
N MET A 104 -1.38 7.38 6.58
CA MET A 104 -0.74 7.47 5.26
C MET A 104 0.75 6.99 5.27
N LEU A 105 1.57 7.56 6.16
CA LEU A 105 3.01 7.22 6.20
C LEU A 105 3.24 5.78 6.66
N ALA A 106 2.31 5.34 7.51
CA ALA A 106 2.30 3.99 8.03
C ALA A 106 2.38 3.00 6.90
N LEU A 107 1.72 3.32 5.78
CA LEU A 107 1.69 2.48 4.57
C LEU A 107 3.04 1.92 4.26
N LEU A 108 4.05 2.77 4.24
CA LEU A 108 5.38 2.31 3.92
C LEU A 108 5.94 1.34 4.94
N HIS A 109 5.86 1.67 6.25
CA HIS A 109 6.45 0.77 7.24
C HIS A 109 5.74 -0.58 7.18
N ILE A 110 4.42 -0.53 6.96
CA ILE A 110 3.61 -1.75 6.93
C ILE A 110 3.84 -2.54 5.66
N THR A 111 3.92 -1.83 4.56
CA THR A 111 4.07 -2.47 3.28
C THR A 111 5.47 -3.06 3.13
N ARG A 112 6.50 -2.35 3.56
CA ARG A 112 7.82 -2.87 3.31
C ARG A 112 8.14 -3.96 4.33
N ASP A 113 7.55 -3.86 5.48
CA ASP A 113 7.72 -4.90 6.47
C ASP A 113 7.07 -6.20 5.99
N ALA A 114 5.80 -6.10 5.68
CA ALA A 114 5.00 -7.22 5.28
C ALA A 114 5.42 -7.76 3.90
N TYR A 115 5.43 -6.90 2.90
CA TYR A 115 5.67 -7.34 1.50
C TYR A 115 7.05 -7.93 1.33
N ARG A 116 7.97 -7.33 1.99
CA ARG A 116 9.34 -7.80 1.80
C ARG A 116 9.56 -9.18 2.47
N SER A 117 8.55 -9.64 3.21
CA SER A 117 8.56 -10.96 3.81
C SER A 117 7.93 -12.08 2.92
N TRP A 118 7.11 -11.75 1.88
CA TRP A 118 6.46 -12.78 1.05
C TRP A 118 6.11 -12.26 -0.36
N THR A 119 6.59 -11.07 -0.69
CA THR A 119 6.19 -10.37 -1.90
C THR A 119 7.42 -9.65 -2.48
N ASN A 120 8.58 -10.29 -2.33
CA ASN A 120 9.88 -9.78 -2.83
C ASN A 120 10.27 -8.40 -2.32
N MET A 7 -5.18 -5.00 7.35
CA MET A 7 -3.97 -5.85 7.40
C MET A 7 -3.93 -6.75 6.18
N ASN A 8 -2.73 -6.98 5.65
CA ASN A 8 -2.57 -7.94 4.55
C ASN A 8 -2.34 -9.26 5.24
N THR A 9 -3.39 -9.93 5.56
CA THR A 9 -3.28 -11.10 6.38
C THR A 9 -3.23 -12.41 5.56
N ASP A 10 -3.34 -13.49 6.29
CA ASP A 10 -3.35 -14.87 5.85
C ASP A 10 -4.64 -15.14 5.09
N VAL A 11 -4.68 -14.72 3.84
CA VAL A 11 -5.82 -14.91 2.98
C VAL A 11 -5.49 -14.40 1.61
N LEU A 12 -4.74 -13.31 1.58
CA LEU A 12 -4.47 -12.71 0.32
C LEU A 12 -3.02 -12.59 0.07
N ASN A 13 -2.25 -12.25 1.06
CA ASN A 13 -0.88 -12.04 0.79
C ASN A 13 -0.17 -13.34 0.77
N GLN A 14 -0.46 -14.20 1.67
CA GLN A 14 0.22 -15.47 1.60
C GLN A 14 -0.48 -16.41 0.62
N GLN A 15 -1.76 -16.20 0.36
CA GLN A 15 -2.42 -17.02 -0.63
C GLN A 15 -2.31 -16.44 -2.03
N LYS A 16 -2.94 -15.29 -2.21
CA LYS A 16 -3.05 -14.65 -3.52
C LYS A 16 -1.75 -14.05 -3.98
N ILE A 17 -0.79 -13.92 -3.11
CA ILE A 17 0.49 -13.48 -3.57
C ILE A 17 1.37 -14.67 -3.81
N GLU A 18 1.28 -15.70 -3.02
CA GLU A 18 2.09 -16.85 -3.33
C GLU A 18 1.65 -17.49 -4.65
N GLU A 19 0.36 -17.45 -4.90
CA GLU A 19 -0.21 -18.05 -6.09
C GLU A 19 -0.30 -17.08 -7.27
N LEU A 20 -0.54 -15.80 -7.01
CA LEU A 20 -0.63 -14.86 -8.14
C LEU A 20 0.68 -14.20 -8.39
N SER A 21 1.50 -14.06 -7.37
CA SER A 21 2.86 -13.76 -7.65
C SER A 21 3.43 -14.98 -8.38
N ALA A 22 3.91 -16.04 -7.69
CA ALA A 22 4.31 -17.27 -8.41
C ALA A 22 5.18 -16.98 -9.64
N GLU A 23 4.96 -17.69 -10.73
CA GLU A 23 5.74 -17.47 -11.95
C GLU A 23 5.39 -16.16 -12.65
N ILE A 24 4.56 -15.37 -12.01
CA ILE A 24 4.19 -14.10 -12.52
C ILE A 24 4.86 -13.03 -11.64
N GLY A 25 4.29 -12.58 -10.50
CA GLY A 25 4.94 -11.74 -9.52
C GLY A 25 6.33 -12.13 -9.00
N SER A 26 6.75 -13.40 -9.01
CA SER A 26 8.12 -13.82 -8.58
C SER A 26 9.18 -13.32 -9.59
N ASP A 27 8.74 -12.37 -10.41
CA ASP A 27 9.42 -11.99 -11.61
C ASP A 27 9.07 -10.52 -11.81
N ASN A 28 7.78 -10.21 -11.58
CA ASN A 28 7.21 -8.87 -11.80
C ASN A 28 6.99 -8.07 -10.50
N VAL A 29 6.55 -8.72 -9.42
CA VAL A 29 6.24 -7.98 -8.18
C VAL A 29 7.43 -7.26 -7.53
N PRO A 30 8.68 -7.84 -7.47
CA PRO A 30 9.83 -7.09 -6.94
C PRO A 30 10.08 -5.89 -7.85
N VAL A 31 9.77 -6.08 -9.13
CA VAL A 31 9.82 -4.93 -10.03
C VAL A 31 8.79 -3.88 -9.59
N LEU A 32 7.51 -4.22 -9.61
CA LEU A 32 6.38 -3.30 -9.43
C LEU A 32 6.33 -2.71 -8.00
N LEU A 33 6.10 -3.61 -7.07
CA LEU A 33 5.96 -3.24 -5.66
C LEU A 33 7.07 -2.27 -5.21
N ASP A 34 8.30 -2.55 -5.57
CA ASP A 34 9.40 -1.72 -5.08
C ASP A 34 9.47 -0.37 -5.82
N ILE A 35 9.02 -0.32 -7.08
CA ILE A 35 9.12 0.91 -7.86
C ILE A 35 7.97 1.86 -7.54
N PHE A 36 6.75 1.35 -7.60
CA PHE A 36 5.55 2.14 -7.43
C PHE A 36 5.43 2.67 -6.02
N LEU A 37 6.09 2.00 -5.13
CA LEU A 37 6.14 2.41 -3.80
C LEU A 37 7.37 3.25 -3.55
N GLY A 38 8.53 2.81 -4.03
CA GLY A 38 9.77 3.54 -3.81
C GLY A 38 9.80 4.92 -4.47
N GLU A 39 9.21 5.06 -5.64
CA GLU A 39 9.21 6.34 -6.34
C GLU A 39 8.05 7.21 -5.84
N MET A 40 7.00 6.53 -5.44
CA MET A 40 5.97 7.30 -4.74
C MET A 40 6.51 7.86 -3.46
N ASP A 41 7.26 7.02 -2.79
CA ASP A 41 7.91 7.28 -1.53
C ASP A 41 8.92 8.37 -1.71
N SER A 42 9.52 8.35 -2.90
CA SER A 42 10.54 9.29 -3.22
C SER A 42 10.01 10.64 -3.11
N TYR A 43 8.94 10.77 -3.82
CA TYR A 43 8.35 11.98 -4.02
C TYR A 43 7.84 12.57 -2.84
N ILE A 44 7.35 11.76 -2.01
CA ILE A 44 6.77 12.16 -0.83
C ILE A 44 7.78 12.58 0.19
N GLY A 45 8.95 11.97 0.18
CA GLY A 45 10.02 12.42 1.05
C GLY A 45 10.32 13.90 0.84
N THR A 46 10.28 14.28 -0.42
CA THR A 46 10.52 15.62 -0.83
C THR A 46 9.23 16.45 -0.67
N LEU A 47 8.15 15.95 -1.22
CA LEU A 47 6.83 16.54 -1.21
C LEU A 47 6.25 16.80 0.22
N THR A 48 6.67 16.01 1.17
CA THR A 48 6.32 16.18 2.59
C THR A 48 7.11 17.32 3.20
N GLU A 49 8.39 17.31 2.93
CA GLU A 49 9.26 18.37 3.41
C GLU A 49 9.04 19.66 2.65
N LEU A 50 8.23 19.60 1.60
CA LEU A 50 7.94 20.75 0.82
C LEU A 50 6.53 21.26 1.04
N GLN A 51 5.57 20.35 1.25
CA GLN A 51 4.17 20.76 1.22
C GLN A 51 3.19 19.65 1.57
N GLY A 52 1.95 19.77 1.09
CA GLY A 52 0.91 18.81 1.33
C GLY A 52 0.82 17.79 0.22
N SER A 53 1.88 17.71 -0.54
CA SER A 53 1.97 16.71 -1.51
C SER A 53 1.93 15.34 -0.85
N GLU A 54 2.75 15.10 0.14
CA GLU A 54 2.60 14.00 1.11
C GLU A 54 1.07 13.60 1.31
N GLN A 55 0.23 14.60 1.44
CA GLN A 55 -1.22 14.32 1.46
C GLN A 55 -1.72 13.59 0.17
N LEU A 56 -1.48 14.22 -0.98
CA LEU A 56 -1.80 13.79 -2.35
C LEU A 56 -1.48 12.34 -2.54
N LEU A 57 -0.35 12.00 -1.96
CA LEU A 57 0.30 10.71 -1.94
C LEU A 57 -0.65 9.57 -1.95
N TYR A 58 -1.69 9.67 -1.18
CA TYR A 58 -2.60 8.60 -0.89
C TYR A 58 -3.45 8.32 -2.07
N LEU A 59 -3.99 9.40 -2.58
CA LEU A 59 -4.97 9.24 -3.64
C LEU A 59 -4.32 8.67 -4.85
N LYS A 60 -3.11 9.06 -5.07
CA LYS A 60 -2.35 8.52 -6.15
C LYS A 60 -1.70 7.20 -5.89
N GLU A 61 -1.17 7.00 -4.71
CA GLU A 61 -0.44 5.74 -4.57
C GLU A 61 -1.43 4.60 -4.59
N ILE A 62 -2.51 4.81 -3.91
CA ILE A 62 -3.50 3.74 -3.81
C ILE A 62 -4.29 3.59 -5.12
N SER A 63 -4.25 4.59 -5.99
CA SER A 63 -4.90 4.41 -7.29
C SER A 63 -3.87 3.91 -8.30
N HIS A 64 -2.69 4.45 -8.16
CA HIS A 64 -1.57 4.10 -8.97
C HIS A 64 -0.97 2.77 -8.57
N ALA A 65 -0.18 2.69 -7.53
CA ALA A 65 0.65 1.59 -7.12
C ALA A 65 -0.17 0.50 -6.51
N LEU A 66 -0.85 0.84 -5.42
CA LEU A 66 -1.60 -0.13 -4.68
C LEU A 66 -2.68 -0.72 -5.52
N LYS A 67 -3.42 0.10 -6.23
CA LYS A 67 -4.50 -0.43 -7.05
C LYS A 67 -3.95 -1.30 -8.19
N SER A 68 -2.69 -1.14 -8.55
CA SER A 68 -2.13 -1.95 -9.60
C SER A 68 -1.78 -3.34 -9.05
N SER A 69 -0.97 -3.33 -8.00
CA SER A 69 -0.44 -4.52 -7.40
C SER A 69 -1.56 -5.24 -6.66
N ALA A 70 -2.45 -4.48 -6.05
CA ALA A 70 -3.53 -5.11 -5.30
C ALA A 70 -4.41 -5.90 -6.24
N ALA A 71 -4.74 -5.33 -7.36
CA ALA A 71 -5.64 -5.91 -8.33
C ALA A 71 -5.03 -7.18 -8.92
N SER A 72 -3.72 -7.30 -8.80
CA SER A 72 -3.01 -8.43 -9.30
C SER A 72 -2.58 -9.40 -8.18
N PHE A 73 -2.07 -8.89 -7.05
CA PHE A 73 -1.48 -9.78 -6.01
C PHE A 73 -2.00 -9.47 -4.57
N GLY A 74 -3.20 -9.02 -4.53
CA GLY A 74 -3.89 -8.66 -3.27
C GLY A 74 -5.29 -8.30 -3.61
N ALA A 75 -5.76 -9.08 -4.55
CA ALA A 75 -7.07 -8.93 -5.18
C ALA A 75 -8.20 -9.33 -4.24
N ASP A 76 -7.91 -9.26 -2.96
CA ASP A 76 -8.82 -9.63 -1.94
C ASP A 76 -9.06 -8.35 -1.16
N ARG A 77 -8.87 -8.35 0.14
CA ARG A 77 -9.13 -7.37 1.13
C ARG A 77 -8.30 -6.12 1.05
N LEU A 78 -6.99 -6.20 0.93
CA LEU A 78 -6.21 -4.94 0.95
C LEU A 78 -6.65 -4.04 -0.21
N CYS A 79 -7.20 -4.71 -1.18
CA CYS A 79 -7.63 -3.97 -2.35
C CYS A 79 -8.82 -3.05 -2.01
N GLU A 80 -9.92 -3.61 -1.56
CA GLU A 80 -11.08 -2.73 -1.34
C GLU A 80 -11.36 -2.58 0.14
N ARG A 81 -10.97 -3.59 0.85
CA ARG A 81 -11.22 -3.61 2.26
C ARG A 81 -10.21 -2.65 2.89
N ALA A 82 -9.10 -2.37 2.25
CA ALA A 82 -8.27 -1.36 2.86
C ALA A 82 -8.85 -0.05 2.45
N ILE A 83 -8.94 0.09 1.14
CA ILE A 83 -9.36 1.41 0.60
C ILE A 83 -10.55 2.11 1.31
N ALA A 84 -11.57 1.35 1.62
CA ALA A 84 -12.82 1.89 2.06
C ALA A 84 -12.92 1.71 3.57
N ILE A 85 -12.28 0.65 4.05
CA ILE A 85 -12.41 0.18 5.42
C ILE A 85 -11.27 0.68 6.28
N ASP A 86 -10.45 1.48 5.63
CA ASP A 86 -9.38 2.13 6.23
C ASP A 86 -9.80 3.42 6.54
N LYS A 87 -10.08 4.22 5.47
CA LYS A 87 -10.46 5.60 5.70
C LYS A 87 -11.44 5.66 6.87
N LYS A 88 -12.61 4.99 6.71
CA LYS A 88 -13.61 4.88 7.77
C LYS A 88 -13.11 4.79 9.20
N ALA A 89 -12.43 3.79 9.63
CA ALA A 89 -12.24 3.69 11.04
C ALA A 89 -10.90 3.31 11.29
N LYS A 90 -10.42 2.46 10.45
CA LYS A 90 -9.06 2.14 10.56
C LYS A 90 -8.17 3.41 10.48
N ALA A 91 -8.49 4.38 9.63
CA ALA A 91 -7.73 5.58 9.56
C ALA A 91 -8.16 6.53 10.63
N ASN A 92 -9.44 6.54 10.98
CA ASN A 92 -9.84 7.42 12.06
C ASN A 92 -9.45 6.87 13.42
N GLN A 93 -9.11 5.58 13.49
CA GLN A 93 -8.74 4.93 14.73
C GLN A 93 -7.34 5.35 15.08
N LEU A 94 -6.49 5.50 14.05
CA LEU A 94 -5.12 5.84 14.15
C LEU A 94 -4.98 7.21 14.73
N GLN A 95 -5.07 8.18 13.88
CA GLN A 95 -4.90 9.58 14.06
C GLN A 95 -6.12 10.08 14.78
N GLU A 96 -5.94 10.77 15.89
CA GLU A 96 -7.09 11.21 16.66
C GLU A 96 -7.54 12.57 16.12
N GLN A 97 -6.80 13.01 15.13
CA GLN A 97 -7.05 14.30 14.51
C GLN A 97 -7.91 14.13 13.28
N GLY A 98 -8.46 12.93 13.10
CA GLY A 98 -9.35 12.70 11.99
C GLY A 98 -8.69 12.50 10.65
N MET A 99 -7.96 11.36 10.46
CA MET A 99 -7.41 10.94 9.16
C MET A 99 -6.85 12.04 8.30
N GLU A 100 -5.64 12.45 8.65
CA GLU A 100 -5.11 13.65 8.09
C GLU A 100 -3.58 13.62 7.85
N THR A 101 -2.97 12.42 7.95
CA THR A 101 -1.51 12.27 7.67
C THR A 101 -0.92 10.90 8.06
N SER A 102 -1.07 10.48 9.30
CA SER A 102 -0.36 9.30 9.80
C SER A 102 -0.73 8.05 9.04
N GLU A 103 -1.99 7.98 8.62
CA GLU A 103 -2.54 6.88 7.87
C GLU A 103 -1.85 6.73 6.53
N MET A 104 -1.82 7.81 5.81
CA MET A 104 -1.28 7.82 4.47
C MET A 104 0.23 7.46 4.47
N LEU A 105 0.98 8.03 5.41
CA LEU A 105 2.39 7.61 5.58
C LEU A 105 2.49 6.14 6.06
N ALA A 106 1.46 5.74 6.80
CA ALA A 106 1.36 4.37 7.30
C ALA A 106 1.34 3.37 6.19
N LEU A 107 0.84 3.76 5.00
CA LEU A 107 0.76 2.91 3.82
C LEU A 107 2.11 2.36 3.45
N LEU A 108 3.12 3.17 3.55
CA LEU A 108 4.43 2.74 3.22
C LEU A 108 4.92 1.67 4.18
N HIS A 109 4.83 1.92 5.48
CA HIS A 109 5.31 0.88 6.39
C HIS A 109 4.48 -0.42 6.29
N ILE A 110 3.22 -0.30 5.88
CA ILE A 110 2.39 -1.49 5.72
C ILE A 110 2.69 -2.19 4.38
N THR A 111 3.00 -1.42 3.38
CA THR A 111 3.31 -2.01 2.10
C THR A 111 4.76 -2.49 2.02
N ARG A 112 5.67 -1.87 2.75
CA ARG A 112 7.05 -2.31 2.64
C ARG A 112 7.35 -3.38 3.69
N ASP A 113 6.94 -3.17 4.94
CA ASP A 113 7.34 -4.06 6.02
C ASP A 113 6.45 -5.25 6.15
N ALA A 114 5.15 -5.06 6.03
CA ALA A 114 4.25 -6.18 6.11
C ALA A 114 4.53 -7.13 4.96
N TYR A 115 4.85 -6.57 3.80
CA TYR A 115 5.15 -7.38 2.60
C TYR A 115 6.47 -8.14 2.80
N ARG A 116 7.22 -7.61 3.71
CA ARG A 116 8.45 -8.31 4.08
C ARG A 116 8.16 -9.58 4.90
N SER A 117 6.91 -9.80 5.26
CA SER A 117 6.51 -11.03 5.93
C SER A 117 5.87 -12.10 4.99
N TRP A 118 5.32 -11.73 3.82
CA TRP A 118 4.60 -12.70 2.97
C TRP A 118 4.84 -12.45 1.49
N THR A 119 5.69 -11.50 1.21
CA THR A 119 5.88 -11.09 -0.16
C THR A 119 7.36 -11.13 -0.54
N ASN A 120 8.16 -10.26 0.03
CA ASN A 120 9.55 -10.14 -0.35
C ASN A 120 10.41 -10.15 0.88
N MET A 7 -2.33 -4.86 9.07
CA MET A 7 -1.58 -5.86 8.29
C MET A 7 -2.36 -6.10 7.00
N ASN A 8 -1.76 -6.75 6.02
CA ASN A 8 -2.47 -7.06 4.80
C ASN A 8 -3.31 -8.31 5.02
N THR A 9 -2.68 -9.50 5.15
CA THR A 9 -3.28 -10.74 5.72
C THR A 9 -3.00 -12.07 4.95
N ASP A 10 -3.11 -13.14 5.71
CA ASP A 10 -2.89 -14.53 5.32
C ASP A 10 -4.09 -15.13 4.59
N VAL A 11 -4.16 -14.88 3.29
CA VAL A 11 -5.23 -15.35 2.42
C VAL A 11 -4.96 -14.79 1.06
N LEU A 12 -4.47 -13.61 1.09
CA LEU A 12 -4.21 -12.87 -0.09
C LEU A 12 -2.76 -12.88 -0.40
N ASN A 13 -1.93 -12.62 0.57
CA ASN A 13 -0.55 -12.47 0.25
C ASN A 13 0.13 -13.78 0.17
N GLN A 14 -0.15 -14.67 1.05
CA GLN A 14 0.47 -15.94 0.88
C GLN A 14 -0.27 -16.84 -0.08
N GLN A 15 -1.57 -16.63 -0.29
CA GLN A 15 -2.23 -17.50 -1.20
C GLN A 15 -2.27 -16.89 -2.58
N LYS A 16 -2.88 -15.71 -2.70
CA LYS A 16 -3.07 -15.10 -4.00
C LYS A 16 -1.79 -14.51 -4.55
N ILE A 17 -0.79 -14.30 -3.72
CA ILE A 17 0.45 -13.84 -4.24
C ILE A 17 1.28 -14.98 -4.59
N GLU A 18 1.25 -16.02 -3.83
CA GLU A 18 2.08 -17.11 -4.16
C GLU A 18 1.63 -17.79 -5.45
N GLU A 19 0.33 -17.74 -5.73
CA GLU A 19 -0.22 -18.33 -6.93
C GLU A 19 -0.11 -17.40 -8.15
N LEU A 20 -0.32 -16.11 -7.96
CA LEU A 20 -0.31 -15.20 -9.07
C LEU A 20 1.07 -14.57 -9.25
N SER A 21 1.81 -14.42 -8.17
CA SER A 21 3.20 -14.12 -8.30
C SER A 21 3.86 -15.33 -8.93
N ALA A 22 4.28 -16.35 -8.17
CA ALA A 22 4.79 -17.58 -8.80
C ALA A 22 5.87 -17.30 -9.88
N GLU A 23 5.74 -17.96 -11.03
CA GLU A 23 6.66 -17.79 -12.19
C GLU A 23 6.47 -16.43 -12.83
N ILE A 24 5.59 -15.67 -12.29
CA ILE A 24 5.36 -14.34 -12.70
C ILE A 24 5.81 -13.34 -11.68
N GLY A 25 5.02 -12.76 -10.78
CA GLY A 25 5.39 -11.84 -9.76
C GLY A 25 6.51 -12.19 -8.82
N SER A 26 7.10 -13.37 -8.86
CA SER A 26 8.30 -13.57 -8.06
C SER A 26 9.41 -12.68 -8.63
N ASP A 27 9.24 -12.31 -9.90
CA ASP A 27 10.13 -11.32 -10.49
C ASP A 27 9.37 -10.09 -10.93
N ASN A 28 8.05 -10.09 -10.82
CA ASN A 28 7.33 -8.91 -11.29
C ASN A 28 6.84 -8.02 -10.12
N VAL A 29 6.18 -8.61 -9.12
CA VAL A 29 5.62 -7.80 -8.03
C VAL A 29 6.65 -7.10 -7.10
N PRO A 30 7.85 -7.68 -6.77
CA PRO A 30 8.85 -6.97 -5.95
C PRO A 30 9.33 -5.77 -6.73
N VAL A 31 9.36 -5.96 -8.05
CA VAL A 31 9.66 -4.86 -8.93
C VAL A 31 8.62 -3.74 -8.76
N LEU A 32 7.36 -4.08 -8.90
CA LEU A 32 6.22 -3.18 -8.95
C LEU A 32 6.03 -2.47 -7.58
N LEU A 33 5.74 -3.28 -6.61
CA LEU A 33 5.55 -2.77 -5.26
C LEU A 33 6.70 -1.88 -4.78
N ASP A 34 7.93 -2.33 -4.93
CA ASP A 34 9.04 -1.57 -4.37
C ASP A 34 9.30 -0.27 -5.13
N ILE A 35 8.97 -0.24 -6.43
CA ILE A 35 9.20 0.97 -7.22
C ILE A 35 8.12 1.99 -6.90
N PHE A 36 6.89 1.56 -6.95
CA PHE A 36 5.76 2.44 -6.81
C PHE A 36 5.56 2.94 -5.40
N LEU A 37 6.20 2.27 -4.49
CA LEU A 37 6.19 2.68 -3.15
C LEU A 37 7.42 3.50 -2.84
N GLY A 38 8.57 3.15 -3.39
CA GLY A 38 9.79 3.92 -3.20
C GLY A 38 9.74 5.28 -3.89
N GLU A 39 9.18 5.33 -5.10
CA GLU A 39 9.04 6.61 -5.83
C GLU A 39 7.93 7.41 -5.19
N MET A 40 6.93 6.69 -4.73
CA MET A 40 5.85 7.35 -4.02
C MET A 40 6.47 8.04 -2.84
N ASP A 41 7.24 7.25 -2.11
CA ASP A 41 7.95 7.62 -0.91
C ASP A 41 8.90 8.80 -1.17
N SER A 42 9.27 8.97 -2.43
CA SER A 42 10.09 10.11 -2.80
C SER A 42 9.36 11.40 -2.50
N TYR A 43 8.09 11.40 -2.83
CA TYR A 43 7.24 12.55 -2.66
C TYR A 43 6.91 12.77 -1.22
N ILE A 44 7.13 11.77 -0.48
CA ILE A 44 7.00 11.85 0.94
C ILE A 44 8.19 12.61 1.48
N GLY A 45 9.36 12.24 1.04
CA GLY A 45 10.53 12.97 1.39
C GLY A 45 10.41 14.42 0.92
N THR A 46 10.32 14.58 -0.38
CA THR A 46 10.34 15.86 -1.01
C THR A 46 9.02 16.61 -0.82
N LEU A 47 7.90 16.10 -1.36
CA LEU A 47 6.66 16.85 -1.36
C LEU A 47 6.01 16.95 0.02
N THR A 48 6.30 16.06 0.93
CA THR A 48 5.65 16.18 2.24
C THR A 48 6.31 17.25 3.04
N GLU A 49 7.58 17.27 2.88
CA GLU A 49 8.41 18.33 3.42
C GLU A 49 8.15 19.69 2.69
N LEU A 50 7.44 19.65 1.55
CA LEU A 50 7.20 20.81 0.73
C LEU A 50 5.73 21.23 0.64
N GLN A 51 4.80 20.32 0.86
CA GLN A 51 3.38 20.55 0.62
C GLN A 51 2.54 19.48 1.26
N GLY A 52 1.25 19.50 0.92
CA GLY A 52 0.28 18.53 1.34
C GLY A 52 0.29 17.36 0.41
N SER A 53 1.50 16.96 0.10
CA SER A 53 1.80 15.82 -0.64
C SER A 53 0.94 14.66 -0.21
N GLU A 54 1.21 14.21 0.99
CA GLU A 54 0.49 13.08 1.60
C GLU A 54 -0.98 12.91 1.09
N GLN A 55 -1.69 14.04 0.95
CA GLN A 55 -3.02 14.10 0.31
C GLN A 55 -3.04 13.29 -1.03
N LEU A 56 -2.11 13.67 -1.90
CA LEU A 56 -1.81 13.15 -3.18
C LEU A 56 -1.35 11.73 -3.11
N LEU A 57 -0.31 11.48 -2.30
CA LEU A 57 0.43 10.19 -2.27
C LEU A 57 -0.45 8.98 -2.09
N TYR A 58 -1.55 9.19 -1.46
CA TYR A 58 -2.45 8.16 -1.03
C TYR A 58 -3.35 7.80 -2.12
N LEU A 59 -3.83 8.84 -2.72
CA LEU A 59 -4.75 8.57 -3.76
C LEU A 59 -3.98 8.01 -4.94
N LYS A 60 -2.70 8.35 -4.99
CA LYS A 60 -1.81 7.74 -5.98
C LYS A 60 -1.51 6.33 -5.66
N GLU A 61 -1.04 6.12 -4.48
CA GLU A 61 -0.55 4.78 -4.26
C GLU A 61 -1.71 3.82 -4.35
N ILE A 62 -2.78 4.21 -3.76
CA ILE A 62 -3.87 3.27 -3.78
C ILE A 62 -4.74 3.41 -5.06
N SER A 63 -4.45 4.40 -5.88
CA SER A 63 -5.06 4.55 -7.20
C SER A 63 -3.97 5.01 -8.17
N HIS A 64 -3.13 4.02 -8.47
CA HIS A 64 -1.89 4.04 -9.21
C HIS A 64 -1.10 2.77 -8.85
N ALA A 65 -0.39 2.65 -7.72
CA ALA A 65 0.53 1.58 -7.35
C ALA A 65 -0.15 0.38 -6.77
N LEU A 66 -0.72 0.60 -5.60
CA LEU A 66 -1.36 -0.41 -4.85
C LEU A 66 -2.50 -0.91 -5.63
N LYS A 67 -3.15 -0.04 -6.34
CA LYS A 67 -4.28 -0.42 -7.15
C LYS A 67 -3.83 -1.35 -8.30
N SER A 68 -2.59 -1.21 -8.80
CA SER A 68 -2.11 -2.09 -9.85
C SER A 68 -1.79 -3.47 -9.28
N SER A 69 -0.94 -3.43 -8.30
CA SER A 69 -0.41 -4.55 -7.62
C SER A 69 -1.52 -5.30 -6.87
N ALA A 70 -2.44 -4.57 -6.28
CA ALA A 70 -3.54 -5.19 -5.53
C ALA A 70 -4.43 -6.00 -6.45
N ALA A 71 -4.73 -5.47 -7.59
CA ALA A 71 -5.70 -6.03 -8.54
C ALA A 71 -5.27 -7.41 -8.96
N SER A 72 -3.96 -7.63 -8.92
CA SER A 72 -3.44 -8.92 -9.17
C SER A 72 -2.94 -9.63 -7.89
N PHE A 73 -2.06 -8.98 -7.14
CA PHE A 73 -1.32 -9.73 -6.10
C PHE A 73 -1.79 -9.39 -4.67
N GLY A 74 -3.04 -9.06 -4.60
CA GLY A 74 -3.71 -8.70 -3.34
C GLY A 74 -5.12 -8.31 -3.64
N ALA A 75 -5.66 -9.11 -4.48
CA ALA A 75 -6.99 -8.78 -4.96
C ALA A 75 -8.08 -9.23 -3.97
N ASP A 76 -7.81 -9.10 -2.68
CA ASP A 76 -8.75 -9.56 -1.68
C ASP A 76 -9.19 -8.41 -0.80
N ARG A 77 -8.48 -8.14 0.29
CA ARG A 77 -8.77 -7.24 1.34
C ARG A 77 -8.08 -5.94 1.20
N LEU A 78 -6.78 -5.97 1.14
CA LEU A 78 -5.99 -4.72 0.95
C LEU A 78 -6.56 -3.92 -0.23
N CYS A 79 -7.13 -4.68 -1.14
CA CYS A 79 -7.62 -4.07 -2.34
C CYS A 79 -8.84 -3.19 -2.04
N GLU A 80 -9.91 -3.75 -1.51
CA GLU A 80 -11.12 -2.91 -1.32
C GLU A 80 -11.38 -2.67 0.14
N ARG A 81 -11.01 -3.66 0.89
CA ARG A 81 -11.26 -3.68 2.28
C ARG A 81 -10.23 -2.75 2.92
N ALA A 82 -9.08 -2.55 2.31
CA ALA A 82 -8.24 -1.56 2.87
C ALA A 82 -8.74 -0.28 2.33
N ILE A 83 -8.74 -0.19 1.01
CA ILE A 83 -9.13 1.11 0.40
C ILE A 83 -10.34 1.81 1.06
N ALA A 84 -11.57 1.35 0.81
CA ALA A 84 -12.69 1.94 1.55
C ALA A 84 -12.60 1.90 3.05
N ILE A 85 -12.01 0.86 3.59
CA ILE A 85 -12.13 0.62 5.01
C ILE A 85 -10.89 1.13 5.76
N ASP A 86 -10.13 1.91 5.02
CA ASP A 86 -8.93 2.49 5.48
C ASP A 86 -9.25 3.77 5.96
N LYS A 87 -9.55 4.63 4.98
CA LYS A 87 -9.78 5.98 5.28
C LYS A 87 -10.85 6.04 6.36
N LYS A 88 -12.03 5.42 6.10
CA LYS A 88 -13.09 5.41 7.10
C LYS A 88 -12.70 5.21 8.54
N ALA A 89 -11.96 4.22 8.92
CA ALA A 89 -11.81 4.02 10.32
C ALA A 89 -10.47 3.61 10.60
N LYS A 90 -9.94 2.71 9.80
CA LYS A 90 -8.56 2.37 10.01
C LYS A 90 -7.72 3.67 10.08
N ALA A 91 -8.01 4.67 9.23
CA ALA A 91 -7.28 5.90 9.26
C ALA A 91 -7.81 6.87 10.28
N ASN A 92 -9.15 6.90 10.50
CA ASN A 92 -9.63 7.82 11.51
C ASN A 92 -9.29 7.33 12.91
N GLN A 93 -9.05 6.03 13.03
CA GLN A 93 -8.74 5.41 14.29
C GLN A 93 -7.32 5.69 14.68
N LEU A 94 -6.40 5.71 13.72
CA LEU A 94 -4.98 5.93 13.89
C LEU A 94 -4.68 7.25 14.58
N GLN A 95 -4.75 8.30 13.82
CA GLN A 95 -4.41 9.64 14.21
C GLN A 95 -5.43 10.13 15.16
N GLU A 96 -5.03 10.91 16.12
CA GLU A 96 -5.96 11.44 17.06
C GLU A 96 -6.37 12.80 16.51
N GLN A 97 -5.63 13.21 15.46
CA GLN A 97 -5.81 14.48 14.80
C GLN A 97 -6.98 14.41 13.81
N GLY A 98 -7.54 13.22 13.62
CA GLY A 98 -8.62 13.08 12.68
C GLY A 98 -8.18 12.99 11.25
N MET A 99 -7.40 11.94 10.92
CA MET A 99 -6.96 11.57 9.55
C MET A 99 -6.57 12.77 8.64
N GLU A 100 -5.26 13.07 8.59
CA GLU A 100 -4.82 14.25 7.87
C GLU A 100 -3.42 14.10 7.23
N THR A 101 -2.79 12.91 7.32
CA THR A 101 -1.39 12.76 6.88
C THR A 101 -0.80 11.38 7.23
N SER A 102 -1.00 10.98 8.47
CA SER A 102 -0.26 9.86 9.04
C SER A 102 -0.81 8.52 8.61
N GLU A 103 -2.00 8.49 8.08
CA GLU A 103 -2.63 7.26 7.66
C GLU A 103 -2.07 6.92 6.31
N MET A 104 -1.91 7.94 5.55
CA MET A 104 -1.37 7.92 4.22
C MET A 104 0.10 7.51 4.30
N LEU A 105 0.83 8.11 5.23
CA LEU A 105 2.20 7.65 5.55
C LEU A 105 2.17 6.18 6.01
N ALA A 106 1.06 5.85 6.66
CA ALA A 106 0.86 4.53 7.21
C ALA A 106 0.88 3.44 6.16
N LEU A 107 0.48 3.74 4.94
CA LEU A 107 0.44 2.80 3.86
C LEU A 107 1.80 2.24 3.51
N LEU A 108 2.84 3.06 3.55
CA LEU A 108 4.15 2.53 3.27
C LEU A 108 4.60 1.55 4.35
N HIS A 109 4.42 1.93 5.61
CA HIS A 109 4.85 0.99 6.65
C HIS A 109 4.01 -0.30 6.62
N ILE A 110 2.80 -0.21 6.09
CA ILE A 110 1.97 -1.42 5.99
C ILE A 110 2.32 -2.21 4.74
N THR A 111 2.65 -1.51 3.69
CA THR A 111 2.98 -2.20 2.46
C THR A 111 4.41 -2.73 2.48
N ARG A 112 5.27 -2.14 3.27
CA ARG A 112 6.60 -2.65 3.30
C ARG A 112 6.81 -3.63 4.40
N ASP A 113 6.26 -3.39 5.58
CA ASP A 113 6.50 -4.28 6.72
C ASP A 113 5.61 -5.52 6.68
N ALA A 114 4.35 -5.32 6.36
CA ALA A 114 3.42 -6.44 6.34
C ALA A 114 3.69 -7.33 5.16
N TYR A 115 4.02 -6.71 4.04
CA TYR A 115 4.32 -7.48 2.81
C TYR A 115 5.65 -8.21 2.98
N ARG A 116 6.46 -7.61 3.78
CA ARG A 116 7.76 -8.16 4.13
C ARG A 116 7.62 -9.55 4.81
N SER A 117 6.45 -9.85 5.34
CA SER A 117 6.21 -11.13 5.98
C SER A 117 5.83 -12.29 5.01
N TRP A 118 5.49 -12.00 3.74
CA TRP A 118 5.04 -13.07 2.80
C TRP A 118 5.51 -12.78 1.38
N THR A 119 5.42 -11.52 1.05
CA THR A 119 5.80 -11.01 -0.24
C THR A 119 7.32 -11.06 -0.43
N ASN A 120 8.02 -10.17 0.23
CA ASN A 120 9.43 -10.02 0.02
C ASN A 120 10.09 -9.93 1.36
N MET A 7 -2.68 -7.02 8.43
CA MET A 7 -1.69 -6.54 7.45
C MET A 7 -1.76 -7.29 6.11
N ASN A 8 -1.73 -8.62 6.14
CA ASN A 8 -1.62 -9.38 4.89
C ASN A 8 -2.83 -10.21 4.57
N THR A 9 -3.32 -10.97 5.54
CA THR A 9 -4.37 -11.97 5.49
C THR A 9 -3.97 -13.22 4.68
N ASP A 10 -4.11 -14.34 5.34
CA ASP A 10 -3.82 -15.65 4.82
C ASP A 10 -4.90 -16.09 3.88
N VAL A 11 -4.79 -15.63 2.66
CA VAL A 11 -5.72 -15.90 1.61
C VAL A 11 -5.22 -15.20 0.37
N LEU A 12 -4.52 -14.10 0.57
CA LEU A 12 -4.00 -13.38 -0.55
C LEU A 12 -2.50 -13.39 -0.60
N ASN A 13 -1.86 -13.08 0.49
CA ASN A 13 -0.44 -12.86 0.45
C ASN A 13 0.36 -14.09 0.35
N GLN A 14 0.07 -15.05 1.14
CA GLN A 14 0.82 -16.25 1.05
C GLN A 14 0.23 -17.19 0.01
N GLN A 15 -1.05 -16.98 -0.30
CA GLN A 15 -1.74 -17.89 -1.17
C GLN A 15 -1.66 -17.36 -2.59
N LYS A 16 -2.19 -16.17 -2.76
CA LYS A 16 -2.27 -15.56 -4.05
C LYS A 16 -1.02 -14.89 -4.50
N ILE A 17 -0.06 -14.74 -3.65
CA ILE A 17 1.19 -14.28 -4.19
C ILE A 17 2.02 -15.46 -4.56
N GLU A 18 1.76 -16.57 -3.89
CA GLU A 18 2.36 -17.81 -4.29
C GLU A 18 2.01 -18.06 -5.76
N GLU A 19 0.72 -17.93 -6.04
CA GLU A 19 0.19 -18.19 -7.36
C GLU A 19 0.33 -17.03 -8.35
N LEU A 20 0.02 -15.81 -7.94
CA LEU A 20 0.08 -14.69 -8.89
C LEU A 20 1.47 -14.18 -9.07
N SER A 21 2.23 -14.03 -7.99
CA SER A 21 3.59 -13.68 -8.17
C SER A 21 4.27 -14.84 -8.87
N ALA A 22 4.61 -15.91 -8.16
CA ALA A 22 5.25 -17.07 -8.80
C ALA A 22 6.34 -16.64 -9.82
N GLU A 23 6.28 -17.19 -11.02
CA GLU A 23 7.18 -16.92 -12.14
C GLU A 23 6.67 -15.70 -12.93
N ILE A 24 5.78 -14.95 -12.37
CA ILE A 24 5.10 -13.92 -13.12
C ILE A 24 5.15 -12.59 -12.48
N GLY A 25 5.04 -12.47 -11.21
CA GLY A 25 5.03 -11.26 -10.59
C GLY A 25 6.37 -11.17 -9.95
N SER A 26 7.15 -12.25 -9.91
CA SER A 26 8.44 -12.20 -9.32
C SER A 26 9.35 -11.29 -10.14
N ASP A 27 8.95 -11.07 -11.39
CA ASP A 27 9.61 -10.10 -12.24
C ASP A 27 8.76 -8.91 -12.52
N ASN A 28 7.48 -8.93 -12.18
CA ASN A 28 6.66 -7.75 -12.37
C ASN A 28 6.36 -7.03 -11.02
N VAL A 29 5.91 -7.78 -10.03
CA VAL A 29 5.48 -7.23 -8.74
C VAL A 29 6.54 -6.48 -7.90
N PRO A 30 7.80 -7.00 -7.63
CA PRO A 30 8.77 -6.25 -6.82
C PRO A 30 9.19 -5.00 -7.56
N VAL A 31 9.21 -5.14 -8.89
CA VAL A 31 9.49 -4.01 -9.76
C VAL A 31 8.55 -2.86 -9.46
N LEU A 32 7.27 -3.15 -9.45
CA LEU A 32 6.20 -2.22 -9.32
C LEU A 32 6.08 -1.72 -7.87
N LEU A 33 5.83 -2.67 -7.01
CA LEU A 33 5.64 -2.36 -5.61
C LEU A 33 6.79 -1.44 -5.11
N ASP A 34 8.04 -1.78 -5.40
CA ASP A 34 9.16 -0.97 -4.93
C ASP A 34 9.22 0.43 -5.56
N ILE A 35 8.80 0.58 -6.80
CA ILE A 35 8.86 1.89 -7.44
C ILE A 35 7.72 2.76 -6.93
N PHE A 36 6.54 2.19 -6.86
CA PHE A 36 5.38 2.91 -6.51
C PHE A 36 5.39 3.30 -5.07
N LEU A 37 6.06 2.55 -4.28
CA LEU A 37 6.20 2.79 -2.90
C LEU A 37 7.38 3.71 -2.70
N GLY A 38 8.56 3.24 -3.04
CA GLY A 38 9.78 3.96 -2.76
C GLY A 38 9.95 5.28 -3.50
N GLU A 39 9.56 5.35 -4.77
CA GLU A 39 9.71 6.58 -5.56
C GLU A 39 8.57 7.55 -5.25
N MET A 40 7.42 6.95 -4.98
CA MET A 40 6.33 7.85 -4.60
C MET A 40 6.64 8.52 -3.28
N ASP A 41 7.18 7.72 -2.41
CA ASP A 41 7.57 8.06 -1.06
C ASP A 41 8.68 9.06 -1.09
N SER A 42 9.44 8.96 -2.17
CA SER A 42 10.61 9.79 -2.34
C SER A 42 10.18 11.19 -2.31
N TYR A 43 9.23 11.36 -3.16
CA TYR A 43 8.73 12.57 -3.47
C TYR A 43 8.02 13.18 -2.42
N ILE A 44 7.24 12.45 -1.72
CA ILE A 44 6.42 13.02 -0.73
C ILE A 44 7.20 13.35 0.53
N GLY A 45 8.31 12.67 0.74
CA GLY A 45 9.20 13.10 1.80
C GLY A 45 9.69 14.53 1.56
N THR A 46 10.04 14.80 0.32
CA THR A 46 10.57 16.08 -0.08
C THR A 46 9.39 17.04 -0.25
N LEU A 47 8.42 16.63 -1.02
CA LEU A 47 7.21 17.32 -1.35
C LEU A 47 6.33 17.62 -0.11
N THR A 48 6.46 16.87 0.97
CA THR A 48 5.70 17.26 2.16
C THR A 48 6.39 18.38 2.90
N GLU A 49 7.69 18.33 2.82
CA GLU A 49 8.52 19.38 3.37
C GLU A 49 8.55 20.58 2.41
N LEU A 50 7.73 20.46 1.38
CA LEU A 50 7.48 21.48 0.40
C LEU A 50 6.00 21.88 0.35
N GLN A 51 5.10 20.94 0.66
CA GLN A 51 3.66 21.15 0.49
C GLN A 51 2.83 19.96 0.99
N GLY A 52 1.56 20.01 0.67
CA GLY A 52 0.57 19.02 1.03
C GLY A 52 0.62 17.81 0.14
N SER A 53 1.78 17.51 -0.33
CA SER A 53 1.99 16.38 -1.12
C SER A 53 1.55 15.05 -0.48
N GLU A 54 2.03 14.65 0.70
CA GLU A 54 1.41 13.46 1.43
C GLU A 54 -0.09 13.20 1.05
N GLN A 55 -0.88 14.28 1.04
CA GLN A 55 -2.28 14.27 0.60
C GLN A 55 -2.42 13.48 -0.75
N LEU A 56 -1.58 13.85 -1.70
CA LEU A 56 -1.45 13.31 -3.00
C LEU A 56 -1.00 11.88 -2.89
N LEU A 57 0.02 11.65 -2.04
CA LEU A 57 0.71 10.36 -1.89
C LEU A 57 -0.25 9.20 -1.69
N TYR A 58 -1.38 9.48 -1.12
CA TYR A 58 -2.39 8.51 -0.71
C TYR A 58 -3.36 8.21 -1.81
N LEU A 59 -3.89 9.31 -2.33
CA LEU A 59 -4.91 9.14 -3.37
C LEU A 59 -4.27 8.39 -4.52
N LYS A 60 -3.02 8.69 -4.68
CA LYS A 60 -2.23 8.00 -5.61
C LYS A 60 -1.86 6.62 -5.14
N GLU A 61 -1.27 6.53 -3.96
CA GLU A 61 -0.62 5.23 -3.67
C GLU A 61 -1.64 4.11 -3.63
N ILE A 62 -2.74 4.41 -3.04
CA ILE A 62 -3.76 3.41 -2.89
C ILE A 62 -4.49 3.11 -4.20
N SER A 63 -4.61 4.10 -5.07
CA SER A 63 -5.28 3.89 -6.33
C SER A 63 -4.29 3.48 -7.41
N HIS A 64 -3.11 3.97 -7.28
CA HIS A 64 -2.04 3.69 -8.18
C HIS A 64 -1.35 2.37 -7.84
N ALA A 65 -0.68 2.22 -6.69
CA ALA A 65 0.11 1.08 -6.30
C ALA A 65 -0.73 -0.01 -5.71
N LEU A 66 -1.46 0.29 -4.62
CA LEU A 66 -2.29 -0.72 -3.95
C LEU A 66 -3.47 -1.14 -4.76
N LYS A 67 -3.65 -0.52 -5.86
CA LYS A 67 -4.68 -0.92 -6.72
C LYS A 67 -4.08 -1.66 -7.91
N SER A 68 -2.79 -1.49 -8.16
CA SER A 68 -2.14 -2.17 -9.27
C SER A 68 -1.57 -3.48 -8.79
N SER A 69 -0.65 -3.36 -7.87
CA SER A 69 0.07 -4.39 -7.28
C SER A 69 -0.88 -5.26 -6.50
N ALA A 70 -1.78 -4.63 -5.77
CA ALA A 70 -2.70 -5.41 -4.98
C ALA A 70 -3.81 -6.02 -5.83
N ALA A 71 -4.08 -5.50 -7.00
CA ALA A 71 -5.05 -6.16 -7.88
C ALA A 71 -4.41 -7.38 -8.50
N SER A 72 -3.11 -7.50 -8.29
CA SER A 72 -2.36 -8.62 -8.75
C SER A 72 -1.97 -9.53 -7.58
N PHE A 73 -1.36 -8.97 -6.52
CA PHE A 73 -0.82 -9.87 -5.45
C PHE A 73 -1.54 -9.75 -4.11
N GLY A 74 -2.69 -9.24 -4.21
CA GLY A 74 -3.46 -9.02 -3.01
C GLY A 74 -4.83 -8.65 -3.38
N ALA A 75 -5.23 -9.38 -4.38
CA ALA A 75 -6.50 -9.18 -5.08
C ALA A 75 -7.68 -9.63 -4.23
N ASP A 76 -7.52 -9.57 -2.93
CA ASP A 76 -8.54 -10.03 -2.07
C ASP A 76 -8.97 -8.88 -1.16
N ARG A 77 -8.26 -8.59 -0.07
CA ARG A 77 -8.56 -7.68 0.99
C ARG A 77 -7.80 -6.41 0.93
N LEU A 78 -6.47 -6.45 0.89
CA LEU A 78 -5.77 -5.15 0.88
C LEU A 78 -6.16 -4.38 -0.36
N CYS A 79 -6.66 -5.13 -1.34
CA CYS A 79 -7.09 -4.54 -2.57
C CYS A 79 -8.27 -3.63 -2.31
N GLU A 80 -9.38 -4.17 -1.85
CA GLU A 80 -10.54 -3.29 -1.78
C GLU A 80 -10.87 -2.97 -0.36
N ARG A 81 -10.60 -3.94 0.45
CA ARG A 81 -10.94 -3.89 1.83
C ARG A 81 -9.92 -2.97 2.53
N ALA A 82 -8.77 -2.73 1.95
CA ALA A 82 -7.94 -1.77 2.60
C ALA A 82 -8.32 -0.46 2.01
N ILE A 83 -8.59 -0.52 0.72
CA ILE A 83 -9.00 0.77 0.18
C ILE A 83 -10.24 1.42 0.86
N ALA A 84 -11.47 1.00 0.54
CA ALA A 84 -12.60 1.57 1.28
C ALA A 84 -12.65 1.31 2.77
N ILE A 85 -12.04 0.24 3.21
CA ILE A 85 -12.30 -0.21 4.56
C ILE A 85 -11.28 0.29 5.59
N ASP A 86 -10.33 1.05 5.08
CA ASP A 86 -9.34 1.67 5.88
C ASP A 86 -9.74 3.00 6.16
N LYS A 87 -9.92 3.78 5.08
CA LYS A 87 -10.30 5.16 5.23
C LYS A 87 -11.41 5.30 6.23
N LYS A 88 -12.53 4.73 5.87
CA LYS A 88 -13.67 4.47 6.71
C LYS A 88 -13.36 4.50 8.21
N ALA A 89 -12.73 3.51 8.77
CA ALA A 89 -12.66 3.56 10.20
C ALA A 89 -11.34 3.29 10.63
N LYS A 90 -10.76 2.33 9.97
CA LYS A 90 -9.42 2.01 10.30
C LYS A 90 -8.56 3.30 10.33
N ALA A 91 -8.76 4.27 9.42
CA ALA A 91 -8.03 5.51 9.41
C ALA A 91 -8.68 6.58 10.29
N ASN A 92 -10.04 6.67 10.44
CA ASN A 92 -10.49 7.65 11.45
C ASN A 92 -10.20 7.20 12.85
N GLN A 93 -10.07 5.91 13.02
CA GLN A 93 -9.82 5.34 14.30
C GLN A 93 -8.34 5.47 14.64
N LEU A 94 -7.49 5.55 13.61
CA LEU A 94 -6.05 5.60 13.64
C LEU A 94 -5.53 6.93 14.14
N GLN A 95 -6.35 7.95 14.23
CA GLN A 95 -5.97 9.32 14.46
C GLN A 95 -7.02 10.03 15.26
N GLU A 96 -6.60 10.81 16.24
CA GLU A 96 -7.58 11.54 17.04
C GLU A 96 -7.89 12.81 16.26
N GLN A 97 -7.01 13.08 15.28
CA GLN A 97 -7.06 14.26 14.48
C GLN A 97 -8.08 14.13 13.35
N GLY A 98 -8.66 12.95 13.18
CA GLY A 98 -9.62 12.79 12.13
C GLY A 98 -9.02 12.65 10.75
N MET A 99 -8.28 11.55 10.53
CA MET A 99 -7.67 11.17 9.24
C MET A 99 -7.05 12.32 8.45
N GLU A 100 -5.74 12.50 8.61
CA GLU A 100 -5.10 13.65 8.04
C GLU A 100 -3.59 13.45 7.73
N THR A 101 -3.05 12.22 7.91
CA THR A 101 -1.60 11.99 7.70
C THR A 101 -1.11 10.62 8.26
N SER A 102 -1.52 10.30 9.47
CA SER A 102 -0.98 9.15 10.16
C SER A 102 -1.61 7.85 9.70
N GLU A 103 -2.45 7.95 8.69
CA GLU A 103 -3.00 6.76 8.10
C GLU A 103 -2.28 6.51 6.78
N MET A 104 -2.04 7.58 6.06
CA MET A 104 -1.38 7.56 4.79
C MET A 104 0.13 7.28 4.92
N LEU A 105 0.80 7.87 5.90
CA LEU A 105 2.21 7.51 6.15
C LEU A 105 2.25 6.12 6.78
N ALA A 106 1.15 5.81 7.45
CA ALA A 106 0.97 4.52 8.07
C ALA A 106 1.08 3.44 7.03
N LEU A 107 0.71 3.76 5.79
CA LEU A 107 0.78 2.86 4.67
C LEU A 107 2.15 2.30 4.49
N LEU A 108 3.18 3.06 4.84
CA LEU A 108 4.51 2.63 4.72
C LEU A 108 4.85 1.56 5.76
N HIS A 109 4.59 1.85 7.03
CA HIS A 109 4.98 0.89 8.06
C HIS A 109 4.20 -0.41 7.86
N ILE A 110 3.00 -0.28 7.29
CA ILE A 110 2.16 -1.45 7.07
C ILE A 110 2.54 -2.17 5.79
N THR A 111 2.92 -1.40 4.78
CA THR A 111 3.32 -2.01 3.52
C THR A 111 4.66 -2.71 3.70
N ARG A 112 5.59 -2.09 4.40
CA ARG A 112 6.88 -2.75 4.57
C ARG A 112 6.75 -3.93 5.54
N ASP A 113 5.85 -3.79 6.51
CA ASP A 113 5.58 -4.86 7.46
C ASP A 113 5.09 -6.07 6.71
N ALA A 114 4.06 -5.85 5.93
CA ALA A 114 3.45 -6.90 5.16
C ALA A 114 4.38 -7.38 4.06
N TYR A 115 4.73 -6.50 3.20
CA TYR A 115 5.40 -6.86 1.94
C TYR A 115 6.70 -7.61 2.16
N ARG A 116 7.44 -7.06 3.05
CA ARG A 116 8.75 -7.64 3.28
C ARG A 116 8.67 -8.99 4.03
N SER A 117 7.48 -9.31 4.52
CA SER A 117 7.28 -10.58 5.19
C SER A 117 6.62 -11.71 4.33
N TRP A 118 6.02 -11.42 3.13
CA TRP A 118 5.32 -12.45 2.31
C TRP A 118 5.15 -11.97 0.87
N THR A 119 5.76 -10.86 0.56
CA THR A 119 5.57 -10.21 -0.72
C THR A 119 6.92 -9.92 -1.39
N ASN A 120 8.00 -10.29 -0.67
CA ASN A 120 9.40 -10.02 -1.04
C ASN A 120 9.89 -8.73 -0.46
N MET A 7 -4.09 -9.66 8.98
CA MET A 7 -3.31 -8.68 8.21
C MET A 7 -3.31 -8.95 6.70
N ASN A 8 -2.17 -9.35 6.18
CA ASN A 8 -1.97 -9.63 4.77
C ASN A 8 -1.60 -11.09 4.71
N THR A 9 -2.10 -11.81 5.67
CA THR A 9 -1.69 -13.13 6.03
C THR A 9 -2.12 -14.24 5.04
N ASP A 10 -2.16 -15.43 5.60
CA ASP A 10 -2.41 -16.70 4.93
C ASP A 10 -3.82 -16.77 4.44
N VAL A 11 -4.04 -16.08 3.36
CA VAL A 11 -5.31 -15.90 2.74
C VAL A 11 -5.07 -15.18 1.41
N LEU A 12 -4.13 -14.23 1.43
CA LEU A 12 -3.90 -13.45 0.26
C LEU A 12 -2.46 -13.39 -0.17
N ASN A 13 -1.53 -13.13 0.72
CA ASN A 13 -0.17 -12.96 0.22
C ASN A 13 0.46 -14.28 -0.22
N GLN A 14 0.43 -15.21 0.59
CA GLN A 14 1.06 -16.48 0.34
C GLN A 14 0.13 -17.31 -0.54
N GLN A 15 -1.17 -17.08 -0.44
CA GLN A 15 -2.05 -17.75 -1.36
C GLN A 15 -2.10 -16.99 -2.67
N LYS A 16 -2.75 -15.84 -2.64
CA LYS A 16 -3.05 -15.06 -3.83
C LYS A 16 -1.81 -14.40 -4.45
N ILE A 17 -0.78 -14.21 -3.67
CA ILE A 17 0.40 -13.62 -4.20
C ILE A 17 1.33 -14.68 -4.63
N GLU A 18 1.41 -15.75 -3.93
CA GLU A 18 2.41 -16.68 -4.27
C GLU A 18 1.92 -17.44 -5.54
N GLU A 19 0.59 -17.54 -5.65
CA GLU A 19 -0.06 -18.25 -6.77
C GLU A 19 -0.11 -17.36 -8.02
N LEU A 20 -0.33 -16.06 -7.81
CA LEU A 20 -0.50 -15.17 -8.91
C LEU A 20 0.77 -14.45 -9.27
N SER A 21 1.68 -14.27 -8.31
CA SER A 21 2.97 -13.75 -8.63
C SER A 21 3.56 -14.76 -9.58
N ALA A 22 4.13 -15.85 -9.05
CA ALA A 22 4.52 -16.97 -9.90
C ALA A 22 5.36 -16.53 -11.11
N GLU A 23 5.01 -17.06 -12.29
CA GLU A 23 5.67 -16.75 -13.56
C GLU A 23 5.50 -15.30 -13.96
N ILE A 24 4.66 -14.57 -13.27
CA ILE A 24 4.49 -13.20 -13.53
C ILE A 24 5.14 -12.36 -12.49
N GLY A 25 4.51 -11.91 -11.40
CA GLY A 25 5.04 -11.19 -10.28
C GLY A 25 6.41 -11.52 -9.80
N SER A 26 6.93 -12.71 -10.00
CA SER A 26 8.29 -12.98 -9.54
C SER A 26 9.28 -12.03 -10.27
N ASP A 27 8.90 -11.55 -11.45
CA ASP A 27 9.66 -10.46 -12.08
C ASP A 27 8.80 -9.19 -12.21
N ASN A 28 7.56 -9.21 -11.76
CA ASN A 28 6.71 -8.04 -11.87
C ASN A 28 6.53 -7.32 -10.53
N VAL A 29 6.27 -8.05 -9.45
CA VAL A 29 6.04 -7.44 -8.15
C VAL A 29 7.27 -6.75 -7.52
N PRO A 30 8.51 -7.33 -7.51
CA PRO A 30 9.69 -6.61 -6.99
C PRO A 30 9.83 -5.28 -7.73
N VAL A 31 9.56 -5.37 -9.03
CA VAL A 31 9.53 -4.18 -9.85
C VAL A 31 8.49 -3.17 -9.32
N LEU A 32 7.19 -3.53 -9.34
CA LEU A 32 6.09 -2.62 -8.97
C LEU A 32 6.23 -2.17 -7.49
N LEU A 33 6.17 -3.14 -6.61
CA LEU A 33 6.27 -2.92 -5.17
C LEU A 33 7.35 -1.90 -4.80
N ASP A 34 8.57 -2.13 -5.25
CA ASP A 34 9.68 -1.24 -4.87
C ASP A 34 9.55 0.13 -5.52
N ILE A 35 8.97 0.20 -6.73
CA ILE A 35 8.90 1.47 -7.41
C ILE A 35 7.73 2.29 -6.89
N PHE A 36 6.58 1.64 -6.67
CA PHE A 36 5.39 2.32 -6.30
C PHE A 36 5.52 2.85 -4.92
N LEU A 37 6.30 2.18 -4.14
CA LEU A 37 6.65 2.65 -2.88
C LEU A 37 7.69 3.75 -3.04
N GLY A 38 8.81 3.43 -3.66
CA GLY A 38 9.95 4.35 -3.83
C GLY A 38 9.64 5.73 -4.45
N GLU A 39 8.95 5.78 -5.58
CA GLU A 39 8.71 7.09 -6.21
C GLU A 39 7.56 7.84 -5.56
N MET A 40 6.60 7.08 -5.07
CA MET A 40 5.58 7.73 -4.26
C MET A 40 6.26 8.35 -3.05
N ASP A 41 7.13 7.56 -2.45
CA ASP A 41 7.95 7.89 -1.28
C ASP A 41 8.85 9.07 -1.58
N SER A 42 9.10 9.30 -2.87
CA SER A 42 9.90 10.42 -3.30
C SER A 42 9.23 11.71 -2.90
N TYR A 43 7.95 11.74 -3.16
CA TYR A 43 7.13 12.90 -2.89
C TYR A 43 6.92 13.08 -1.42
N ILE A 44 7.19 12.07 -0.73
CA ILE A 44 7.11 12.13 0.69
C ILE A 44 8.36 12.76 1.24
N GLY A 45 9.48 12.41 0.65
CA GLY A 45 10.70 13.06 1.00
C GLY A 45 10.62 14.55 0.64
N THR A 46 10.34 14.82 -0.61
CA THR A 46 10.38 16.15 -1.14
C THR A 46 9.07 16.91 -0.89
N LEU A 47 7.95 16.40 -1.39
CA LEU A 47 6.70 17.16 -1.29
C LEU A 47 6.13 17.25 0.12
N THR A 48 6.55 16.38 1.01
CA THR A 48 6.07 16.49 2.39
C THR A 48 6.91 17.46 3.15
N GLU A 49 8.17 17.41 2.84
CA GLU A 49 9.15 18.39 3.30
C GLU A 49 8.73 19.79 2.78
N LEU A 50 7.87 19.79 1.77
CA LEU A 50 7.41 20.98 1.13
C LEU A 50 5.96 21.31 1.49
N GLN A 51 5.18 20.30 1.89
CA GLN A 51 3.74 20.44 2.11
C GLN A 51 3.11 19.11 2.52
N GLY A 52 1.81 19.07 2.44
CA GLY A 52 1.08 17.91 2.83
C GLY A 52 0.76 17.02 1.68
N SER A 53 1.56 17.12 0.62
CA SER A 53 1.43 16.30 -0.55
C SER A 53 1.14 14.83 -0.28
N GLU A 54 1.73 14.29 0.78
CA GLU A 54 1.25 12.99 1.34
C GLU A 54 -0.29 12.78 1.07
N GLN A 55 -1.06 13.87 1.26
CA GLN A 55 -2.49 13.97 1.02
C GLN A 55 -2.81 13.51 -0.40
N LEU A 56 -2.02 14.00 -1.36
CA LEU A 56 -2.09 13.60 -2.71
C LEU A 56 -1.67 12.17 -2.79
N LEU A 57 -0.65 11.79 -2.00
CA LEU A 57 -0.09 10.45 -2.06
C LEU A 57 -1.11 9.40 -1.74
N TYR A 58 -2.16 9.79 -1.11
CA TYR A 58 -3.21 8.95 -0.71
C TYR A 58 -4.07 8.61 -1.91
N LEU A 59 -4.49 9.65 -2.60
CA LEU A 59 -5.33 9.36 -3.74
C LEU A 59 -4.52 8.75 -4.84
N LYS A 60 -3.31 9.23 -5.00
CA LYS A 60 -2.51 8.65 -6.02
C LYS A 60 -1.81 7.35 -5.75
N GLU A 61 -1.30 7.13 -4.57
CA GLU A 61 -0.63 5.85 -4.43
C GLU A 61 -1.66 4.74 -4.35
N ILE A 62 -2.67 4.97 -3.55
CA ILE A 62 -3.55 3.86 -3.25
C ILE A 62 -4.52 3.56 -4.38
N SER A 63 -4.76 4.53 -5.24
CA SER A 63 -5.66 4.30 -6.33
C SER A 63 -4.86 4.00 -7.59
N HIS A 64 -3.70 4.58 -7.68
CA HIS A 64 -2.83 4.34 -8.79
C HIS A 64 -2.02 3.09 -8.60
N ALA A 65 -1.08 3.04 -7.69
CA ALA A 65 -0.10 2.01 -7.52
C ALA A 65 -0.63 0.89 -6.70
N LEU A 66 -1.15 1.18 -5.51
CA LEU A 66 -1.65 0.14 -4.65
C LEU A 66 -2.82 -0.51 -5.30
N LYS A 67 -3.74 0.26 -5.80
CA LYS A 67 -4.92 -0.32 -6.44
C LYS A 67 -4.52 -1.12 -7.71
N SER A 68 -3.33 -0.87 -8.25
CA SER A 68 -2.84 -1.63 -9.38
C SER A 68 -2.28 -2.94 -8.93
N SER A 69 -1.31 -2.82 -8.08
CA SER A 69 -0.58 -3.87 -7.54
C SER A 69 -1.48 -4.77 -6.72
N ALA A 70 -2.31 -4.16 -5.89
CA ALA A 70 -3.20 -4.90 -4.99
C ALA A 70 -4.20 -5.74 -5.75
N ALA A 71 -4.70 -5.23 -6.86
CA ALA A 71 -5.69 -5.93 -7.67
C ALA A 71 -5.08 -7.21 -8.22
N SER A 72 -3.75 -7.21 -8.25
CA SER A 72 -3.01 -8.39 -8.60
C SER A 72 -2.48 -9.11 -7.33
N PHE A 73 -1.76 -8.41 -6.43
CA PHE A 73 -1.02 -9.09 -5.35
C PHE A 73 -1.78 -9.18 -4.00
N GLY A 74 -2.98 -8.76 -4.01
CA GLY A 74 -3.78 -8.70 -2.80
C GLY A 74 -5.18 -8.42 -3.17
N ALA A 75 -5.59 -9.13 -4.21
CA ALA A 75 -6.93 -9.01 -4.81
C ALA A 75 -8.01 -9.55 -3.88
N ASP A 76 -7.70 -9.55 -2.62
CA ASP A 76 -8.47 -10.10 -1.58
C ASP A 76 -8.70 -8.89 -0.69
N ARG A 77 -8.58 -8.96 0.62
CA ARG A 77 -8.84 -7.89 1.57
C ARG A 77 -8.13 -6.60 1.30
N LEU A 78 -6.82 -6.61 1.30
CA LEU A 78 -6.08 -5.34 1.27
C LEU A 78 -6.49 -4.46 0.08
N CYS A 79 -6.98 -5.13 -0.93
CA CYS A 79 -7.32 -4.35 -2.13
C CYS A 79 -8.56 -3.49 -1.89
N GLU A 80 -9.64 -4.08 -1.44
CA GLU A 80 -10.90 -3.32 -1.36
C GLU A 80 -11.32 -3.14 0.07
N ARG A 81 -10.92 -4.08 0.88
CA ARG A 81 -11.21 -4.01 2.28
C ARG A 81 -10.31 -2.94 2.86
N ALA A 82 -9.17 -2.62 2.25
CA ALA A 82 -8.41 -1.56 2.82
C ALA A 82 -8.96 -0.27 2.29
N ILE A 83 -9.01 -0.20 0.99
CA ILE A 83 -9.34 1.09 0.35
C ILE A 83 -10.58 1.83 0.91
N ALA A 84 -11.60 1.07 1.25
CA ALA A 84 -12.86 1.62 1.64
C ALA A 84 -12.95 1.60 3.16
N ILE A 85 -12.34 0.56 3.73
CA ILE A 85 -12.47 0.28 5.14
C ILE A 85 -11.30 0.86 5.92
N ASP A 86 -10.50 1.63 5.21
CA ASP A 86 -9.42 2.34 5.71
C ASP A 86 -9.79 3.68 5.91
N LYS A 87 -10.14 4.34 4.78
CA LYS A 87 -10.52 5.72 4.84
C LYS A 87 -11.46 5.91 6.01
N LYS A 88 -12.61 5.29 5.89
CA LYS A 88 -13.58 5.08 6.90
C LYS A 88 -13.10 5.17 8.35
N ALA A 89 -12.38 4.24 8.88
CA ALA A 89 -12.19 4.32 10.29
C ALA A 89 -10.90 3.80 10.64
N LYS A 90 -10.41 2.91 9.82
CA LYS A 90 -9.04 2.59 10.04
C LYS A 90 -8.23 3.92 10.06
N ALA A 91 -8.60 4.92 9.23
CA ALA A 91 -7.89 6.15 9.25
C ALA A 91 -8.43 7.09 10.33
N ASN A 92 -9.76 7.09 10.62
CA ASN A 92 -10.20 7.90 11.76
C ASN A 92 -9.85 7.33 13.11
N GLN A 93 -9.60 6.03 13.19
CA GLN A 93 -9.29 5.39 14.44
C GLN A 93 -7.86 5.66 14.85
N LEU A 94 -6.96 5.71 13.88
CA LEU A 94 -5.54 5.91 14.01
C LEU A 94 -5.24 7.21 14.71
N GLN A 95 -5.36 8.28 13.98
CA GLN A 95 -4.95 9.60 14.37
C GLN A 95 -6.03 10.23 15.20
N GLU A 96 -5.63 10.99 16.21
CA GLU A 96 -6.64 11.64 17.03
C GLU A 96 -7.02 12.91 16.27
N GLN A 97 -6.17 13.22 15.29
CA GLN A 97 -6.29 14.40 14.46
C GLN A 97 -7.34 14.21 13.38
N GLY A 98 -7.86 13.00 13.24
CA GLY A 98 -8.91 12.77 12.28
C GLY A 98 -8.47 12.65 10.83
N MET A 99 -7.72 11.57 10.49
CA MET A 99 -7.27 11.25 9.10
C MET A 99 -6.69 12.45 8.34
N GLU A 100 -5.40 12.64 8.52
CA GLU A 100 -4.73 13.86 8.12
C GLU A 100 -3.39 13.63 7.46
N THR A 101 -2.82 12.42 7.61
CA THR A 101 -1.43 12.17 7.26
C THR A 101 -0.90 10.86 7.90
N SER A 102 -1.22 10.62 9.15
CA SER A 102 -0.61 9.51 9.85
C SER A 102 -1.14 8.15 9.40
N GLU A 103 -2.20 8.18 8.61
CA GLU A 103 -2.72 6.94 8.07
C GLU A 103 -2.02 6.63 6.73
N MET A 104 -1.85 7.66 5.94
CA MET A 104 -1.26 7.58 4.63
C MET A 104 0.25 7.26 4.67
N LEU A 105 1.00 7.85 5.60
CA LEU A 105 2.43 7.46 5.76
C LEU A 105 2.53 6.02 6.28
N ALA A 106 1.50 5.67 7.05
CA ALA A 106 1.41 4.37 7.67
C ALA A 106 1.49 3.30 6.63
N LEU A 107 0.92 3.56 5.45
CA LEU A 107 0.90 2.63 4.32
C LEU A 107 2.26 2.03 4.11
N LEU A 108 3.28 2.87 4.08
CA LEU A 108 4.60 2.38 3.84
C LEU A 108 5.12 1.46 4.95
N HIS A 109 5.00 1.83 6.24
CA HIS A 109 5.57 0.98 7.28
C HIS A 109 4.77 -0.33 7.37
N ILE A 110 3.50 -0.23 7.03
CA ILE A 110 2.62 -1.41 7.09
C ILE A 110 2.85 -2.30 5.88
N THR A 111 3.05 -1.67 4.74
CA THR A 111 3.24 -2.43 3.53
C THR A 111 4.65 -3.01 3.48
N ARG A 112 5.66 -2.25 3.88
CA ARG A 112 7.01 -2.73 3.76
C ARG A 112 7.26 -3.86 4.73
N ASP A 113 6.76 -3.70 5.95
CA ASP A 113 6.97 -4.70 6.99
C ASP A 113 6.31 -6.02 6.59
N ALA A 114 5.04 -5.92 6.25
CA ALA A 114 4.25 -7.07 5.88
C ALA A 114 4.79 -7.72 4.62
N TYR A 115 5.03 -6.92 3.60
CA TYR A 115 5.37 -7.48 2.27
C TYR A 115 6.73 -8.17 2.28
N ARG A 116 7.55 -7.63 3.13
CA ARG A 116 8.88 -8.24 3.33
C ARG A 116 8.79 -9.62 3.99
N SER A 117 7.62 -9.96 4.50
CA SER A 117 7.39 -11.24 5.12
C SER A 117 6.82 -12.32 4.14
N TRP A 118 6.27 -11.93 2.97
CA TRP A 118 5.63 -12.94 2.09
C TRP A 118 5.79 -12.66 0.58
N THR A 119 5.68 -11.40 0.19
CA THR A 119 5.83 -11.14 -1.23
C THR A 119 7.26 -10.92 -1.67
N ASN A 120 8.01 -10.15 -0.94
CA ASN A 120 9.37 -9.88 -1.34
C ASN A 120 10.23 -9.73 -0.14
N MET A 7 -4.89 -8.44 8.94
CA MET A 7 -3.63 -8.06 8.25
C MET A 7 -3.59 -8.73 6.90
N ASN A 8 -2.44 -8.65 6.23
CA ASN A 8 -2.24 -9.36 4.99
C ASN A 8 -1.91 -10.80 5.36
N THR A 9 -2.91 -11.55 5.69
CA THR A 9 -2.70 -12.84 6.28
C THR A 9 -2.88 -13.99 5.27
N ASP A 10 -2.91 -15.19 5.84
CA ASP A 10 -3.03 -16.44 5.13
C ASP A 10 -4.42 -16.60 4.54
N VAL A 11 -4.58 -15.97 3.40
CA VAL A 11 -5.82 -15.89 2.66
C VAL A 11 -5.52 -15.22 1.32
N LEU A 12 -4.65 -14.22 1.38
CA LEU A 12 -4.38 -13.43 0.22
C LEU A 12 -2.92 -13.43 -0.17
N ASN A 13 -2.04 -13.17 0.75
CA ASN A 13 -0.65 -13.06 0.37
C ASN A 13 -0.05 -14.42 -0.01
N GLN A 14 -0.14 -15.33 0.82
CA GLN A 14 0.46 -16.62 0.66
C GLN A 14 -0.41 -17.42 -0.29
N GLN A 15 -1.70 -17.14 -0.31
CA GLN A 15 -2.54 -17.77 -1.30
C GLN A 15 -2.38 -17.05 -2.64
N LYS A 16 -2.99 -15.88 -2.74
CA LYS A 16 -3.08 -15.12 -4.00
C LYS A 16 -1.78 -14.48 -4.41
N ILE A 17 -0.83 -14.35 -3.53
CA ILE A 17 0.42 -13.82 -3.91
C ILE A 17 1.35 -14.91 -4.23
N GLU A 18 1.36 -15.97 -3.49
CA GLU A 18 2.37 -16.95 -3.72
C GLU A 18 2.02 -17.71 -5.04
N GLU A 19 0.71 -17.77 -5.32
CA GLU A 19 0.16 -18.45 -6.49
C GLU A 19 0.20 -17.54 -7.72
N LEU A 20 -0.02 -16.26 -7.50
CA LEU A 20 -0.20 -15.38 -8.60
C LEU A 20 1.07 -14.64 -8.87
N SER A 21 1.90 -14.49 -7.86
CA SER A 21 3.24 -14.05 -8.10
C SER A 21 3.83 -15.11 -9.04
N ALA A 22 4.39 -16.18 -8.51
CA ALA A 22 4.79 -17.32 -9.33
C ALA A 22 5.49 -16.96 -10.67
N GLU A 23 5.03 -17.59 -11.73
CA GLU A 23 5.45 -17.38 -13.13
C GLU A 23 5.41 -15.93 -13.54
N ILE A 24 4.58 -15.17 -12.88
CA ILE A 24 4.47 -13.79 -13.11
C ILE A 24 5.19 -12.97 -12.07
N GLY A 25 4.57 -12.46 -11.01
CA GLY A 25 5.14 -11.64 -10.00
C GLY A 25 6.37 -12.11 -9.28
N SER A 26 6.94 -13.26 -9.53
CA SER A 26 8.22 -13.58 -8.91
C SER A 26 9.28 -12.59 -9.47
N ASP A 27 9.01 -12.16 -10.70
CA ASP A 27 9.83 -11.14 -11.34
C ASP A 27 9.09 -9.82 -11.43
N ASN A 28 7.77 -9.84 -11.40
CA ASN A 28 7.04 -8.62 -11.71
C ASN A 28 6.56 -7.86 -10.46
N VAL A 29 6.17 -8.55 -9.41
CA VAL A 29 5.74 -7.82 -8.23
C VAL A 29 6.89 -7.15 -7.45
N PRO A 30 8.11 -7.78 -7.25
CA PRO A 30 9.23 -7.09 -6.59
C PRO A 30 9.57 -5.81 -7.33
N VAL A 31 9.50 -5.89 -8.67
CA VAL A 31 9.73 -4.66 -9.41
C VAL A 31 8.69 -3.61 -9.12
N LEU A 32 7.40 -3.94 -9.25
CA LEU A 32 6.25 -3.06 -9.17
C LEU A 32 6.21 -2.40 -7.79
N LEU A 33 6.08 -3.27 -6.83
CA LEU A 33 6.02 -2.87 -5.45
C LEU A 33 7.17 -1.87 -5.14
N ASP A 34 8.40 -2.17 -5.51
CA ASP A 34 9.50 -1.22 -5.22
C ASP A 34 9.41 0.07 -6.06
N ILE A 35 8.75 0.01 -7.22
CA ILE A 35 8.56 1.19 -8.07
C ILE A 35 7.64 2.13 -7.33
N PHE A 36 6.47 1.60 -7.12
CA PHE A 36 5.35 2.29 -6.61
C PHE A 36 5.56 2.70 -5.18
N LEU A 37 6.36 1.99 -4.50
CA LEU A 37 6.62 2.35 -3.18
C LEU A 37 7.74 3.34 -3.16
N GLY A 38 8.86 3.04 -3.81
CA GLY A 38 10.04 3.88 -3.75
C GLY A 38 9.89 5.25 -4.43
N GLU A 39 9.18 5.31 -5.53
CA GLU A 39 9.02 6.58 -6.24
C GLU A 39 7.87 7.37 -5.65
N MET A 40 6.85 6.66 -5.24
CA MET A 40 5.81 7.38 -4.53
C MET A 40 6.41 7.94 -3.26
N ASP A 41 7.25 7.11 -2.62
CA ASP A 41 8.05 7.45 -1.44
C ASP A 41 8.87 8.71 -1.68
N SER A 42 9.18 8.95 -2.95
CA SER A 42 9.92 10.12 -3.31
C SER A 42 9.15 11.36 -2.98
N TYR A 43 7.87 11.28 -3.18
CA TYR A 43 7.00 12.39 -2.90
C TYR A 43 6.78 12.56 -1.43
N ILE A 44 7.06 11.55 -0.71
CA ILE A 44 7.04 11.63 0.71
C ILE A 44 8.30 12.33 1.18
N GLY A 45 9.43 11.98 0.60
CA GLY A 45 10.64 12.69 0.92
C GLY A 45 10.57 14.13 0.47
N THR A 46 10.42 14.33 -0.81
CA THR A 46 10.48 15.61 -1.43
C THR A 46 9.21 16.40 -1.15
N LEU A 47 8.07 15.93 -1.64
CA LEU A 47 6.86 16.72 -1.55
C LEU A 47 6.32 16.84 -0.12
N THR A 48 6.66 15.95 0.78
CA THR A 48 6.11 16.09 2.14
C THR A 48 6.89 17.12 2.93
N GLU A 49 8.12 17.18 2.57
CA GLU A 49 9.02 18.22 3.06
C GLU A 49 8.77 19.56 2.35
N LEU A 50 7.93 19.51 1.34
CA LEU A 50 7.60 20.67 0.54
C LEU A 50 6.14 21.11 0.70
N GLN A 51 5.24 20.18 0.95
CA GLN A 51 3.81 20.45 0.86
C GLN A 51 2.99 19.38 1.55
N GLY A 52 1.70 19.48 1.30
CA GLY A 52 0.70 18.54 1.78
C GLY A 52 0.55 17.42 0.79
N SER A 53 1.70 17.05 0.25
CA SER A 53 1.86 15.91 -0.55
C SER A 53 1.03 14.81 0.01
N GLU A 54 1.50 14.35 1.16
CA GLU A 54 0.80 13.35 2.01
C GLU A 54 -0.69 13.14 1.57
N GLN A 55 -1.44 14.25 1.60
CA GLN A 55 -2.84 14.33 1.14
C GLN A 55 -3.04 13.63 -0.24
N LEU A 56 -2.30 14.11 -1.22
CA LEU A 56 -2.30 13.71 -2.57
C LEU A 56 -1.63 12.38 -2.71
N LEU A 57 -0.64 12.10 -1.86
CA LEU A 57 0.06 10.88 -2.00
C LEU A 57 -0.78 9.68 -1.63
N TYR A 58 -1.79 9.91 -0.88
CA TYR A 58 -2.74 8.92 -0.47
C TYR A 58 -3.58 8.54 -1.66
N LEU A 59 -4.02 9.57 -2.32
CA LEU A 59 -4.93 9.31 -3.42
C LEU A 59 -4.23 8.63 -4.55
N LYS A 60 -3.00 9.01 -4.76
CA LYS A 60 -2.27 8.38 -5.81
C LYS A 60 -1.63 7.03 -5.50
N GLU A 61 -1.18 6.81 -4.30
CA GLU A 61 -0.55 5.50 -4.17
C GLU A 61 -1.54 4.38 -4.00
N ILE A 62 -2.55 4.64 -3.25
CA ILE A 62 -3.50 3.58 -3.02
C ILE A 62 -4.39 3.31 -4.27
N SER A 63 -4.59 4.32 -5.11
CA SER A 63 -5.40 4.13 -6.30
C SER A 63 -4.53 3.82 -7.53
N HIS A 64 -3.34 4.32 -7.50
CA HIS A 64 -2.39 4.02 -8.53
C HIS A 64 -1.58 2.77 -8.20
N ALA A 65 -0.74 2.72 -7.18
CA ALA A 65 0.19 1.66 -6.85
C ALA A 65 -0.53 0.47 -6.27
N LEU A 66 -1.19 0.68 -5.11
CA LEU A 66 -1.91 -0.40 -4.46
C LEU A 66 -2.99 -0.93 -5.33
N LYS A 67 -3.68 -0.09 -6.01
CA LYS A 67 -4.74 -0.55 -6.83
C LYS A 67 -4.20 -1.33 -8.03
N SER A 68 -2.94 -1.14 -8.35
CA SER A 68 -2.30 -1.86 -9.42
C SER A 68 -1.73 -3.17 -8.92
N SER A 69 -0.81 -3.06 -8.01
CA SER A 69 -0.11 -4.11 -7.41
C SER A 69 -1.06 -4.98 -6.65
N ALA A 70 -1.88 -4.37 -5.82
CA ALA A 70 -2.72 -5.17 -4.93
C ALA A 70 -3.86 -5.81 -5.69
N ALA A 71 -4.30 -5.24 -6.78
CA ALA A 71 -5.33 -5.89 -7.60
C ALA A 71 -4.74 -7.17 -8.20
N SER A 72 -3.42 -7.21 -8.23
CA SER A 72 -2.70 -8.35 -8.68
C SER A 72 -2.20 -9.22 -7.50
N PHE A 73 -1.57 -8.61 -6.49
CA PHE A 73 -0.92 -9.42 -5.43
C PHE A 73 -1.76 -9.51 -4.13
N GLY A 74 -2.92 -8.99 -4.18
CA GLY A 74 -3.74 -8.86 -3.00
C GLY A 74 -5.12 -8.50 -3.40
N ALA A 75 -5.55 -9.22 -4.40
CA ALA A 75 -6.86 -9.03 -5.02
C ALA A 75 -8.03 -9.38 -4.06
N ASP A 76 -7.75 -9.33 -2.76
CA ASP A 76 -8.66 -9.70 -1.72
C ASP A 76 -8.86 -8.38 -0.94
N ARG A 77 -8.82 -8.37 0.37
CA ARG A 77 -9.08 -7.29 1.28
C ARG A 77 -8.22 -6.05 1.09
N LEU A 78 -6.90 -6.16 1.08
CA LEU A 78 -6.05 -4.94 0.95
C LEU A 78 -6.43 -4.12 -0.29
N CYS A 79 -6.98 -4.83 -1.24
CA CYS A 79 -7.36 -4.13 -2.45
C CYS A 79 -8.50 -3.14 -2.17
N GLU A 80 -9.61 -3.63 -1.73
CA GLU A 80 -10.78 -2.76 -1.69
C GLU A 80 -11.12 -2.39 -0.28
N ARG A 81 -10.78 -3.31 0.58
CA ARG A 81 -11.04 -3.20 1.97
C ARG A 81 -9.93 -2.31 2.56
N ALA A 82 -8.83 -2.10 1.90
CA ALA A 82 -7.94 -1.12 2.48
C ALA A 82 -8.47 0.20 2.03
N ILE A 83 -8.77 0.22 0.74
CA ILE A 83 -9.27 1.49 0.24
C ILE A 83 -10.46 2.12 1.05
N ALA A 84 -11.70 1.64 0.91
CA ALA A 84 -12.74 2.22 1.78
C ALA A 84 -12.66 1.88 3.26
N ILE A 85 -11.98 0.82 3.63
CA ILE A 85 -12.11 0.30 4.97
C ILE A 85 -10.99 0.76 5.90
N ASP A 86 -10.11 1.54 5.32
CA ASP A 86 -9.07 2.16 6.02
C ASP A 86 -9.53 3.42 6.37
N LYS A 87 -9.76 4.22 5.32
CA LYS A 87 -10.10 5.58 5.46
C LYS A 87 -11.09 5.71 6.60
N LYS A 88 -12.27 5.12 6.42
CA LYS A 88 -13.32 5.07 7.43
C LYS A 88 -12.85 4.96 8.86
N ALA A 89 -12.16 3.95 9.30
CA ALA A 89 -11.99 3.92 10.72
C ALA A 89 -10.70 3.41 11.04
N LYS A 90 -10.24 2.50 10.25
CA LYS A 90 -8.90 2.12 10.43
C LYS A 90 -8.01 3.41 10.37
N ALA A 91 -8.23 4.31 9.40
CA ALA A 91 -7.41 5.46 9.32
C ALA A 91 -7.87 6.52 10.29
N ASN A 92 -9.19 6.68 10.50
CA ASN A 92 -9.56 7.69 11.47
C ASN A 92 -9.38 7.25 12.87
N GLN A 93 -9.08 6.01 13.04
CA GLN A 93 -8.88 5.59 14.36
C GLN A 93 -7.42 5.56 14.71
N LEU A 94 -6.56 5.73 13.75
CA LEU A 94 -5.18 5.94 13.98
C LEU A 94 -5.00 7.24 14.75
N GLN A 95 -5.20 8.34 14.07
CA GLN A 95 -5.11 9.66 14.66
C GLN A 95 -6.47 10.04 15.20
N GLU A 96 -6.54 10.83 16.22
CA GLU A 96 -7.80 11.37 16.66
C GLU A 96 -7.93 12.79 16.12
N GLN A 97 -6.95 13.14 15.27
CA GLN A 97 -6.85 14.45 14.61
C GLN A 97 -7.69 14.46 13.35
N GLY A 98 -8.31 13.33 13.05
CA GLY A 98 -9.19 13.23 11.91
C GLY A 98 -8.54 13.30 10.53
N MET A 99 -7.77 12.26 10.18
CA MET A 99 -7.19 12.03 8.86
C MET A 99 -6.46 13.22 8.28
N GLU A 100 -5.19 13.24 8.57
CA GLU A 100 -4.38 14.39 8.33
C GLU A 100 -2.99 14.09 7.80
N THR A 101 -2.48 12.86 7.97
CA THR A 101 -1.10 12.53 7.63
C THR A 101 -0.67 11.17 8.24
N SER A 102 -1.16 10.86 9.44
CA SER A 102 -0.69 9.70 10.17
C SER A 102 -1.10 8.38 9.56
N GLU A 103 -2.07 8.45 8.71
CA GLU A 103 -2.63 7.28 8.10
C GLU A 103 -2.01 7.04 6.73
N MET A 104 -1.85 8.10 5.99
CA MET A 104 -1.23 8.09 4.69
C MET A 104 0.27 7.75 4.78
N LEU A 105 0.99 8.33 5.75
CA LEU A 105 2.41 7.94 5.94
C LEU A 105 2.51 6.48 6.44
N ALA A 106 1.46 6.09 7.14
CA ALA A 106 1.32 4.75 7.68
C ALA A 106 1.41 3.73 6.58
N LEU A 107 0.99 4.13 5.38
CA LEU A 107 1.04 3.30 4.18
C LEU A 107 2.40 2.76 3.95
N LEU A 108 3.44 3.53 4.17
CA LEU A 108 4.78 3.10 3.96
C LEU A 108 5.16 1.98 4.91
N HIS A 109 5.03 2.23 6.20
CA HIS A 109 5.44 1.18 7.14
C HIS A 109 4.61 -0.12 6.94
N ILE A 110 3.41 0.04 6.42
CA ILE A 110 2.60 -1.16 6.15
C ILE A 110 2.98 -1.78 4.81
N THR A 111 3.20 -0.96 3.81
CA THR A 111 3.53 -1.50 2.50
C THR A 111 4.93 -2.10 2.47
N ARG A 112 5.85 -1.48 3.17
CA ARG A 112 7.20 -1.94 3.15
C ARG A 112 7.37 -3.12 4.08
N ASP A 113 6.97 -2.97 5.31
CA ASP A 113 7.25 -3.98 6.31
C ASP A 113 6.36 -5.21 6.21
N ALA A 114 5.09 -4.99 5.94
CA ALA A 114 4.16 -6.11 5.86
C ALA A 114 4.44 -6.94 4.62
N TYR A 115 4.64 -6.29 3.49
CA TYR A 115 4.75 -7.05 2.22
C TYR A 115 6.11 -7.75 2.13
N ARG A 116 7.02 -7.16 2.82
CA ARG A 116 8.34 -7.80 2.89
C ARG A 116 8.31 -9.08 3.75
N SER A 117 7.18 -9.36 4.37
CA SER A 117 7.00 -10.60 5.13
C SER A 117 6.37 -11.78 4.32
N TRP A 118 5.76 -11.53 3.14
CA TRP A 118 5.08 -12.62 2.39
C TRP A 118 5.11 -12.36 0.89
N THR A 119 4.98 -11.11 0.57
CA THR A 119 4.97 -10.72 -0.82
C THR A 119 6.33 -10.90 -1.48
N ASN A 120 7.29 -10.09 -1.11
CA ASN A 120 8.59 -10.19 -1.70
C ASN A 120 9.47 -9.20 -0.99
N MET A 7 -1.07 -5.85 9.28
CA MET A 7 -0.10 -6.67 8.53
C MET A 7 -0.85 -7.17 7.31
N ASN A 8 -0.23 -7.96 6.44
CA ASN A 8 -0.93 -8.51 5.29
C ASN A 8 -1.67 -9.76 5.70
N THR A 9 -0.96 -10.90 5.71
CA THR A 9 -1.39 -12.21 6.27
C THR A 9 -1.27 -13.40 5.30
N ASP A 10 -1.23 -14.57 5.92
CA ASP A 10 -1.03 -15.86 5.31
C ASP A 10 -2.32 -16.40 4.71
N VAL A 11 -2.64 -15.90 3.53
CA VAL A 11 -3.85 -16.26 2.81
C VAL A 11 -3.82 -15.50 1.51
N LEU A 12 -3.27 -14.33 1.60
CA LEU A 12 -3.21 -13.45 0.50
C LEU A 12 -1.81 -13.26 0.02
N ASN A 13 -0.90 -13.01 0.91
CA ASN A 13 0.41 -12.70 0.41
C ASN A 13 1.18 -13.93 -0.01
N GLN A 14 1.26 -14.89 0.77
CA GLN A 14 2.03 -16.03 0.41
C GLN A 14 1.22 -17.01 -0.41
N GLN A 15 -0.10 -16.91 -0.35
CA GLN A 15 -0.85 -17.72 -1.23
C GLN A 15 -1.05 -16.97 -2.53
N LYS A 16 -1.83 -15.90 -2.45
CA LYS A 16 -2.24 -15.14 -3.63
C LYS A 16 -1.10 -14.31 -4.23
N ILE A 17 -0.04 -14.09 -3.48
CA ILE A 17 1.06 -13.35 -4.04
C ILE A 17 2.06 -14.28 -4.55
N GLU A 18 2.25 -15.40 -3.92
CA GLU A 18 3.32 -16.25 -4.33
C GLU A 18 2.89 -16.99 -5.62
N GLU A 19 1.58 -17.12 -5.80
CA GLU A 19 0.99 -17.76 -6.97
C GLU A 19 0.83 -16.75 -8.14
N LEU A 20 0.52 -15.49 -7.80
CA LEU A 20 0.36 -14.46 -8.82
C LEU A 20 1.69 -13.89 -9.20
N SER A 21 2.54 -13.81 -8.21
CA SER A 21 3.94 -13.61 -8.48
C SER A 21 4.37 -14.73 -9.46
N ALA A 22 5.04 -15.78 -9.00
CA ALA A 22 5.34 -16.91 -9.88
C ALA A 22 5.96 -16.50 -11.24
N GLU A 23 5.49 -17.12 -12.32
CA GLU A 23 5.86 -16.82 -13.73
C GLU A 23 5.63 -15.36 -14.05
N ILE A 24 4.75 -14.75 -13.33
CA ILE A 24 4.41 -13.39 -13.53
C ILE A 24 5.08 -12.44 -12.57
N GLY A 25 4.47 -12.04 -11.46
CA GLY A 25 5.02 -11.12 -10.52
C GLY A 25 6.39 -11.38 -9.95
N SER A 26 7.05 -12.50 -10.22
CA SER A 26 8.41 -12.66 -9.73
C SER A 26 9.28 -11.60 -10.43
N ASP A 27 8.81 -11.18 -11.60
CA ASP A 27 9.41 -10.06 -12.30
C ASP A 27 8.51 -8.83 -12.30
N ASN A 28 7.22 -8.97 -12.04
CA ASN A 28 6.34 -7.82 -12.17
C ASN A 28 6.01 -7.14 -10.82
N VAL A 29 5.76 -7.92 -9.77
CA VAL A 29 5.46 -7.30 -8.48
C VAL A 29 6.61 -6.44 -7.92
N PRO A 30 7.92 -6.88 -7.97
CA PRO A 30 9.03 -6.03 -7.52
C PRO A 30 9.05 -4.70 -8.27
N VAL A 31 8.88 -4.76 -9.61
CA VAL A 31 8.85 -3.50 -10.35
C VAL A 31 7.76 -2.56 -9.92
N LEU A 32 6.53 -3.05 -9.87
CA LEU A 32 5.34 -2.27 -9.56
C LEU A 32 5.44 -1.71 -8.12
N LEU A 33 5.44 -2.66 -7.21
CA LEU A 33 5.55 -2.33 -5.79
C LEU A 33 6.65 -1.27 -5.54
N ASP A 34 7.84 -1.47 -6.09
CA ASP A 34 8.95 -0.51 -5.91
C ASP A 34 8.64 0.88 -6.46
N ILE A 35 8.03 0.94 -7.63
CA ILE A 35 7.85 2.21 -8.33
C ILE A 35 6.73 3.01 -7.72
N PHE A 36 5.59 2.39 -7.59
CA PHE A 36 4.41 3.07 -7.17
C PHE A 36 4.49 3.47 -5.71
N LEU A 37 5.34 2.82 -5.00
CA LEU A 37 5.54 3.18 -3.67
C LEU A 37 6.67 4.18 -3.56
N GLY A 38 7.78 3.93 -4.22
CA GLY A 38 8.91 4.83 -4.20
C GLY A 38 8.62 6.21 -4.81
N GLU A 39 7.81 6.28 -5.86
CA GLU A 39 7.48 7.58 -6.48
C GLU A 39 6.39 8.27 -5.69
N MET A 40 5.54 7.43 -5.14
CA MET A 40 4.57 7.98 -4.19
C MET A 40 5.33 8.66 -3.07
N ASP A 41 6.27 7.90 -2.54
CA ASP A 41 7.20 8.25 -1.48
C ASP A 41 8.06 9.44 -1.88
N SER A 42 8.28 9.55 -3.18
CA SER A 42 9.12 10.60 -3.73
C SER A 42 8.56 11.91 -3.38
N TYR A 43 7.30 11.96 -3.68
CA TYR A 43 6.52 13.10 -3.50
C TYR A 43 6.44 13.49 -2.11
N ILE A 44 6.27 12.56 -1.29
CA ILE A 44 6.04 12.81 0.09
C ILE A 44 7.30 13.23 0.84
N GLY A 45 8.44 13.00 0.25
CA GLY A 45 9.63 13.61 0.78
C GLY A 45 9.54 15.13 0.63
N THR A 46 9.28 15.56 -0.60
CA THR A 46 9.21 16.95 -0.97
C THR A 46 7.87 17.56 -0.53
N LEU A 47 6.78 17.03 -1.09
CA LEU A 47 5.40 17.44 -0.90
C LEU A 47 4.94 17.52 0.55
N THR A 48 5.43 16.66 1.40
CA THR A 48 5.08 16.68 2.82
C THR A 48 5.86 17.71 3.57
N GLU A 49 7.09 17.81 3.17
CA GLU A 49 7.97 18.84 3.68
C GLU A 49 7.49 20.23 3.19
N LEU A 50 6.63 20.25 2.19
CA LEU A 50 6.22 21.50 1.63
C LEU A 50 4.72 21.75 1.92
N GLN A 51 3.99 20.67 2.22
CA GLN A 51 2.53 20.73 2.44
C GLN A 51 1.94 19.39 2.89
N GLY A 52 0.63 19.33 2.98
CA GLY A 52 -0.07 18.16 3.47
C GLY A 52 -0.33 17.14 2.42
N SER A 53 0.35 17.31 1.30
CA SER A 53 0.27 16.45 0.18
C SER A 53 0.23 14.95 0.47
N GLU A 54 0.88 14.46 1.52
CA GLU A 54 0.55 13.10 2.10
C GLU A 54 -0.96 12.71 1.81
N GLN A 55 -1.82 13.72 1.95
CA GLN A 55 -3.24 13.70 1.57
C GLN A 55 -3.41 12.95 0.23
N LEU A 56 -2.69 13.46 -0.75
CA LEU A 56 -2.61 12.97 -2.09
C LEU A 56 -2.07 11.59 -2.04
N LEU A 57 -0.99 11.43 -1.30
CA LEU A 57 -0.25 10.17 -1.16
C LEU A 57 -1.16 8.99 -0.89
N TYR A 58 -2.25 9.23 -0.24
CA TYR A 58 -3.17 8.23 0.20
C TYR A 58 -4.19 7.92 -0.87
N LEU A 59 -4.91 8.98 -1.25
CA LEU A 59 -6.04 8.72 -2.15
C LEU A 59 -5.54 8.15 -3.45
N LYS A 60 -4.42 8.67 -3.87
CA LYS A 60 -3.81 8.14 -5.05
C LYS A 60 -2.93 6.92 -4.84
N GLU A 61 -2.44 6.63 -3.67
CA GLU A 61 -1.63 5.41 -3.64
C GLU A 61 -2.56 4.22 -3.58
N ILE A 62 -3.50 4.28 -2.69
CA ILE A 62 -4.32 3.11 -2.45
C ILE A 62 -5.33 2.87 -3.57
N SER A 63 -5.68 3.91 -4.30
CA SER A 63 -6.59 3.72 -5.41
C SER A 63 -5.80 3.50 -6.70
N HIS A 64 -4.69 4.20 -6.79
CA HIS A 64 -3.84 4.03 -7.93
C HIS A 64 -2.86 2.84 -7.82
N ALA A 65 -1.91 2.83 -6.90
CA ALA A 65 -0.78 1.93 -6.77
C ALA A 65 -1.18 0.64 -6.08
N LEU A 66 -1.64 0.76 -4.85
CA LEU A 66 -2.02 -0.35 -4.02
C LEU A 66 -3.18 -1.05 -4.62
N LYS A 67 -4.05 -0.30 -5.24
CA LYS A 67 -5.20 -0.89 -5.86
C LYS A 67 -4.81 -1.61 -7.14
N SER A 68 -3.65 -1.26 -7.71
CA SER A 68 -3.20 -1.95 -8.89
C SER A 68 -2.55 -3.26 -8.46
N SER A 69 -1.60 -3.14 -7.55
CA SER A 69 -0.84 -4.18 -6.99
C SER A 69 -1.76 -5.18 -6.36
N ALA A 70 -2.64 -4.71 -5.49
CA ALA A 70 -3.46 -5.61 -4.71
C ALA A 70 -4.47 -6.33 -5.58
N ALA A 71 -4.95 -5.70 -6.61
CA ALA A 71 -5.93 -6.30 -7.52
C ALA A 71 -5.31 -7.52 -8.21
N SER A 72 -3.99 -7.54 -8.26
CA SER A 72 -3.28 -8.66 -8.80
C SER A 72 -2.62 -9.49 -7.68
N PHE A 73 -1.93 -8.84 -6.75
CA PHE A 73 -1.05 -9.51 -5.79
C PHE A 73 -1.58 -9.45 -4.33
N GLY A 74 -2.86 -9.27 -4.21
CA GLY A 74 -3.54 -9.24 -2.91
C GLY A 74 -4.98 -9.07 -3.17
N ALA A 75 -5.39 -9.81 -4.19
CA ALA A 75 -6.76 -9.78 -4.72
C ALA A 75 -7.74 -10.44 -3.76
N ASP A 76 -7.35 -10.47 -2.52
CA ASP A 76 -8.00 -11.11 -1.45
C ASP A 76 -8.37 -9.93 -0.55
N ARG A 77 -8.20 -9.99 0.74
CA ARG A 77 -8.59 -9.01 1.71
C ARG A 77 -8.02 -7.63 1.55
N LEU A 78 -6.71 -7.51 1.51
CA LEU A 78 -6.09 -6.17 1.48
C LEU A 78 -6.67 -5.33 0.36
N CYS A 79 -7.10 -5.99 -0.67
CA CYS A 79 -7.53 -5.27 -1.83
C CYS A 79 -8.87 -4.62 -1.60
N GLU A 80 -9.83 -5.37 -1.13
CA GLU A 80 -11.17 -4.82 -1.07
C GLU A 80 -11.65 -4.76 0.34
N ARG A 81 -11.22 -5.71 1.11
CA ARG A 81 -11.59 -5.78 2.49
C ARG A 81 -10.84 -4.67 3.20
N ALA A 82 -9.64 -4.34 2.71
CA ALA A 82 -8.89 -3.39 3.43
C ALA A 82 -9.26 -2.10 2.90
N ILE A 83 -9.28 -1.97 1.56
CA ILE A 83 -9.66 -0.68 1.00
C ILE A 83 -11.09 -0.18 1.41
N ALA A 84 -11.86 -1.08 2.00
CA ALA A 84 -13.17 -0.76 2.53
C ALA A 84 -12.97 -0.03 3.87
N ILE A 85 -12.36 -0.74 4.85
CA ILE A 85 -12.17 -0.22 6.24
C ILE A 85 -11.12 0.92 6.15
N ASP A 86 -10.50 0.71 5.00
CA ASP A 86 -9.28 1.52 4.77
C ASP A 86 -9.65 2.96 4.88
N LYS A 87 -10.43 3.42 3.94
CA LYS A 87 -10.84 4.79 3.97
C LYS A 87 -11.72 5.19 5.15
N LYS A 88 -12.64 4.29 5.62
CA LYS A 88 -13.69 4.91 6.49
C LYS A 88 -13.21 5.12 7.88
N ALA A 89 -12.50 4.20 8.37
CA ALA A 89 -12.27 4.12 9.74
C ALA A 89 -10.90 3.76 9.93
N LYS A 90 -10.35 2.97 9.04
CA LYS A 90 -8.97 2.70 9.20
C LYS A 90 -8.25 4.01 9.09
N ALA A 91 -8.71 4.95 8.22
CA ALA A 91 -8.03 6.20 8.22
C ALA A 91 -8.45 7.05 9.44
N ASN A 92 -9.74 6.99 9.82
CA ASN A 92 -10.23 7.77 10.96
C ASN A 92 -9.90 7.23 12.34
N GLN A 93 -9.48 6.02 12.42
CA GLN A 93 -9.30 5.37 13.69
C GLN A 93 -7.87 5.18 14.08
N LEU A 94 -6.96 5.21 13.16
CA LEU A 94 -5.57 4.91 13.31
C LEU A 94 -4.86 6.13 13.83
N GLN A 95 -5.01 7.18 13.06
CA GLN A 95 -4.52 8.49 13.14
C GLN A 95 -4.20 9.08 14.47
N GLU A 96 -3.45 10.13 14.37
CA GLU A 96 -3.14 10.94 15.46
C GLU A 96 -4.05 12.17 15.39
N GLN A 97 -3.93 12.87 14.27
CA GLN A 97 -4.65 14.11 14.03
C GLN A 97 -5.83 13.96 13.09
N GLY A 98 -6.33 12.77 12.90
CA GLY A 98 -7.46 12.64 12.01
C GLY A 98 -7.11 12.30 10.58
N MET A 99 -6.35 11.20 10.36
CA MET A 99 -6.06 10.56 9.07
C MET A 99 -5.06 11.30 8.21
N GLU A 100 -5.09 12.59 8.35
CA GLU A 100 -4.40 13.62 7.61
C GLU A 100 -2.85 13.60 7.70
N THR A 101 -2.26 12.43 7.91
CA THR A 101 -0.80 12.28 8.03
C THR A 101 -0.37 10.91 8.55
N SER A 102 -0.69 10.62 9.80
CA SER A 102 -0.13 9.49 10.52
C SER A 102 -0.44 8.14 9.84
N GLU A 103 -1.66 8.03 9.38
CA GLU A 103 -2.16 6.80 8.82
C GLU A 103 -1.77 6.65 7.34
N MET A 104 -1.83 7.73 6.62
CA MET A 104 -1.43 7.77 5.22
C MET A 104 0.10 7.51 5.09
N LEU A 105 0.87 8.10 5.99
CA LEU A 105 2.32 7.80 6.04
C LEU A 105 2.56 6.34 6.46
N ALA A 106 1.65 5.84 7.28
CA ALA A 106 1.72 4.49 7.81
C ALA A 106 1.76 3.47 6.70
N LEU A 107 1.13 3.79 5.57
CA LEU A 107 1.09 2.92 4.40
C LEU A 107 2.46 2.56 3.92
N LEU A 108 3.39 3.48 4.04
CA LEU A 108 4.72 3.26 3.56
C LEU A 108 5.49 2.28 4.46
N HIS A 109 5.42 2.46 5.78
CA HIS A 109 6.14 1.50 6.62
C HIS A 109 5.49 0.13 6.55
N ILE A 110 4.19 0.12 6.25
CA ILE A 110 3.50 -1.17 6.14
C ILE A 110 3.80 -1.82 4.80
N THR A 111 3.93 -1.02 3.79
CA THR A 111 4.21 -1.57 2.48
C THR A 111 5.67 -2.06 2.40
N ARG A 112 6.55 -1.42 3.16
CA ARG A 112 7.94 -1.77 3.05
C ARG A 112 8.22 -2.96 3.95
N ASP A 113 7.68 -2.93 5.16
CA ASP A 113 7.95 -3.92 6.19
C ASP A 113 7.09 -5.17 6.10
N ALA A 114 5.83 -4.99 5.82
CA ALA A 114 4.93 -6.14 5.75
C ALA A 114 5.22 -6.99 4.53
N TYR A 115 5.38 -6.34 3.38
CA TYR A 115 5.60 -7.04 2.09
C TYR A 115 6.99 -7.68 2.10
N ARG A 116 7.84 -7.03 2.81
CA ARG A 116 9.18 -7.54 3.05
C ARG A 116 9.14 -8.99 3.61
N SER A 117 8.09 -9.31 4.35
CA SER A 117 7.96 -10.61 4.99
C SER A 117 7.55 -11.77 4.03
N TRP A 118 6.88 -11.47 2.91
CA TRP A 118 6.29 -12.53 2.05
C TRP A 118 6.22 -12.16 0.58
N THR A 119 6.81 -11.05 0.25
CA THR A 119 6.68 -10.49 -1.06
C THR A 119 8.08 -10.37 -1.68
N ASN A 120 8.80 -9.34 -1.28
CA ASN A 120 10.15 -9.03 -1.74
C ASN A 120 10.65 -7.81 -1.02
N MET A 7 -0.42 -6.42 10.28
CA MET A 7 -0.18 -7.73 9.65
C MET A 7 -1.06 -7.88 8.41
N ASN A 8 -0.52 -8.52 7.39
CA ASN A 8 -1.32 -8.85 6.21
C ASN A 8 -2.09 -10.13 6.52
N THR A 9 -1.39 -11.27 6.46
CA THR A 9 -1.76 -12.59 6.94
C THR A 9 -2.16 -13.65 5.89
N ASP A 10 -2.28 -14.84 6.44
CA ASP A 10 -2.58 -16.06 5.71
C ASP A 10 -4.03 -16.05 5.24
N VAL A 11 -4.23 -15.42 4.10
CA VAL A 11 -5.53 -15.23 3.50
C VAL A 11 -5.32 -14.82 2.06
N LEU A 12 -4.54 -13.77 1.86
CA LEU A 12 -4.32 -13.29 0.53
C LEU A 12 -2.88 -13.34 0.16
N ASN A 13 -2.00 -13.09 1.09
CA ASN A 13 -0.62 -13.03 0.72
C ASN A 13 -0.05 -14.39 0.43
N GLN A 14 -0.27 -15.32 1.27
CA GLN A 14 0.27 -16.61 1.02
C GLN A 14 -0.63 -17.35 0.10
N GLN A 15 -1.92 -17.11 0.18
CA GLN A 15 -2.77 -17.83 -0.71
C GLN A 15 -2.73 -17.22 -2.09
N LYS A 16 -3.10 -15.97 -2.19
CA LYS A 16 -3.26 -15.32 -3.47
C LYS A 16 -2.04 -14.59 -4.01
N ILE A 17 -1.01 -14.41 -3.22
CA ILE A 17 0.15 -13.82 -3.76
C ILE A 17 1.08 -14.89 -4.05
N GLU A 18 1.06 -15.94 -3.28
CA GLU A 18 2.04 -16.92 -3.51
C GLU A 18 1.59 -17.77 -4.72
N GLU A 19 0.26 -17.78 -4.97
CA GLU A 19 -0.31 -18.51 -6.12
C GLU A 19 -0.24 -17.64 -7.39
N LEU A 20 -0.43 -16.33 -7.22
CA LEU A 20 -0.49 -15.43 -8.36
C LEU A 20 0.85 -14.84 -8.66
N SER A 21 1.65 -14.72 -7.64
CA SER A 21 3.04 -14.48 -7.88
C SER A 21 3.58 -15.72 -8.56
N ALA A 22 4.07 -16.74 -7.84
CA ALA A 22 4.43 -18.02 -8.49
C ALA A 22 5.26 -17.83 -9.78
N GLU A 23 4.84 -18.47 -10.86
CA GLU A 23 5.48 -18.40 -12.17
C GLU A 23 5.18 -17.06 -12.86
N ILE A 24 4.48 -16.20 -12.18
CA ILE A 24 4.13 -14.92 -12.71
C ILE A 24 4.76 -13.80 -11.90
N GLY A 25 4.19 -13.30 -10.82
CA GLY A 25 4.80 -12.31 -9.97
C GLY A 25 6.10 -12.64 -9.30
N SER A 26 6.69 -13.81 -9.46
CA SER A 26 8.01 -14.01 -8.90
C SER A 26 9.00 -13.15 -9.72
N ASP A 27 8.59 -12.82 -10.93
CA ASP A 27 9.29 -11.82 -11.73
C ASP A 27 8.57 -10.50 -11.81
N ASN A 28 7.24 -10.48 -11.63
CA ASN A 28 6.50 -9.23 -11.85
C ASN A 28 6.37 -8.39 -10.56
N VAL A 29 5.89 -9.00 -9.47
CA VAL A 29 5.62 -8.21 -8.26
C VAL A 29 6.86 -7.50 -7.62
N PRO A 30 8.09 -8.13 -7.57
CA PRO A 30 9.29 -7.43 -7.11
C PRO A 30 9.51 -6.16 -7.91
N VAL A 31 9.27 -6.29 -9.20
CA VAL A 31 9.32 -5.15 -10.08
C VAL A 31 8.29 -4.11 -9.67
N LEU A 32 7.03 -4.42 -9.88
CA LEU A 32 5.91 -3.48 -9.78
C LEU A 32 5.80 -2.85 -8.36
N LEU A 33 5.54 -3.72 -7.42
CA LEU A 33 5.36 -3.31 -6.03
C LEU A 33 6.49 -2.38 -5.55
N ASP A 34 7.72 -2.79 -5.73
CA ASP A 34 8.85 -2.01 -5.23
C ASP A 34 9.02 -0.69 -5.99
N ILE A 35 8.57 -0.65 -7.24
CA ILE A 35 8.74 0.55 -8.05
C ILE A 35 7.60 1.55 -7.84
N PHE A 36 6.36 1.06 -7.84
CA PHE A 36 5.20 1.91 -7.61
C PHE A 36 5.16 2.43 -6.19
N LEU A 37 5.88 1.77 -5.34
CA LEU A 37 5.96 2.22 -4.01
C LEU A 37 7.19 3.05 -3.80
N GLY A 38 8.27 2.74 -4.51
CA GLY A 38 9.49 3.51 -4.43
C GLY A 38 9.34 4.91 -5.03
N GLU A 39 8.61 5.06 -6.12
CA GLU A 39 8.38 6.39 -6.70
C GLU A 39 7.34 7.16 -5.89
N MET A 40 6.46 6.41 -5.30
CA MET A 40 5.54 7.01 -4.34
C MET A 40 6.30 7.51 -3.14
N ASP A 41 7.23 6.70 -2.71
CA ASP A 41 8.14 6.92 -1.62
C ASP A 41 8.99 8.11 -1.93
N SER A 42 9.34 8.21 -3.21
CA SER A 42 10.15 9.29 -3.69
C SER A 42 9.51 10.56 -3.37
N TYR A 43 8.30 10.61 -3.82
CA TYR A 43 7.53 11.76 -3.79
C TYR A 43 7.24 12.22 -2.47
N ILE A 44 7.06 11.34 -1.59
CA ILE A 44 6.70 11.69 -0.26
C ILE A 44 7.87 12.27 0.48
N GLY A 45 9.05 11.85 0.11
CA GLY A 45 10.24 12.46 0.65
C GLY A 45 10.24 13.96 0.32
N THR A 46 9.94 14.28 -0.93
CA THR A 46 9.97 15.62 -1.42
C THR A 46 8.68 16.34 -1.05
N LEU A 47 7.54 15.80 -1.43
CA LEU A 47 6.22 16.27 -1.13
C LEU A 47 5.98 16.59 0.36
N THR A 48 6.49 15.80 1.29
CA THR A 48 6.29 16.10 2.72
C THR A 48 7.22 17.21 3.18
N GLU A 49 8.40 17.22 2.60
CA GLU A 49 9.39 18.24 2.98
C GLU A 49 9.03 19.58 2.35
N LEU A 50 8.17 19.56 1.35
CA LEU A 50 7.83 20.75 0.64
C LEU A 50 6.44 21.20 1.00
N GLN A 51 5.64 20.25 1.44
CA GLN A 51 4.22 20.47 1.65
C GLN A 51 3.57 19.30 2.32
N GLY A 52 2.27 19.30 2.33
CA GLY A 52 1.53 18.23 2.91
C GLY A 52 1.32 17.11 1.93
N SER A 53 1.85 17.28 0.73
CA SER A 53 1.63 16.41 -0.38
C SER A 53 1.80 14.91 -0.18
N GLU A 54 2.53 14.44 0.81
CA GLU A 54 2.39 13.02 1.25
C GLU A 54 0.89 12.65 1.46
N GLN A 55 0.08 13.66 1.69
CA GLN A 55 -1.35 13.60 1.73
C GLN A 55 -1.86 12.96 0.44
N LEU A 56 -1.43 13.54 -0.68
CA LEU A 56 -1.74 13.14 -2.01
C LEU A 56 -1.42 11.70 -2.15
N LEU A 57 -0.35 11.26 -1.44
CA LEU A 57 0.18 9.91 -1.58
C LEU A 57 -0.88 8.86 -1.50
N TYR A 58 -1.92 9.18 -0.84
CA TYR A 58 -2.97 8.30 -0.54
C TYR A 58 -3.81 8.03 -1.74
N LEU A 59 -4.36 9.10 -2.29
CA LEU A 59 -5.31 8.90 -3.38
C LEU A 59 -4.58 8.37 -4.57
N LYS A 60 -3.39 8.85 -4.76
CA LYS A 60 -2.64 8.35 -5.85
C LYS A 60 -1.98 7.02 -5.66
N GLU A 61 -1.53 6.69 -4.47
CA GLU A 61 -0.89 5.37 -4.41
C GLU A 61 -1.96 4.29 -4.43
N ILE A 62 -2.96 4.46 -3.62
CA ILE A 62 -3.94 3.38 -3.51
C ILE A 62 -4.80 3.25 -4.76
N SER A 63 -4.76 4.25 -5.63
CA SER A 63 -5.44 4.14 -6.89
C SER A 63 -4.43 3.66 -7.94
N HIS A 64 -3.23 4.22 -7.86
CA HIS A 64 -2.16 3.85 -8.73
C HIS A 64 -1.55 2.52 -8.37
N ALA A 65 -0.73 2.42 -7.34
CA ALA A 65 0.07 1.28 -6.95
C ALA A 65 -0.73 0.19 -6.30
N LEU A 66 -1.37 0.49 -5.16
CA LEU A 66 -2.12 -0.54 -4.45
C LEU A 66 -3.22 -1.11 -5.28
N LYS A 67 -3.90 -0.28 -6.01
CA LYS A 67 -4.97 -0.78 -6.84
C LYS A 67 -4.42 -1.55 -8.05
N SER A 68 -3.16 -1.33 -8.41
CA SER A 68 -2.57 -2.03 -9.53
C SER A 68 -2.00 -3.37 -9.09
N SER A 69 -1.09 -3.31 -8.15
CA SER A 69 -0.36 -4.41 -7.64
C SER A 69 -1.31 -5.36 -6.98
N ALA A 70 -2.14 -4.78 -6.13
CA ALA A 70 -3.00 -5.62 -5.31
C ALA A 70 -4.16 -6.19 -6.11
N ALA A 71 -4.59 -5.55 -7.18
CA ALA A 71 -5.65 -6.13 -8.02
C ALA A 71 -5.17 -7.44 -8.60
N SER A 72 -3.87 -7.56 -8.76
CA SER A 72 -3.29 -8.80 -9.18
C SER A 72 -2.77 -9.62 -8.00
N PHE A 73 -2.08 -8.98 -7.05
CA PHE A 73 -1.40 -9.74 -5.99
C PHE A 73 -1.93 -9.40 -4.56
N GLY A 74 -3.20 -9.14 -4.47
CA GLY A 74 -3.83 -8.85 -3.17
C GLY A 74 -5.26 -8.43 -3.38
N ALA A 75 -5.84 -9.20 -4.28
CA ALA A 75 -7.21 -8.94 -4.79
C ALA A 75 -8.32 -9.20 -3.73
N ASP A 76 -7.97 -9.07 -2.48
CA ASP A 76 -8.88 -9.29 -1.36
C ASP A 76 -8.66 -8.03 -0.50
N ARG A 77 -9.05 -7.98 0.76
CA ARG A 77 -8.69 -7.03 1.82
C ARG A 77 -8.03 -5.73 1.46
N LEU A 78 -6.74 -5.76 1.18
CA LEU A 78 -5.97 -4.52 0.88
C LEU A 78 -6.77 -3.66 -0.06
N CYS A 79 -7.34 -4.38 -0.98
CA CYS A 79 -7.97 -3.71 -2.05
C CYS A 79 -9.22 -2.99 -1.60
N GLU A 80 -10.13 -3.66 -0.94
CA GLU A 80 -11.42 -3.02 -0.60
C GLU A 80 -11.59 -2.79 0.84
N ARG A 81 -11.14 -3.76 1.56
CA ARG A 81 -11.32 -3.80 2.96
C ARG A 81 -10.47 -2.65 3.51
N ALA A 82 -9.34 -2.37 2.88
CA ALA A 82 -8.56 -1.29 3.37
C ALA A 82 -9.17 -0.05 2.79
N ILE A 83 -9.27 -0.03 1.48
CA ILE A 83 -9.67 1.21 0.82
C ILE A 83 -10.90 1.98 1.36
N ALA A 84 -11.90 1.24 1.78
CA ALA A 84 -13.15 1.83 2.19
C ALA A 84 -13.08 2.11 3.69
N ILE A 85 -12.39 1.20 4.35
CA ILE A 85 -12.34 1.11 5.79
C ILE A 85 -11.07 1.74 6.30
N ASP A 86 -10.41 2.43 5.40
CA ASP A 86 -9.22 3.14 5.62
C ASP A 86 -9.58 4.48 5.88
N LYS A 87 -10.12 5.10 4.83
CA LYS A 87 -10.58 6.46 4.95
C LYS A 87 -11.40 6.60 6.23
N LYS A 88 -12.60 5.98 6.24
CA LYS A 88 -13.46 6.02 7.42
C LYS A 88 -12.83 6.02 8.81
N ALA A 89 -12.07 5.05 9.22
CA ALA A 89 -11.73 5.03 10.60
C ALA A 89 -10.34 4.69 10.74
N LYS A 90 -9.86 3.85 9.85
CA LYS A 90 -8.44 3.61 9.95
C LYS A 90 -7.71 4.96 9.97
N ALA A 91 -8.11 5.93 9.15
CA ALA A 91 -7.43 7.17 9.15
C ALA A 91 -7.92 8.07 10.27
N ASN A 92 -9.24 8.03 10.56
CA ASN A 92 -9.70 8.92 11.61
C ASN A 92 -9.43 8.37 13.02
N GLN A 93 -9.05 7.10 13.11
CA GLN A 93 -8.71 6.48 14.38
C GLN A 93 -7.32 6.90 14.78
N LEU A 94 -6.38 6.91 13.83
CA LEU A 94 -4.98 7.12 13.98
C LEU A 94 -4.66 8.42 14.65
N GLN A 95 -4.85 9.46 13.91
CA GLN A 95 -4.39 10.79 14.17
C GLN A 95 -5.32 11.54 15.07
N GLU A 96 -4.75 12.35 15.92
CA GLU A 96 -5.56 13.07 16.87
C GLU A 96 -6.08 14.31 16.12
N GLN A 97 -5.36 14.64 15.05
CA GLN A 97 -5.68 15.80 14.23
C GLN A 97 -6.79 15.49 13.25
N GLY A 98 -7.29 14.25 13.26
CA GLY A 98 -8.36 13.94 12.36
C GLY A 98 -7.92 13.69 10.93
N MET A 99 -7.21 12.57 10.68
CA MET A 99 -6.84 12.07 9.34
C MET A 99 -6.32 13.14 8.36
N GLU A 100 -5.01 13.39 8.38
CA GLU A 100 -4.46 14.45 7.56
C GLU A 100 -2.96 14.25 7.24
N THR A 101 -2.42 13.02 7.44
CA THR A 101 -0.97 12.79 7.30
C THR A 101 -0.54 11.32 7.48
N SER A 102 -0.72 10.81 8.69
CA SER A 102 -0.16 9.58 9.17
C SER A 102 -0.94 8.34 8.75
N GLU A 103 -1.87 8.48 7.85
CA GLU A 103 -2.56 7.32 7.35
C GLU A 103 -2.10 7.11 5.91
N MET A 104 -2.05 8.20 5.22
CA MET A 104 -1.63 8.34 3.84
C MET A 104 -0.18 7.94 3.74
N LEU A 105 0.61 8.56 4.57
CA LEU A 105 2.01 8.28 4.69
C LEU A 105 2.21 6.86 5.31
N ALA A 106 1.24 6.49 6.14
CA ALA A 106 1.25 5.20 6.81
C ALA A 106 1.36 4.07 5.84
N LEU A 107 0.65 4.20 4.73
CA LEU A 107 0.54 3.20 3.67
C LEU A 107 1.87 2.63 3.31
N LEU A 108 2.81 3.51 3.15
CA LEU A 108 4.12 3.16 2.73
C LEU A 108 4.84 2.28 3.75
N HIS A 109 4.85 2.67 5.02
CA HIS A 109 5.54 1.86 6.01
C HIS A 109 4.77 0.57 6.31
N ILE A 110 3.47 0.63 6.08
CA ILE A 110 2.65 -0.57 6.29
C ILE A 110 2.78 -1.54 5.13
N THR A 111 2.95 -1.00 3.96
CA THR A 111 3.06 -1.82 2.77
C THR A 111 4.43 -2.47 2.67
N ARG A 112 5.48 -1.70 2.96
CA ARG A 112 6.83 -2.20 2.80
C ARG A 112 7.13 -3.27 3.82
N ASP A 113 6.69 -3.06 5.04
CA ASP A 113 7.00 -3.93 6.16
C ASP A 113 6.28 -5.28 6.07
N ALA A 114 4.99 -5.17 5.87
CA ALA A 114 4.12 -6.33 5.80
C ALA A 114 4.57 -7.28 4.71
N TYR A 115 4.86 -6.72 3.56
CA TYR A 115 5.14 -7.52 2.36
C TYR A 115 6.52 -8.16 2.44
N ARG A 116 7.34 -7.59 3.29
CA ARG A 116 8.65 -8.17 3.53
C ARG A 116 8.51 -9.56 4.17
N SER A 117 7.36 -9.81 4.78
CA SER A 117 7.12 -11.12 5.37
C SER A 117 6.54 -12.22 4.42
N TRP A 118 5.94 -11.88 3.27
CA TRP A 118 5.28 -12.94 2.44
C TRP A 118 5.30 -12.61 0.96
N THR A 119 5.98 -11.57 0.61
CA THR A 119 5.92 -11.07 -0.74
C THR A 119 7.33 -10.86 -1.26
N ASN A 120 7.95 -9.82 -0.74
CA ASN A 120 9.26 -9.33 -1.08
C ASN A 120 9.61 -8.47 0.04
N MET A 7 -4.71 -7.98 8.76
CA MET A 7 -3.54 -7.86 7.87
C MET A 7 -3.79 -8.64 6.59
N ASN A 8 -2.77 -8.75 5.77
CA ASN A 8 -2.82 -9.45 4.50
C ASN A 8 -2.60 -10.92 4.80
N THR A 9 -3.64 -11.64 5.06
CA THR A 9 -3.46 -12.95 5.62
C THR A 9 -3.61 -14.10 4.60
N ASP A 10 -3.68 -15.31 5.18
CA ASP A 10 -3.85 -16.59 4.50
C ASP A 10 -5.16 -16.64 3.76
N VAL A 11 -5.15 -16.03 2.59
CA VAL A 11 -6.30 -15.89 1.73
C VAL A 11 -5.82 -15.19 0.46
N LEU A 12 -4.97 -14.20 0.63
CA LEU A 12 -4.54 -13.41 -0.47
C LEU A 12 -3.06 -13.38 -0.69
N ASN A 13 -2.27 -13.15 0.34
CA ASN A 13 -0.85 -13.05 0.06
C ASN A 13 -0.20 -14.39 -0.32
N GLN A 14 -0.32 -15.34 0.47
CA GLN A 14 0.32 -16.63 0.28
C GLN A 14 -0.45 -17.34 -0.80
N GLN A 15 -1.74 -17.07 -0.91
CA GLN A 15 -2.48 -17.68 -1.95
C GLN A 15 -2.28 -16.91 -3.24
N LYS A 16 -2.90 -15.73 -3.32
CA LYS A 16 -2.94 -14.93 -4.55
C LYS A 16 -1.61 -14.25 -4.88
N ILE A 17 -0.73 -14.14 -3.92
CA ILE A 17 0.54 -13.54 -4.21
C ILE A 17 1.51 -14.61 -4.53
N GLU A 18 1.49 -15.69 -3.83
CA GLU A 18 2.54 -16.62 -4.03
C GLU A 18 2.29 -17.37 -5.37
N GLU A 19 1.01 -17.35 -5.80
CA GLU A 19 0.58 -17.96 -7.05
C GLU A 19 0.70 -16.98 -8.25
N LEU A 20 0.47 -15.68 -8.01
CA LEU A 20 0.55 -14.69 -9.09
C LEU A 20 1.92 -14.12 -9.18
N SER A 21 2.59 -14.06 -8.05
CA SER A 21 4.00 -13.85 -8.07
C SER A 21 4.58 -15.03 -8.87
N ALA A 22 5.07 -16.09 -8.21
CA ALA A 22 5.49 -17.29 -8.92
C ALA A 22 6.39 -16.98 -10.16
N GLU A 23 6.13 -17.70 -11.24
CA GLU A 23 6.77 -17.60 -12.57
C GLU A 23 6.66 -16.20 -13.16
N ILE A 24 5.78 -15.43 -12.58
CA ILE A 24 5.58 -14.08 -12.97
C ILE A 24 6.15 -13.08 -12.00
N GLY A 25 5.45 -12.57 -11.00
CA GLY A 25 5.95 -11.65 -10.04
C GLY A 25 7.18 -12.01 -9.27
N SER A 26 7.73 -13.23 -9.32
CA SER A 26 8.96 -13.45 -8.57
C SER A 26 10.10 -12.61 -9.21
N ASP A 27 9.86 -12.23 -10.47
CA ASP A 27 10.71 -11.25 -11.14
C ASP A 27 10.01 -9.95 -11.41
N ASN A 28 8.71 -9.88 -11.21
CA ASN A 28 8.02 -8.61 -11.52
C ASN A 28 7.53 -7.84 -10.27
N VAL A 29 6.87 -8.51 -9.35
CA VAL A 29 6.24 -7.81 -8.22
C VAL A 29 7.18 -7.10 -7.21
N PRO A 30 8.34 -7.68 -6.77
CA PRO A 30 9.29 -6.94 -5.92
C PRO A 30 9.79 -5.71 -6.67
N VAL A 31 9.92 -5.85 -8.00
CA VAL A 31 10.32 -4.73 -8.83
C VAL A 31 9.29 -3.60 -8.72
N LEU A 32 8.02 -3.94 -8.90
CA LEU A 32 6.86 -3.06 -8.89
C LEU A 32 6.73 -2.40 -7.50
N LEU A 33 6.50 -3.26 -6.55
CA LEU A 33 6.40 -2.85 -5.14
C LEU A 33 7.53 -1.91 -4.71
N ASP A 34 8.75 -2.19 -5.12
CA ASP A 34 9.87 -1.32 -4.74
C ASP A 34 9.78 0.04 -5.43
N ILE A 35 9.26 0.05 -6.65
CA ILE A 35 9.25 1.27 -7.42
C ILE A 35 8.05 2.15 -7.09
N PHE A 36 6.86 1.56 -7.08
CA PHE A 36 5.62 2.29 -6.80
C PHE A 36 5.62 2.94 -5.44
N LEU A 37 6.30 2.27 -4.54
CA LEU A 37 6.39 2.70 -3.22
C LEU A 37 7.62 3.54 -3.00
N GLY A 38 8.75 3.24 -3.63
CA GLY A 38 9.93 4.06 -3.53
C GLY A 38 9.72 5.46 -4.09
N GLU A 39 9.04 5.58 -5.22
CA GLU A 39 8.76 6.88 -5.86
C GLU A 39 7.71 7.63 -5.05
N MET A 40 6.80 6.84 -4.51
CA MET A 40 5.79 7.32 -3.57
C MET A 40 6.51 7.99 -2.42
N ASP A 41 7.38 7.19 -1.85
CA ASP A 41 8.18 7.48 -0.68
C ASP A 41 9.05 8.69 -0.91
N SER A 42 9.51 8.82 -2.16
CA SER A 42 10.43 9.87 -2.56
C SER A 42 9.87 11.19 -2.19
N TYR A 43 8.66 11.31 -2.62
CA TYR A 43 7.96 12.49 -2.53
C TYR A 43 7.52 12.79 -1.17
N ILE A 44 7.35 11.82 -0.36
CA ILE A 44 6.81 12.10 0.93
C ILE A 44 7.85 12.66 1.84
N GLY A 45 9.07 12.30 1.54
CA GLY A 45 10.17 12.94 2.17
C GLY A 45 10.14 14.44 1.85
N THR A 46 10.02 14.75 0.57
CA THR A 46 10.14 16.07 0.08
C THR A 46 8.81 16.86 0.14
N LEU A 47 7.77 16.40 -0.56
CA LEU A 47 6.50 17.08 -0.69
C LEU A 47 5.76 17.24 0.65
N THR A 48 6.05 16.38 1.63
CA THR A 48 5.45 16.53 2.97
C THR A 48 6.24 17.53 3.78
N GLU A 49 7.51 17.43 3.66
CA GLU A 49 8.40 18.38 4.31
C GLU A 49 8.39 19.73 3.61
N LEU A 50 7.60 19.84 2.55
CA LEU A 50 7.43 21.06 1.85
C LEU A 50 5.99 21.54 1.97
N GLN A 51 5.07 20.60 2.24
CA GLN A 51 3.63 20.88 2.21
C GLN A 51 2.82 19.68 2.59
N GLY A 52 1.52 19.81 2.55
CA GLY A 52 0.65 18.71 2.85
C GLY A 52 0.36 17.91 1.63
N SER A 53 1.24 18.02 0.65
CA SER A 53 1.15 17.30 -0.58
C SER A 53 0.91 15.79 -0.34
N GLU A 54 1.38 15.24 0.77
CA GLU A 54 0.90 13.89 1.22
C GLU A 54 -0.65 13.68 0.93
N GLN A 55 -1.39 14.78 0.90
CA GLN A 55 -2.78 14.84 0.41
C GLN A 55 -2.85 14.11 -0.97
N LEU A 56 -1.98 14.56 -1.88
CA LEU A 56 -1.79 14.07 -3.22
C LEU A 56 -1.50 12.65 -3.11
N LEU A 57 -0.54 12.37 -2.24
CA LEU A 57 -0.02 11.06 -1.98
C LEU A 57 -1.12 10.03 -1.88
N TYR A 58 -2.23 10.38 -1.33
CA TYR A 58 -3.30 9.48 -1.08
C TYR A 58 -4.01 9.13 -2.37
N LEU A 59 -4.37 10.17 -3.09
CA LEU A 59 -5.15 9.89 -4.27
C LEU A 59 -4.30 9.27 -5.33
N LYS A 60 -3.09 9.72 -5.42
CA LYS A 60 -2.21 9.09 -6.33
C LYS A 60 -1.77 7.72 -5.91
N GLU A 61 -1.38 7.55 -4.67
CA GLU A 61 -0.83 6.24 -4.26
C GLU A 61 -1.79 5.11 -4.54
N ILE A 62 -2.87 5.13 -3.86
CA ILE A 62 -3.80 4.04 -3.96
C ILE A 62 -4.55 3.96 -5.30
N SER A 63 -4.40 4.96 -6.17
CA SER A 63 -4.96 4.86 -7.51
C SER A 63 -3.83 4.42 -8.47
N HIS A 64 -2.66 4.93 -8.18
CA HIS A 64 -1.44 4.65 -8.87
C HIS A 64 -0.82 3.37 -8.40
N ALA A 65 -0.06 3.31 -7.32
CA ALA A 65 0.77 2.25 -6.86
C ALA A 65 -0.01 1.09 -6.31
N LEU A 66 -0.75 1.34 -5.23
CA LEU A 66 -1.52 0.29 -4.59
C LEU A 66 -2.50 -0.32 -5.55
N LYS A 67 -3.20 0.50 -6.28
CA LYS A 67 -4.16 -0.01 -7.24
C LYS A 67 -3.48 -0.83 -8.33
N SER A 68 -2.19 -0.61 -8.55
CA SER A 68 -1.46 -1.31 -9.59
C SER A 68 -0.96 -2.66 -9.09
N SER A 69 -0.15 -2.61 -8.07
CA SER A 69 0.51 -3.76 -7.61
C SER A 69 -0.52 -4.61 -6.91
N ALA A 70 -1.41 -3.98 -6.14
CA ALA A 70 -2.37 -4.77 -5.36
C ALA A 70 -3.34 -5.50 -6.25
N ALA A 71 -3.68 -4.96 -7.39
CA ALA A 71 -4.57 -5.61 -8.33
C ALA A 71 -3.88 -6.87 -8.86
N SER A 72 -2.57 -6.90 -8.74
CA SER A 72 -1.82 -8.09 -9.06
C SER A 72 -1.45 -8.90 -7.80
N PHE A 73 -0.97 -8.26 -6.72
CA PHE A 73 -0.43 -9.05 -5.57
C PHE A 73 -1.40 -9.15 -4.37
N GLY A 74 -2.54 -8.61 -4.54
CA GLY A 74 -3.51 -8.55 -3.47
C GLY A 74 -4.84 -8.22 -4.03
N ALA A 75 -5.09 -8.93 -5.11
CA ALA A 75 -6.30 -8.76 -5.91
C ALA A 75 -7.56 -9.25 -5.18
N ASP A 76 -7.49 -9.24 -3.87
CA ASP A 76 -8.56 -9.69 -3.02
C ASP A 76 -8.97 -8.45 -2.22
N ARG A 77 -8.87 -8.43 -0.92
CA ARG A 77 -9.28 -7.40 -0.02
C ARG A 77 -8.40 -6.17 0.02
N LEU A 78 -7.08 -6.25 0.13
CA LEU A 78 -6.30 -4.97 0.22
C LEU A 78 -6.55 -4.09 -1.00
N CYS A 79 -6.98 -4.76 -2.03
CA CYS A 79 -7.25 -4.03 -3.23
C CYS A 79 -8.46 -3.08 -3.04
N GLU A 80 -9.60 -3.64 -2.67
CA GLU A 80 -10.83 -2.79 -2.61
C GLU A 80 -11.25 -2.52 -1.19
N ARG A 81 -10.93 -3.47 -0.37
CA ARG A 81 -11.25 -3.45 1.02
C ARG A 81 -10.21 -2.56 1.73
N ALA A 82 -9.07 -2.29 1.14
CA ALA A 82 -8.23 -1.32 1.83
C ALA A 82 -8.71 0.01 1.36
N ILE A 83 -9.06 -0.02 0.10
CA ILE A 83 -9.60 1.28 -0.32
C ILE A 83 -10.80 1.84 0.52
N ALA A 84 -12.04 1.35 0.32
CA ALA A 84 -13.14 1.80 1.21
C ALA A 84 -12.98 1.54 2.69
N ILE A 85 -12.27 0.52 3.04
CA ILE A 85 -12.35 0.00 4.38
C ILE A 85 -11.19 0.48 5.24
N ASP A 86 -10.36 1.31 4.66
CA ASP A 86 -9.31 1.90 5.36
C ASP A 86 -9.66 3.18 5.80
N LYS A 87 -10.10 4.01 4.84
CA LYS A 87 -10.49 5.34 5.20
C LYS A 87 -11.43 5.28 6.39
N LYS A 88 -12.60 4.60 6.22
CA LYS A 88 -13.55 4.40 7.31
C LYS A 88 -12.98 4.14 8.71
N ALA A 89 -12.14 3.17 8.98
CA ALA A 89 -11.81 2.94 10.34
C ALA A 89 -10.41 2.61 10.44
N LYS A 90 -9.90 1.94 9.44
CA LYS A 90 -8.46 1.80 9.46
C LYS A 90 -7.78 3.13 9.69
N ALA A 91 -8.20 4.19 9.01
CA ALA A 91 -7.62 5.43 9.26
C ALA A 91 -8.24 6.03 10.49
N ASN A 92 -9.56 5.82 10.75
CA ASN A 92 -10.08 6.30 12.01
C ASN A 92 -9.51 5.65 13.28
N GLN A 93 -8.98 4.45 13.15
CA GLN A 93 -8.40 3.71 14.25
C GLN A 93 -6.92 4.00 14.32
N LEU A 94 -6.32 4.31 13.18
CA LEU A 94 -4.91 4.66 12.99
C LEU A 94 -4.45 5.83 13.85
N GLN A 95 -5.38 6.69 14.29
CA GLN A 95 -5.10 7.95 14.95
C GLN A 95 -6.29 8.27 15.79
N GLU A 96 -6.12 9.05 16.83
CA GLU A 96 -7.27 9.53 17.58
C GLU A 96 -7.89 10.70 16.79
N GLN A 97 -7.23 11.04 15.68
CA GLN A 97 -7.67 12.08 14.76
C GLN A 97 -8.38 11.43 13.58
N GLY A 98 -8.44 10.09 13.59
CA GLY A 98 -8.91 9.26 12.48
C GLY A 98 -8.85 9.74 11.04
N MET A 99 -7.77 10.38 10.66
CA MET A 99 -7.54 10.90 9.31
C MET A 99 -7.28 12.35 9.24
N GLU A 100 -6.05 12.60 8.85
CA GLU A 100 -5.46 13.89 8.91
C GLU A 100 -4.07 13.91 8.20
N THR A 101 -3.38 12.76 8.15
CA THR A 101 -2.00 12.65 7.61
C THR A 101 -1.33 11.34 8.02
N SER A 102 -1.58 10.91 9.23
CA SER A 102 -0.90 9.79 9.81
C SER A 102 -1.31 8.48 9.18
N GLU A 103 -2.32 8.52 8.36
CA GLU A 103 -2.85 7.33 7.71
C GLU A 103 -2.28 7.18 6.29
N MET A 104 -2.16 8.28 5.60
CA MET A 104 -1.55 8.31 4.28
C MET A 104 -0.05 8.02 4.35
N LEU A 105 0.63 8.59 5.34
CA LEU A 105 2.05 8.23 5.55
C LEU A 105 2.15 6.76 6.04
N ALA A 106 1.10 6.36 6.74
CA ALA A 106 0.98 5.02 7.28
C ALA A 106 1.07 3.98 6.19
N LEU A 107 0.67 4.34 4.98
CA LEU A 107 0.71 3.47 3.83
C LEU A 107 2.10 2.90 3.63
N LEU A 108 3.11 3.67 3.95
CA LEU A 108 4.45 3.21 3.85
C LEU A 108 4.77 2.19 4.93
N HIS A 109 4.50 2.52 6.19
CA HIS A 109 4.87 1.57 7.24
C HIS A 109 4.12 0.23 7.02
N ILE A 110 2.90 0.34 6.51
CA ILE A 110 2.09 -0.86 6.28
C ILE A 110 2.58 -1.63 5.05
N THR A 111 2.99 -0.92 4.03
CA THR A 111 3.46 -1.59 2.82
C THR A 111 4.83 -2.24 3.06
N ARG A 112 5.61 -1.67 3.93
CA ARG A 112 6.92 -2.21 4.14
C ARG A 112 6.90 -3.27 5.21
N ASP A 113 6.20 -3.01 6.31
CA ASP A 113 6.20 -3.91 7.48
C ASP A 113 5.26 -5.09 7.33
N ALA A 114 4.04 -4.80 6.95
CA ALA A 114 3.02 -5.83 6.88
C ALA A 114 3.26 -6.74 5.71
N TYR A 115 3.59 -6.16 4.57
CA TYR A 115 3.81 -6.95 3.34
C TYR A 115 5.13 -7.72 3.48
N ARG A 116 5.99 -7.11 4.27
CA ARG A 116 7.24 -7.78 4.65
C ARG A 116 6.99 -9.20 5.19
N SER A 117 5.86 -9.44 5.80
CA SER A 117 5.59 -10.75 6.35
C SER A 117 5.29 -11.83 5.27
N TRP A 118 4.95 -11.45 4.03
CA TRP A 118 4.51 -12.46 3.03
C TRP A 118 4.96 -12.16 1.58
N THR A 119 4.92 -10.89 1.18
CA THR A 119 5.32 -10.57 -0.19
C THR A 119 6.83 -10.62 -0.41
N ASN A 120 7.59 -10.11 0.53
CA ASN A 120 9.04 -10.07 0.42
C ASN A 120 9.62 -10.05 1.81
N MET A 7 -1.57 -5.07 9.34
CA MET A 7 -0.81 -6.13 8.65
C MET A 7 -1.67 -6.60 7.48
N ASN A 8 -1.22 -7.59 6.71
CA ASN A 8 -2.01 -8.10 5.61
C ASN A 8 -2.84 -9.24 6.14
N THR A 9 -2.25 -10.46 6.09
CA THR A 9 -2.72 -11.69 6.73
C THR A 9 -2.43 -12.95 5.86
N ASP A 10 -2.46 -14.09 6.53
CA ASP A 10 -2.18 -15.41 5.98
C ASP A 10 -3.34 -15.92 5.15
N VAL A 11 -3.44 -15.50 3.90
CA VAL A 11 -4.46 -15.94 2.97
C VAL A 11 -4.23 -15.29 1.64
N LEU A 12 -4.23 -14.00 1.63
CA LEU A 12 -4.07 -13.28 0.42
C LEU A 12 -2.63 -13.16 0.07
N ASN A 13 -1.81 -12.89 1.05
CA ASN A 13 -0.44 -12.66 0.76
C ASN A 13 0.35 -13.93 0.67
N GLN A 14 0.13 -14.86 1.54
CA GLN A 14 0.90 -16.07 1.38
C GLN A 14 0.26 -17.03 0.40
N GLN A 15 -1.05 -16.94 0.24
CA GLN A 15 -1.66 -17.85 -0.68
C GLN A 15 -1.86 -17.24 -2.04
N LYS A 16 -2.52 -16.12 -2.09
CA LYS A 16 -2.83 -15.49 -3.35
C LYS A 16 -1.67 -14.76 -3.96
N ILE A 17 -0.63 -14.55 -3.20
CA ILE A 17 0.50 -13.96 -3.79
C ILE A 17 1.35 -15.03 -4.33
N GLU A 18 1.46 -16.12 -3.63
CA GLU A 18 2.27 -17.20 -4.07
C GLU A 18 1.83 -17.73 -5.44
N GLU A 19 0.52 -17.75 -5.62
CA GLU A 19 -0.10 -18.29 -6.80
C GLU A 19 -0.17 -17.27 -7.94
N LEU A 20 -0.45 -16.01 -7.62
CA LEU A 20 -0.54 -14.98 -8.64
C LEU A 20 0.83 -14.54 -9.04
N SER A 21 1.68 -14.37 -8.04
CA SER A 21 3.07 -14.05 -8.28
C SER A 21 3.65 -15.11 -9.18
N ALA A 22 4.20 -16.18 -8.59
CA ALA A 22 4.63 -17.33 -9.36
C ALA A 22 5.52 -16.96 -10.56
N GLU A 23 5.24 -17.58 -11.69
CA GLU A 23 5.95 -17.39 -12.93
C GLU A 23 5.57 -16.08 -13.58
N ILE A 24 4.75 -15.30 -12.91
CA ILE A 24 4.26 -14.07 -13.43
C ILE A 24 4.78 -12.91 -12.65
N GLY A 25 4.17 -12.39 -11.61
CA GLY A 25 4.73 -11.25 -10.98
C GLY A 25 5.73 -11.52 -9.92
N SER A 26 6.38 -12.66 -9.91
CA SER A 26 7.53 -12.82 -9.04
C SER A 26 8.71 -12.20 -9.78
N ASP A 27 8.46 -11.88 -11.04
CA ASP A 27 9.40 -11.11 -11.81
C ASP A 27 8.90 -9.71 -12.01
N ASN A 28 7.60 -9.58 -12.16
CA ASN A 28 7.04 -8.28 -12.54
C ASN A 28 6.64 -7.43 -11.33
N VAL A 29 6.07 -8.05 -10.33
CA VAL A 29 5.53 -7.30 -9.21
C VAL A 29 6.54 -6.79 -8.17
N PRO A 30 7.65 -7.49 -7.81
CA PRO A 30 8.66 -6.88 -6.95
C PRO A 30 9.24 -5.65 -7.65
N VAL A 31 9.25 -5.72 -8.99
CA VAL A 31 9.56 -4.54 -9.77
C VAL A 31 8.56 -3.41 -9.44
N LEU A 32 7.30 -3.72 -9.62
CA LEU A 32 6.19 -2.79 -9.50
C LEU A 32 6.09 -2.19 -8.07
N LEU A 33 5.90 -3.08 -7.13
CA LEU A 33 5.80 -2.72 -5.73
C LEU A 33 6.96 -1.80 -5.30
N ASP A 34 8.18 -2.21 -5.56
CA ASP A 34 9.33 -1.44 -5.09
C ASP A 34 9.46 -0.08 -5.81
N ILE A 35 9.03 -0.01 -7.07
CA ILE A 35 9.17 1.23 -7.84
C ILE A 35 8.13 2.24 -7.44
N PHE A 36 6.88 1.80 -7.43
CA PHE A 36 5.74 2.64 -7.16
C PHE A 36 5.68 3.06 -5.74
N LEU A 37 6.42 2.37 -4.91
CA LEU A 37 6.48 2.73 -3.56
C LEU A 37 7.70 3.53 -3.28
N GLY A 38 8.77 3.28 -4.01
CA GLY A 38 9.98 4.07 -3.89
C GLY A 38 9.80 5.49 -4.42
N GLU A 39 9.14 5.65 -5.57
CA GLU A 39 8.88 7.00 -6.11
C GLU A 39 7.81 7.70 -5.27
N MET A 40 6.90 6.90 -4.76
CA MET A 40 5.87 7.38 -3.83
C MET A 40 6.58 7.97 -2.62
N ASP A 41 7.47 7.15 -2.08
CA ASP A 41 8.29 7.39 -0.91
C ASP A 41 9.12 8.65 -1.10
N SER A 42 9.51 8.85 -2.35
CA SER A 42 10.37 9.96 -2.71
C SER A 42 9.68 11.28 -2.43
N TYR A 43 8.39 11.27 -2.64
CA TYR A 43 7.55 12.42 -2.43
C TYR A 43 7.38 12.71 -0.99
N ILE A 44 7.44 11.73 -0.24
CA ILE A 44 7.26 11.88 1.18
C ILE A 44 8.44 12.54 1.79
N GLY A 45 9.60 12.11 1.37
CA GLY A 45 10.78 12.78 1.76
C GLY A 45 10.73 14.24 1.32
N THR A 46 10.72 14.44 0.02
CA THR A 46 10.80 15.74 -0.56
C THR A 46 9.47 16.52 -0.51
N LEU A 47 8.45 16.06 -1.20
CA LEU A 47 7.16 16.73 -1.36
C LEU A 47 6.36 16.81 -0.05
N THR A 48 6.62 15.97 0.94
CA THR A 48 5.87 16.11 2.19
C THR A 48 6.51 17.17 3.02
N GLU A 49 7.78 17.14 2.92
CA GLU A 49 8.61 18.19 3.50
C GLU A 49 8.39 19.53 2.73
N LEU A 50 7.67 19.50 1.62
CA LEU A 50 7.50 20.70 0.84
C LEU A 50 6.01 21.07 0.63
N GLN A 51 5.10 20.11 0.77
CA GLN A 51 3.69 20.32 0.43
C GLN A 51 2.77 19.16 0.89
N GLY A 52 1.61 19.09 0.26
CA GLY A 52 0.56 18.13 0.56
C GLY A 52 0.77 16.80 -0.13
N SER A 53 1.98 16.31 -0.01
CA SER A 53 2.37 15.01 -0.50
C SER A 53 1.85 13.89 0.39
N GLU A 54 0.71 14.14 0.92
CA GLU A 54 0.08 13.21 1.80
C GLU A 54 -1.34 13.13 1.35
N GLN A 55 -1.85 14.29 1.01
CA GLN A 55 -3.10 14.44 0.31
C GLN A 55 -2.92 13.67 -1.00
N LEU A 56 -1.82 14.00 -1.67
CA LEU A 56 -1.42 13.36 -2.87
C LEU A 56 -1.18 11.92 -2.63
N LEU A 57 -0.19 11.61 -1.76
CA LEU A 57 0.38 10.27 -1.78
C LEU A 57 -0.60 9.15 -1.58
N TYR A 58 -1.65 9.43 -0.90
CA TYR A 58 -2.63 8.46 -0.54
C TYR A 58 -3.47 8.09 -1.73
N LEU A 59 -3.97 9.14 -2.34
CA LEU A 59 -4.92 8.90 -3.41
C LEU A 59 -4.22 8.25 -4.56
N LYS A 60 -3.00 8.65 -4.76
CA LYS A 60 -2.26 8.03 -5.80
C LYS A 60 -1.55 6.74 -5.47
N GLU A 61 -1.08 6.54 -4.27
CA GLU A 61 -0.42 5.25 -4.08
C GLU A 61 -1.44 4.13 -4.06
N ILE A 62 -2.48 4.36 -3.33
CA ILE A 62 -3.42 3.30 -3.16
C ILE A 62 -4.27 3.03 -4.41
N SER A 63 -4.44 4.03 -5.27
CA SER A 63 -5.24 3.81 -6.47
C SER A 63 -4.32 3.43 -7.63
N HIS A 64 -3.14 3.99 -7.58
CA HIS A 64 -2.13 3.73 -8.55
C HIS A 64 -1.34 2.49 -8.23
N ALA A 65 -0.50 2.44 -7.22
CA ALA A 65 0.41 1.35 -6.91
C ALA A 65 -0.34 0.19 -6.28
N LEU A 66 -1.00 0.44 -5.14
CA LEU A 66 -1.70 -0.64 -4.47
C LEU A 66 -2.79 -1.19 -5.30
N LYS A 67 -3.62 -0.36 -5.83
CA LYS A 67 -4.75 -0.84 -6.61
C LYS A 67 -4.27 -1.68 -7.82
N SER A 68 -3.03 -1.47 -8.23
CA SER A 68 -2.46 -2.26 -9.28
C SER A 68 -1.91 -3.59 -8.76
N SER A 69 -1.05 -3.52 -7.76
CA SER A 69 -0.36 -4.65 -7.21
C SER A 69 -1.35 -5.50 -6.46
N ALA A 70 -2.20 -4.85 -5.68
CA ALA A 70 -3.13 -5.52 -4.79
C ALA A 70 -4.20 -6.24 -5.57
N ALA A 71 -4.63 -5.65 -6.65
CA ALA A 71 -5.66 -6.24 -7.50
C ALA A 71 -5.17 -7.58 -8.04
N SER A 72 -3.87 -7.72 -8.11
CA SER A 72 -3.27 -8.96 -8.50
C SER A 72 -2.79 -9.76 -7.26
N PHE A 73 -2.03 -9.13 -6.35
CA PHE A 73 -1.30 -9.87 -5.28
C PHE A 73 -1.86 -9.67 -3.85
N GLY A 74 -3.07 -9.32 -3.81
CA GLY A 74 -3.79 -9.09 -2.56
C GLY A 74 -5.18 -8.77 -2.92
N ALA A 75 -5.58 -9.54 -3.92
CA ALA A 75 -6.89 -9.44 -4.58
C ALA A 75 -8.00 -9.96 -3.65
N ASP A 76 -7.74 -9.90 -2.39
CA ASP A 76 -8.59 -10.35 -1.35
C ASP A 76 -8.77 -9.05 -0.55
N ARG A 77 -8.63 -9.03 0.75
CA ARG A 77 -8.84 -7.89 1.61
C ARG A 77 -8.06 -6.65 1.28
N LEU A 78 -6.74 -6.68 1.38
CA LEU A 78 -5.94 -5.45 1.30
C LEU A 78 -6.27 -4.64 0.05
N CYS A 79 -6.75 -5.35 -0.95
CA CYS A 79 -7.06 -4.66 -2.19
C CYS A 79 -8.23 -3.70 -1.97
N GLU A 80 -9.34 -4.22 -1.52
CA GLU A 80 -10.52 -3.37 -1.52
C GLU A 80 -10.99 -3.05 -0.13
N ARG A 81 -10.66 -3.97 0.72
CA ARG A 81 -11.00 -3.92 2.10
C ARG A 81 -10.01 -2.97 2.75
N ALA A 82 -8.85 -2.75 2.18
CA ALA A 82 -8.01 -1.80 2.81
C ALA A 82 -8.40 -0.48 2.25
N ILE A 83 -8.53 -0.47 0.94
CA ILE A 83 -8.91 0.79 0.33
C ILE A 83 -10.16 1.48 0.90
N ALA A 84 -11.39 1.02 0.58
CA ALA A 84 -12.58 1.57 1.25
C ALA A 84 -12.48 1.67 2.75
N ILE A 85 -11.87 0.67 3.33
CA ILE A 85 -11.97 0.51 4.72
C ILE A 85 -10.81 1.16 5.45
N ASP A 86 -10.05 1.97 4.72
CA ASP A 86 -8.95 2.74 5.21
C ASP A 86 -9.49 3.97 5.64
N LYS A 87 -9.87 4.71 4.60
CA LYS A 87 -10.40 6.02 4.71
C LYS A 87 -11.36 6.07 5.83
N LYS A 88 -12.53 5.52 5.55
CA LYS A 88 -13.55 5.22 6.50
C LYS A 88 -13.10 5.24 7.97
N ALA A 89 -12.37 4.28 8.46
CA ALA A 89 -12.30 4.27 9.87
C ALA A 89 -10.97 3.99 10.30
N LYS A 90 -10.37 3.01 9.67
CA LYS A 90 -9.03 2.76 10.16
C LYS A 90 -8.18 4.04 10.04
N ALA A 91 -8.48 4.95 9.07
CA ALA A 91 -7.74 6.18 8.98
C ALA A 91 -8.27 7.22 9.94
N ASN A 92 -9.61 7.26 10.17
CA ASN A 92 -10.07 8.21 11.19
C ASN A 92 -9.72 7.73 12.60
N GLN A 93 -9.46 6.44 12.70
CA GLN A 93 -9.20 5.77 13.95
C GLN A 93 -7.82 6.11 14.38
N LEU A 94 -6.87 6.11 13.48
CA LEU A 94 -5.47 6.35 13.69
C LEU A 94 -5.22 7.68 14.35
N GLN A 95 -5.35 8.73 13.58
CA GLN A 95 -5.02 10.09 13.96
C GLN A 95 -6.13 10.64 14.80
N GLU A 96 -5.78 11.38 15.82
CA GLU A 96 -6.80 11.94 16.68
C GLU A 96 -7.19 13.28 16.06
N GLN A 97 -6.39 13.67 15.05
CA GLN A 97 -6.54 14.93 14.37
C GLN A 97 -7.57 14.80 13.25
N GLY A 98 -8.12 13.60 13.10
CA GLY A 98 -9.13 13.40 12.11
C GLY A 98 -8.60 13.25 10.70
N MET A 99 -7.85 12.16 10.44
CA MET A 99 -7.36 11.73 9.11
C MET A 99 -6.88 12.85 8.19
N GLU A 100 -5.57 13.13 8.22
CA GLU A 100 -5.06 14.26 7.47
C GLU A 100 -3.56 14.12 7.12
N THR A 101 -3.00 12.90 7.27
CA THR A 101 -1.56 12.66 7.04
C THR A 101 -1.09 11.27 7.46
N SER A 102 -1.32 10.90 8.70
CA SER A 102 -0.69 9.72 9.26
C SER A 102 -1.36 8.42 8.83
N GLU A 103 -2.38 8.51 8.05
CA GLU A 103 -3.05 7.32 7.60
C GLU A 103 -2.35 6.86 6.35
N MET A 104 -2.03 7.84 5.55
CA MET A 104 -1.36 7.68 4.31
C MET A 104 0.10 7.27 4.56
N LEU A 105 0.79 7.88 5.55
CA LEU A 105 2.15 7.41 5.90
C LEU A 105 2.09 5.98 6.42
N ALA A 106 0.98 5.66 7.06
CA ALA A 106 0.74 4.33 7.57
C ALA A 106 0.76 3.32 6.43
N LEU A 107 0.40 3.75 5.23
CA LEU A 107 0.45 2.90 4.03
C LEU A 107 1.81 2.40 3.77
N LEU A 108 2.84 3.16 4.10
CA LEU A 108 4.16 2.70 3.86
C LEU A 108 4.56 1.60 4.82
N HIS A 109 4.35 1.81 6.11
CA HIS A 109 4.69 0.72 7.06
C HIS A 109 3.84 -0.55 6.78
N ILE A 110 2.75 -0.40 6.06
CA ILE A 110 1.98 -1.59 5.70
C ILE A 110 2.45 -2.17 4.35
N THR A 111 2.68 -1.31 3.39
CA THR A 111 3.08 -1.78 2.07
C THR A 111 4.55 -2.20 2.07
N ARG A 112 5.36 -1.61 2.93
CA ARG A 112 6.74 -2.00 3.00
C ARG A 112 6.98 -2.98 4.12
N ASP A 113 6.47 -2.77 5.32
CA ASP A 113 6.76 -3.69 6.43
C ASP A 113 5.90 -4.93 6.45
N ALA A 114 4.60 -4.76 6.31
CA ALA A 114 3.68 -5.89 6.35
C ALA A 114 4.00 -6.84 5.23
N TYR A 115 4.27 -6.26 4.07
CA TYR A 115 4.60 -6.99 2.85
C TYR A 115 5.93 -7.73 3.01
N ARG A 116 6.80 -7.11 3.77
CA ARG A 116 8.12 -7.73 4.03
C ARG A 116 8.03 -9.08 4.76
N SER A 117 6.85 -9.42 5.23
CA SER A 117 6.61 -10.71 5.84
C SER A 117 6.32 -11.83 4.78
N TRP A 118 5.80 -11.49 3.59
CA TRP A 118 5.33 -12.50 2.61
C TRP A 118 5.67 -12.08 1.17
N THR A 119 5.47 -10.80 0.90
CA THR A 119 5.70 -10.16 -0.40
C THR A 119 7.20 -9.83 -0.69
N ASN A 120 8.12 -10.60 -0.12
CA ASN A 120 9.58 -10.42 -0.29
C ASN A 120 10.08 -9.28 0.56
N MET A 7 0.62 -5.24 9.85
CA MET A 7 1.30 -5.89 8.71
C MET A 7 0.25 -6.22 7.64
N ASN A 8 0.55 -7.17 6.76
CA ASN A 8 -0.42 -7.60 5.76
C ASN A 8 -1.19 -8.75 6.33
N THR A 9 -0.55 -9.95 6.26
CA THR A 9 -0.99 -11.21 6.86
C THR A 9 -0.73 -12.42 5.94
N ASP A 10 -0.58 -13.55 6.58
CA ASP A 10 -0.32 -14.83 5.96
C ASP A 10 -1.60 -15.47 5.45
N VAL A 11 -1.97 -15.14 4.22
CA VAL A 11 -3.14 -15.66 3.54
C VAL A 11 -3.24 -14.94 2.23
N LEU A 12 -2.82 -13.71 2.24
CA LEU A 12 -2.82 -12.90 1.07
C LEU A 12 -1.45 -12.73 0.49
N ASN A 13 -0.55 -12.24 1.23
CA ASN A 13 0.69 -11.84 0.69
C ASN A 13 1.56 -13.01 0.44
N GLN A 14 1.50 -14.01 1.26
CA GLN A 14 2.28 -15.18 0.98
C GLN A 14 1.48 -16.24 0.23
N GLN A 15 0.15 -16.17 0.23
CA GLN A 15 -0.59 -17.15 -0.52
C GLN A 15 -0.99 -16.60 -1.85
N LYS A 16 -1.64 -15.45 -1.85
CA LYS A 16 -2.02 -14.78 -3.11
C LYS A 16 -0.80 -14.41 -3.89
N ILE A 17 0.32 -14.15 -3.21
CA ILE A 17 1.51 -13.91 -4.00
C ILE A 17 2.00 -15.22 -4.62
N GLU A 18 1.87 -16.31 -3.91
CA GLU A 18 2.24 -17.55 -4.47
C GLU A 18 1.32 -17.93 -5.63
N GLU A 19 0.04 -17.92 -5.37
CA GLU A 19 -1.00 -18.33 -6.32
C GLU A 19 -1.13 -17.34 -7.48
N LEU A 20 -1.34 -16.08 -7.16
CA LEU A 20 -1.64 -15.06 -8.15
C LEU A 20 -0.42 -14.42 -8.72
N SER A 21 0.54 -14.10 -7.88
CA SER A 21 1.74 -13.56 -8.40
C SER A 21 2.43 -14.65 -9.20
N ALA A 22 3.04 -15.66 -8.58
CA ALA A 22 3.55 -16.81 -9.34
C ALA A 22 4.35 -16.44 -10.60
N GLU A 23 4.11 -17.20 -11.67
CA GLU A 23 4.70 -17.05 -13.02
C GLU A 23 4.48 -15.64 -13.59
N ILE A 24 3.59 -14.91 -12.98
CA ILE A 24 3.37 -13.54 -13.31
C ILE A 24 4.10 -12.64 -12.34
N GLY A 25 3.49 -12.10 -11.30
CA GLY A 25 4.06 -11.20 -10.34
C GLY A 25 5.31 -11.60 -9.60
N SER A 26 5.83 -12.83 -9.68
CA SER A 26 7.10 -13.12 -9.00
C SER A 26 8.19 -12.27 -9.66
N ASP A 27 7.93 -11.96 -10.92
CA ASP A 27 8.79 -11.08 -11.70
C ASP A 27 8.28 -9.65 -11.74
N ASN A 28 7.00 -9.50 -12.02
CA ASN A 28 6.45 -8.19 -12.35
C ASN A 28 6.08 -7.38 -11.13
N VAL A 29 5.53 -8.04 -10.12
CA VAL A 29 5.01 -7.31 -8.99
C VAL A 29 6.09 -6.59 -8.14
N PRO A 30 7.33 -7.16 -7.90
CA PRO A 30 8.37 -6.41 -7.18
C PRO A 30 8.77 -5.16 -7.95
N VAL A 31 8.78 -5.31 -9.28
CA VAL A 31 9.08 -4.19 -10.15
C VAL A 31 8.06 -3.07 -9.95
N LEU A 32 6.78 -3.44 -9.95
CA LEU A 32 5.68 -2.50 -9.89
C LEU A 32 5.62 -1.86 -8.48
N LEU A 33 5.49 -2.73 -7.53
CA LEU A 33 5.36 -2.31 -6.15
C LEU A 33 6.48 -1.32 -5.79
N ASP A 34 7.71 -1.67 -6.09
CA ASP A 34 8.85 -0.83 -5.73
C ASP A 34 8.82 0.54 -6.42
N ILE A 35 8.38 0.57 -7.67
CA ILE A 35 8.40 1.83 -8.41
C ILE A 35 7.30 2.74 -7.91
N PHE A 36 6.11 2.20 -7.78
CA PHE A 36 4.96 2.98 -7.47
C PHE A 36 4.89 3.34 -6.01
N LEU A 37 5.68 2.69 -5.22
CA LEU A 37 5.82 3.04 -3.86
C LEU A 37 6.92 4.06 -3.78
N GLY A 38 8.06 3.79 -4.43
CA GLY A 38 9.19 4.69 -4.45
C GLY A 38 8.88 6.07 -5.02
N GLU A 39 8.19 6.14 -6.17
CA GLU A 39 7.81 7.44 -6.79
C GLU A 39 6.85 8.20 -5.88
N MET A 40 5.97 7.44 -5.28
CA MET A 40 5.04 8.06 -4.35
C MET A 40 5.76 8.57 -3.14
N ASP A 41 6.69 7.80 -2.68
CA ASP A 41 7.52 8.02 -1.54
C ASP A 41 8.39 9.20 -1.77
N SER A 42 8.76 9.32 -3.04
CA SER A 42 9.62 10.37 -3.48
C SER A 42 8.99 11.64 -3.21
N TYR A 43 7.82 11.68 -3.74
CA TYR A 43 7.10 12.83 -3.79
C TYR A 43 6.69 13.33 -2.51
N ILE A 44 6.20 12.49 -1.69
CA ILE A 44 5.63 12.87 -0.46
C ILE A 44 6.68 13.27 0.55
N GLY A 45 7.88 12.75 0.43
CA GLY A 45 8.96 13.23 1.28
C GLY A 45 9.12 14.74 1.10
N THR A 46 9.13 15.13 -0.15
CA THR A 46 9.30 16.49 -0.53
C THR A 46 7.98 17.24 -0.36
N LEU A 47 6.94 16.68 -0.91
CA LEU A 47 5.60 17.19 -0.93
C LEU A 47 4.94 17.33 0.44
N THR A 48 5.39 16.56 1.43
CA THR A 48 4.96 16.75 2.84
C THR A 48 5.64 17.96 3.43
N GLU A 49 6.91 18.04 3.17
CA GLU A 49 7.72 19.17 3.64
C GLU A 49 7.43 20.43 2.80
N LEU A 50 6.50 20.27 1.88
CA LEU A 50 5.99 21.32 1.07
C LEU A 50 4.50 21.59 1.37
N GLN A 51 3.76 20.53 1.74
CA GLN A 51 2.31 20.60 1.89
C GLN A 51 1.77 19.29 2.41
N GLY A 52 0.47 19.19 2.46
CA GLY A 52 -0.15 17.98 2.92
C GLY A 52 -0.32 16.96 1.82
N SER A 53 0.49 17.09 0.77
CA SER A 53 0.51 16.21 -0.36
C SER A 53 0.49 14.72 -0.01
N GLU A 54 1.14 14.28 1.03
CA GLU A 54 0.85 12.91 1.60
C GLU A 54 -0.69 12.51 1.47
N GLN A 55 -1.55 13.54 1.50
CA GLN A 55 -2.99 13.42 1.17
C GLN A 55 -3.16 12.73 -0.23
N LEU A 56 -2.42 13.25 -1.21
CA LEU A 56 -2.31 12.79 -2.58
C LEU A 56 -1.89 11.34 -2.57
N LEU A 57 -0.87 11.11 -1.76
CA LEU A 57 -0.18 9.82 -1.60
C LEU A 57 -1.15 8.69 -1.46
N TYR A 58 -2.24 8.97 -0.80
CA TYR A 58 -3.25 8.05 -0.38
C TYR A 58 -4.04 7.52 -1.53
N LEU A 59 -4.55 8.45 -2.31
CA LEU A 59 -5.49 7.98 -3.32
C LEU A 59 -4.73 7.21 -4.34
N LYS A 60 -3.59 7.72 -4.63
CA LYS A 60 -2.81 7.15 -5.66
C LYS A 60 -1.98 5.95 -5.32
N GLU A 61 -1.35 5.95 -4.18
CA GLU A 61 -0.59 4.74 -3.95
C GLU A 61 -1.57 3.59 -3.76
N ILE A 62 -2.63 3.87 -3.06
CA ILE A 62 -3.51 2.76 -2.72
C ILE A 62 -4.45 2.34 -3.85
N SER A 63 -4.92 3.26 -4.66
CA SER A 63 -5.87 2.87 -5.69
C SER A 63 -5.12 2.60 -6.98
N HIS A 64 -4.03 3.28 -7.13
CA HIS A 64 -3.22 3.11 -8.28
C HIS A 64 -2.21 1.99 -8.12
N ALA A 65 -1.25 2.03 -7.20
CA ALA A 65 -0.16 1.06 -7.07
C ALA A 65 -0.61 -0.15 -6.31
N LEU A 66 -1.08 0.08 -5.10
CA LEU A 66 -1.48 -0.95 -4.20
C LEU A 66 -2.62 -1.73 -4.78
N LYS A 67 -3.65 -1.03 -5.18
CA LYS A 67 -4.80 -1.70 -5.79
C LYS A 67 -4.40 -2.51 -7.04
N SER A 68 -3.30 -2.16 -7.70
CA SER A 68 -2.90 -2.87 -8.88
C SER A 68 -2.05 -4.09 -8.55
N SER A 69 -1.14 -3.92 -7.64
CA SER A 69 -0.20 -4.91 -7.27
C SER A 69 -0.87 -5.87 -6.29
N ALA A 70 -1.75 -5.32 -5.47
CA ALA A 70 -2.51 -6.15 -4.53
C ALA A 70 -3.40 -7.08 -5.30
N ALA A 71 -3.92 -6.65 -6.41
CA ALA A 71 -4.73 -7.51 -7.25
C ALA A 71 -3.88 -8.69 -7.71
N SER A 72 -2.58 -8.46 -7.84
CA SER A 72 -1.65 -9.51 -8.12
C SER A 72 -1.16 -10.25 -6.85
N PHE A 73 -0.94 -9.57 -5.70
CA PHE A 73 -0.36 -10.31 -4.53
C PHE A 73 -1.22 -10.34 -3.25
N GLY A 74 -2.42 -9.92 -3.36
CA GLY A 74 -3.28 -9.76 -2.20
C GLY A 74 -4.68 -9.43 -2.65
N ALA A 75 -5.10 -10.20 -3.63
CA ALA A 75 -6.45 -10.02 -4.22
C ALA A 75 -7.52 -10.59 -3.29
N ASP A 76 -7.21 -10.48 -2.03
CA ASP A 76 -7.89 -10.98 -0.91
C ASP A 76 -8.26 -9.69 -0.16
N ARG A 77 -8.17 -9.64 1.13
CA ARG A 77 -8.58 -8.57 1.98
C ARG A 77 -7.92 -7.23 1.74
N LEU A 78 -6.61 -7.18 1.68
CA LEU A 78 -5.96 -5.88 1.65
C LEU A 78 -6.40 -5.09 0.41
N CYS A 79 -6.84 -5.84 -0.58
CA CYS A 79 -7.16 -5.20 -1.83
C CYS A 79 -8.47 -4.41 -1.71
N GLU A 80 -9.51 -5.05 -1.27
CA GLU A 80 -10.80 -4.37 -1.28
C GLU A 80 -11.34 -4.17 0.11
N ARG A 81 -10.93 -5.05 0.97
CA ARG A 81 -11.33 -4.98 2.33
C ARG A 81 -10.51 -3.86 2.97
N ALA A 82 -9.35 -3.52 2.42
CA ALA A 82 -8.66 -2.45 3.03
C ALA A 82 -9.14 -1.20 2.40
N ILE A 83 -9.11 -1.18 1.09
CA ILE A 83 -9.46 0.09 0.41
C ILE A 83 -10.79 0.75 0.82
N ALA A 84 -11.80 -0.03 1.05
CA ALA A 84 -13.11 0.53 1.33
C ALA A 84 -13.19 0.75 2.82
N ILE A 85 -12.57 -0.19 3.52
CA ILE A 85 -12.66 -0.29 4.94
C ILE A 85 -11.50 0.42 5.59
N ASP A 86 -10.81 1.22 4.80
CA ASP A 86 -9.68 1.99 5.21
C ASP A 86 -10.10 3.31 5.42
N LYS A 87 -10.68 3.87 4.38
CA LYS A 87 -11.07 5.21 4.47
C LYS A 87 -12.00 5.34 5.65
N LYS A 88 -13.13 4.63 5.59
CA LYS A 88 -14.03 4.63 6.73
C LYS A 88 -13.44 4.53 8.15
N ALA A 89 -12.53 3.63 8.44
CA ALA A 89 -12.14 3.46 9.80
C ALA A 89 -10.69 3.25 9.87
N LYS A 90 -10.15 2.47 8.98
CA LYS A 90 -8.70 2.38 9.06
C LYS A 90 -8.05 3.76 9.09
N ALA A 91 -8.56 4.76 8.39
CA ALA A 91 -8.04 6.05 8.50
C ALA A 91 -8.76 6.82 9.59
N ASN A 92 -10.08 6.62 9.81
CA ASN A 92 -10.68 7.37 10.92
C ASN A 92 -10.38 6.85 12.32
N GLN A 93 -10.02 5.61 12.45
CA GLN A 93 -9.74 5.02 13.74
C GLN A 93 -8.29 5.12 14.10
N LEU A 94 -7.38 5.09 13.13
CA LEU A 94 -5.96 5.07 13.28
C LEU A 94 -5.37 6.39 13.69
N GLN A 95 -5.50 7.39 12.81
CA GLN A 95 -5.06 8.76 12.87
C GLN A 95 -4.74 9.32 14.21
N GLU A 96 -3.90 10.31 14.21
CA GLU A 96 -3.62 10.94 15.43
C GLU A 96 -4.44 12.23 15.42
N GLN A 97 -4.37 12.92 14.27
CA GLN A 97 -5.00 14.21 14.03
C GLN A 97 -6.35 14.20 13.28
N GLY A 98 -7.00 13.07 13.17
CA GLY A 98 -8.30 13.05 12.50
C GLY A 98 -8.24 12.84 11.01
N MET A 99 -7.44 11.88 10.58
CA MET A 99 -7.27 11.47 9.21
C MET A 99 -6.84 12.59 8.31
N GLU A 100 -5.57 12.84 8.31
CA GLU A 100 -5.04 13.90 7.51
C GLU A 100 -3.56 13.75 7.32
N THR A 101 -3.01 12.57 7.66
CA THR A 101 -1.56 12.40 7.64
C THR A 101 -1.07 11.06 8.25
N SER A 102 -1.42 10.77 9.49
CA SER A 102 -0.79 9.70 10.26
C SER A 102 -1.06 8.33 9.66
N GLU A 103 -2.22 8.23 9.10
CA GLU A 103 -2.75 7.01 8.57
C GLU A 103 -2.28 6.80 7.11
N MET A 104 -2.34 7.87 6.34
CA MET A 104 -1.83 7.88 4.97
C MET A 104 -0.30 7.64 4.94
N LEU A 105 0.45 8.30 5.83
CA LEU A 105 1.90 8.04 5.94
C LEU A 105 2.16 6.61 6.41
N ALA A 106 1.20 6.12 7.21
CA ALA A 106 1.26 4.77 7.72
C ALA A 106 1.41 3.77 6.60
N LEU A 107 0.85 4.09 5.43
CA LEU A 107 0.94 3.27 4.24
C LEU A 107 2.34 2.95 3.88
N LEU A 108 3.26 3.89 3.93
CA LEU A 108 4.62 3.66 3.56
C LEU A 108 5.28 2.65 4.47
N HIS A 109 5.26 2.92 5.76
CA HIS A 109 5.92 1.96 6.67
C HIS A 109 5.27 0.55 6.58
N ILE A 110 3.99 0.50 6.25
CA ILE A 110 3.33 -0.80 6.10
C ILE A 110 3.66 -1.42 4.74
N THR A 111 3.73 -0.60 3.75
CA THR A 111 3.95 -1.06 2.40
C THR A 111 5.44 -1.36 2.16
N ARG A 112 6.31 -0.67 2.85
CA ARG A 112 7.70 -0.97 2.65
C ARG A 112 8.15 -2.07 3.59
N ASP A 113 7.83 -1.97 4.86
CA ASP A 113 8.40 -2.89 5.84
C ASP A 113 7.69 -4.23 5.87
N ALA A 114 6.37 -4.20 5.83
CA ALA A 114 5.59 -5.43 5.87
C ALA A 114 5.76 -6.21 4.58
N TYR A 115 5.90 -5.49 3.49
CA TYR A 115 6.04 -6.14 2.17
C TYR A 115 7.42 -6.76 2.06
N ARG A 116 8.28 -6.12 2.75
CA ARG A 116 9.63 -6.67 2.84
C ARG A 116 9.69 -7.95 3.68
N SER A 117 8.55 -8.36 4.21
CA SER A 117 8.41 -9.62 4.94
C SER A 117 7.84 -10.78 4.05
N TRP A 118 7.20 -10.50 2.88
CA TRP A 118 6.61 -11.57 2.02
C TRP A 118 6.75 -11.21 0.54
N THR A 119 6.46 -9.95 0.27
CA THR A 119 6.51 -9.37 -1.07
C THR A 119 7.93 -9.10 -1.63
N ASN A 120 8.92 -9.84 -1.14
CA ASN A 120 10.31 -9.79 -1.61
C ASN A 120 11.07 -8.61 -1.03
N MET A 7 -3.26 -8.86 9.53
CA MET A 7 -2.28 -8.59 8.46
C MET A 7 -2.60 -9.45 7.25
N ASN A 8 -1.84 -9.27 6.18
CA ASN A 8 -2.07 -9.98 4.93
C ASN A 8 -1.38 -11.34 4.98
N THR A 9 -2.01 -12.25 5.66
CA THR A 9 -1.42 -13.53 5.98
C THR A 9 -2.01 -14.68 5.11
N ASP A 10 -2.13 -15.84 5.73
CA ASP A 10 -2.74 -17.01 5.17
C ASP A 10 -4.19 -16.64 4.97
N VAL A 11 -4.53 -16.24 3.76
CA VAL A 11 -5.81 -15.68 3.40
C VAL A 11 -5.69 -15.15 1.98
N LEU A 12 -4.61 -14.42 1.72
CA LEU A 12 -4.45 -13.79 0.43
C LEU A 12 -3.02 -13.72 -0.03
N ASN A 13 -2.08 -13.45 0.87
CA ASN A 13 -0.71 -13.27 0.41
C ASN A 13 -0.14 -14.58 -0.09
N GLN A 14 -0.19 -15.57 0.69
CA GLN A 14 0.37 -16.84 0.28
C GLN A 14 -0.46 -17.51 -0.84
N GLN A 15 -1.78 -17.31 -0.81
CA GLN A 15 -2.64 -17.79 -1.85
C GLN A 15 -2.53 -16.95 -3.10
N LYS A 16 -3.04 -15.74 -3.00
CA LYS A 16 -3.23 -14.87 -4.15
C LYS A 16 -2.06 -13.99 -4.45
N ILE A 17 -1.09 -14.00 -3.58
CA ILE A 17 0.07 -13.27 -3.89
C ILE A 17 0.99 -14.27 -4.47
N GLU A 18 1.02 -15.47 -3.93
CA GLU A 18 1.96 -16.41 -4.42
C GLU A 18 1.50 -17.09 -5.70
N GLU A 19 0.22 -17.00 -5.99
CA GLU A 19 -0.34 -17.57 -7.20
C GLU A 19 -0.35 -16.52 -8.33
N LEU A 20 -0.56 -15.24 -7.96
CA LEU A 20 -0.51 -14.17 -8.94
C LEU A 20 0.92 -13.80 -9.18
N SER A 21 1.70 -13.84 -8.12
CA SER A 21 3.13 -13.84 -8.27
C SER A 21 3.54 -15.02 -9.14
N ALA A 22 4.03 -16.12 -8.56
CA ALA A 22 4.34 -17.32 -9.35
C ALA A 22 5.16 -17.00 -10.60
N GLU A 23 4.79 -17.57 -11.71
CA GLU A 23 5.44 -17.35 -13.00
C GLU A 23 4.94 -16.06 -13.65
N ILE A 24 4.20 -15.29 -12.92
CA ILE A 24 3.64 -14.06 -13.40
C ILE A 24 4.22 -12.92 -12.62
N GLY A 25 3.66 -12.45 -11.51
CA GLY A 25 4.20 -11.47 -10.67
C GLY A 25 5.60 -11.65 -10.19
N SER A 26 6.21 -12.79 -10.30
CA SER A 26 7.60 -12.85 -9.88
C SER A 26 8.46 -11.96 -10.81
N ASP A 27 7.92 -11.64 -11.98
CA ASP A 27 8.52 -10.64 -12.83
C ASP A 27 7.68 -9.40 -13.00
N ASN A 28 6.48 -9.38 -12.43
CA ASN A 28 5.66 -8.17 -12.52
C ASN A 28 5.52 -7.46 -11.14
N VAL A 29 5.33 -8.24 -10.08
CA VAL A 29 5.11 -7.70 -8.73
C VAL A 29 6.27 -6.95 -8.08
N PRO A 30 7.57 -7.42 -8.12
CA PRO A 30 8.65 -6.66 -7.49
C PRO A 30 8.94 -5.43 -8.33
N VAL A 31 8.61 -5.53 -9.61
CA VAL A 31 8.66 -4.38 -10.46
C VAL A 31 7.71 -3.31 -9.92
N LEU A 32 6.44 -3.65 -9.86
CA LEU A 32 5.39 -2.70 -9.52
C LEU A 32 5.54 -2.21 -8.06
N LEU A 33 5.36 -3.16 -7.18
CA LEU A 33 5.35 -2.87 -5.75
C LEU A 33 6.56 -2.02 -5.34
N ASP A 34 7.75 -2.45 -5.70
CA ASP A 34 8.96 -1.80 -5.22
C ASP A 34 9.17 -0.41 -5.83
N ILE A 35 8.70 -0.21 -7.06
CA ILE A 35 8.90 1.07 -7.73
C ILE A 35 7.95 2.10 -7.17
N PHE A 36 6.69 1.72 -7.10
CA PHE A 36 5.64 2.60 -6.71
C PHE A 36 5.62 2.86 -5.23
N LEU A 37 6.33 2.06 -4.51
CA LEU A 37 6.47 2.30 -3.13
C LEU A 37 7.75 3.02 -2.86
N GLY A 38 8.80 2.74 -3.62
CA GLY A 38 10.08 3.42 -3.49
C GLY A 38 10.04 4.87 -3.97
N GLU A 39 9.36 5.15 -5.10
CA GLU A 39 9.26 6.53 -5.56
C GLU A 39 8.20 7.27 -4.78
N MET A 40 7.21 6.54 -4.32
CA MET A 40 6.26 7.20 -3.42
C MET A 40 6.93 7.57 -2.14
N ASP A 41 7.79 6.68 -1.70
CA ASP A 41 8.64 6.85 -0.53
C ASP A 41 9.52 8.05 -0.76
N SER A 42 9.80 8.29 -2.01
CA SER A 42 10.63 9.40 -2.37
C SER A 42 9.86 10.65 -2.19
N TYR A 43 8.70 10.63 -2.78
CA TYR A 43 7.90 11.76 -2.89
C TYR A 43 7.42 12.27 -1.62
N ILE A 44 6.95 11.43 -0.84
CA ILE A 44 6.41 11.70 0.44
C ILE A 44 7.50 12.23 1.36
N GLY A 45 8.70 11.73 1.18
CA GLY A 45 9.83 12.23 1.95
C GLY A 45 10.18 13.69 1.62
N THR A 46 10.22 14.02 0.34
CA THR A 46 10.63 15.31 -0.15
C THR A 46 9.46 16.27 -0.12
N LEU A 47 8.37 15.84 -0.69
CA LEU A 47 7.11 16.56 -0.81
C LEU A 47 6.42 16.81 0.53
N THR A 48 6.74 16.04 1.57
CA THR A 48 6.23 16.37 2.93
C THR A 48 7.14 17.41 3.53
N GLU A 49 8.39 17.31 3.13
CA GLU A 49 9.41 18.27 3.51
C GLU A 49 9.15 19.57 2.72
N LEU A 50 8.16 19.53 1.83
CA LEU A 50 7.76 20.65 1.07
C LEU A 50 6.35 21.09 1.43
N GLN A 51 5.46 20.13 1.73
CA GLN A 51 4.02 20.40 1.83
C GLN A 51 3.22 19.13 2.10
N GLY A 52 1.91 19.20 1.87
CA GLY A 52 1.04 18.04 1.97
C GLY A 52 0.87 17.37 0.62
N SER A 53 1.83 17.59 -0.24
CA SER A 53 1.87 16.94 -1.53
C SER A 53 1.89 15.46 -1.31
N GLU A 54 2.82 15.04 -0.45
CA GLU A 54 2.88 13.74 0.21
C GLU A 54 1.48 13.08 0.24
N GLN A 55 0.57 13.81 0.86
CA GLN A 55 -0.85 13.46 0.92
C GLN A 55 -1.43 12.98 -0.43
N LEU A 56 -1.50 13.88 -1.43
CA LEU A 56 -2.02 13.61 -2.74
C LEU A 56 -1.26 12.45 -3.35
N LEU A 57 -0.01 12.31 -2.96
CA LEU A 57 0.86 11.31 -3.52
C LEU A 57 0.59 9.92 -2.93
N TYR A 58 -0.39 9.92 -2.06
CA TYR A 58 -0.99 8.72 -1.51
C TYR A 58 -2.28 8.47 -2.14
N LEU A 59 -2.95 9.56 -2.38
CA LEU A 59 -4.16 9.41 -3.21
C LEU A 59 -3.72 8.68 -4.49
N LYS A 60 -2.55 9.05 -4.97
CA LYS A 60 -1.96 8.35 -6.12
C LYS A 60 -1.51 6.97 -5.76
N GLU A 61 -0.76 6.83 -4.70
CA GLU A 61 -0.23 5.47 -4.55
C GLU A 61 -1.30 4.49 -4.21
N ILE A 62 -2.27 4.92 -3.48
CA ILE A 62 -3.26 3.92 -3.07
C ILE A 62 -4.41 3.76 -4.06
N SER A 63 -4.70 4.76 -4.88
CA SER A 63 -5.76 4.61 -5.86
C SER A 63 -5.11 4.12 -7.15
N HIS A 64 -3.99 4.72 -7.43
CA HIS A 64 -3.23 4.43 -8.61
C HIS A 64 -2.39 3.16 -8.47
N ALA A 65 -1.32 3.09 -7.67
CA ALA A 65 -0.35 2.01 -7.64
C ALA A 65 -0.84 0.81 -6.85
N LEU A 66 -1.22 1.03 -5.60
CA LEU A 66 -1.65 0.01 -4.67
C LEU A 66 -2.95 -0.58 -5.12
N LYS A 67 -3.85 0.27 -5.55
CA LYS A 67 -5.10 -0.29 -6.03
C LYS A 67 -4.85 -1.06 -7.34
N SER A 68 -3.70 -0.84 -7.99
CA SER A 68 -3.34 -1.57 -9.18
C SER A 68 -2.76 -2.91 -8.83
N SER A 69 -1.81 -2.91 -7.94
CA SER A 69 -1.05 -4.02 -7.56
C SER A 69 -1.87 -4.91 -6.66
N ALA A 70 -2.65 -4.31 -5.81
CA ALA A 70 -3.45 -5.06 -4.87
C ALA A 70 -4.57 -5.77 -5.61
N ALA A 71 -5.08 -5.17 -6.65
CA ALA A 71 -6.17 -5.77 -7.42
C ALA A 71 -5.64 -7.01 -8.10
N SER A 72 -4.35 -6.99 -8.35
CA SER A 72 -3.67 -8.10 -8.94
C SER A 72 -3.21 -9.07 -7.84
N PHE A 73 -2.47 -8.61 -6.85
CA PHE A 73 -1.82 -9.55 -5.90
C PHE A 73 -2.19 -9.33 -4.40
N GLY A 74 -3.40 -8.98 -4.20
CA GLY A 74 -3.91 -8.77 -2.85
C GLY A 74 -5.33 -8.32 -2.92
N ALA A 75 -5.98 -8.99 -3.85
CA ALA A 75 -7.35 -8.65 -4.28
C ALA A 75 -8.44 -8.88 -3.21
N ASP A 76 -8.06 -8.80 -1.96
CA ASP A 76 -8.96 -9.00 -0.85
C ASP A 76 -8.61 -7.80 0.05
N ARG A 77 -8.94 -7.79 1.32
CA ARG A 77 -8.47 -6.93 2.41
C ARG A 77 -7.67 -5.71 2.11
N LEU A 78 -6.38 -5.82 1.88
CA LEU A 78 -5.56 -4.61 1.67
C LEU A 78 -6.18 -3.68 0.61
N CYS A 79 -6.86 -4.30 -0.34
CA CYS A 79 -7.34 -3.43 -1.43
C CYS A 79 -8.42 -2.52 -0.91
N GLU A 80 -9.41 -3.12 -0.33
CA GLU A 80 -10.60 -2.33 0.02
C GLU A 80 -10.74 -2.16 1.49
N ARG A 81 -10.36 -3.16 2.20
CA ARG A 81 -10.46 -3.12 3.62
C ARG A 81 -9.42 -2.08 4.10
N ALA A 82 -8.38 -1.81 3.36
CA ALA A 82 -7.52 -0.79 3.83
C ALA A 82 -8.03 0.51 3.25
N ILE A 83 -8.00 0.55 1.95
CA ILE A 83 -8.28 1.80 1.25
C ILE A 83 -9.58 2.49 1.62
N ALA A 84 -10.60 1.72 1.89
CA ALA A 84 -11.90 2.23 2.17
C ALA A 84 -12.11 2.16 3.66
N ILE A 85 -11.62 1.07 4.29
CA ILE A 85 -11.95 0.80 5.67
C ILE A 85 -11.09 1.58 6.65
N ASP A 86 -10.16 2.32 6.09
CA ASP A 86 -9.26 3.16 6.75
C ASP A 86 -9.86 4.40 6.64
N LYS A 87 -9.90 4.92 5.38
CA LYS A 87 -10.29 6.28 5.13
C LYS A 87 -11.36 6.75 6.08
N LYS A 88 -12.46 5.95 6.23
CA LYS A 88 -13.61 6.49 6.90
C LYS A 88 -13.33 6.54 8.41
N ALA A 89 -12.83 5.48 9.01
CA ALA A 89 -12.93 5.49 10.43
C ALA A 89 -11.73 4.95 10.96
N LYS A 90 -11.27 3.94 10.32
CA LYS A 90 -10.00 3.48 10.70
C LYS A 90 -8.93 4.59 10.50
N ALA A 91 -9.11 5.53 9.52
CA ALA A 91 -8.15 6.58 9.42
C ALA A 91 -8.42 7.66 10.44
N ASN A 92 -9.70 7.90 10.76
CA ASN A 92 -9.99 8.84 11.84
C ASN A 92 -9.91 8.22 13.23
N GLN A 93 -9.83 6.90 13.32
CA GLN A 93 -9.76 6.26 14.62
C GLN A 93 -8.35 6.34 15.11
N LEU A 94 -7.39 6.36 14.18
CA LEU A 94 -5.98 6.51 14.47
C LEU A 94 -5.79 7.88 15.04
N GLN A 95 -5.72 8.83 14.15
CA GLN A 95 -5.59 10.20 14.42
C GLN A 95 -6.94 10.81 14.30
N GLU A 96 -7.27 11.58 15.28
CA GLU A 96 -8.56 12.22 15.41
C GLU A 96 -8.61 13.46 14.50
N GLN A 97 -7.54 13.63 13.76
CA GLN A 97 -7.35 14.79 12.92
C GLN A 97 -7.77 14.51 11.50
N GLY A 98 -8.30 13.33 11.26
CA GLY A 98 -8.82 13.10 9.95
C GLY A 98 -7.85 12.76 8.84
N MET A 99 -7.23 11.53 8.84
CA MET A 99 -6.44 11.00 7.69
C MET A 99 -5.56 12.05 7.05
N GLU A 100 -4.67 12.59 7.85
CA GLU A 100 -3.97 13.77 7.44
C GLU A 100 -2.51 13.50 7.15
N THR A 101 -2.06 12.24 7.34
CA THR A 101 -0.64 11.84 7.14
C THR A 101 -0.29 10.53 7.82
N SER A 102 -0.63 10.41 9.10
CA SER A 102 -0.20 9.30 9.93
C SER A 102 -0.71 7.97 9.38
N GLU A 103 -2.01 7.91 9.11
CA GLU A 103 -2.62 6.71 8.54
C GLU A 103 -1.95 6.34 7.23
N MET A 104 -1.90 7.30 6.35
CA MET A 104 -1.39 7.09 5.02
C MET A 104 0.07 6.66 5.00
N LEU A 105 0.93 7.33 5.73
CA LEU A 105 2.37 6.97 5.75
C LEU A 105 2.59 5.59 6.42
N ALA A 106 1.65 5.24 7.29
CA ALA A 106 1.66 3.92 7.93
C ALA A 106 1.59 2.83 6.87
N LEU A 107 0.92 3.11 5.74
CA LEU A 107 0.82 2.18 4.61
C LEU A 107 2.17 1.70 4.19
N LEU A 108 3.15 2.57 4.19
CA LEU A 108 4.45 2.21 3.78
C LEU A 108 5.10 1.19 4.70
N HIS A 109 5.12 1.44 6.01
CA HIS A 109 5.79 0.47 6.90
C HIS A 109 5.05 -0.89 6.80
N ILE A 110 3.75 -0.81 6.59
CA ILE A 110 2.94 -2.02 6.54
C ILE A 110 3.08 -2.73 5.19
N THR A 111 3.29 -1.97 4.16
CA THR A 111 3.43 -2.57 2.85
C THR A 111 4.86 -3.08 2.64
N ARG A 112 5.85 -2.40 3.17
CA ARG A 112 7.20 -2.80 2.91
C ARG A 112 7.58 -3.99 3.78
N ASP A 113 7.28 -3.91 5.07
CA ASP A 113 7.76 -4.88 6.05
C ASP A 113 7.01 -6.20 5.94
N ALA A 114 5.69 -6.08 5.86
CA ALA A 114 4.84 -7.24 5.77
C ALA A 114 5.16 -8.03 4.53
N TYR A 115 5.41 -7.33 3.45
CA TYR A 115 5.62 -8.01 2.16
C TYR A 115 6.95 -8.77 2.17
N ARG A 116 7.76 -8.34 3.06
CA ARG A 116 9.00 -9.06 3.24
C ARG A 116 8.84 -10.40 3.94
N SER A 117 7.65 -10.66 4.48
CA SER A 117 7.37 -11.98 5.04
C SER A 117 6.58 -12.95 4.11
N TRP A 118 6.03 -12.48 2.96
CA TRP A 118 5.23 -13.36 2.09
C TRP A 118 5.23 -12.92 0.61
N THR A 119 6.00 -11.92 0.28
CA THR A 119 5.94 -11.32 -1.05
C THR A 119 7.36 -11.18 -1.62
N ASN A 120 8.14 -10.30 -1.01
CA ASN A 120 9.53 -9.99 -1.39
C ASN A 120 10.13 -9.09 -0.34
N MET A 7 -5.47 -4.61 5.11
CA MET A 7 -4.52 -5.63 5.52
C MET A 7 -4.35 -6.64 4.40
N ASN A 8 -3.14 -7.05 4.19
CA ASN A 8 -2.82 -8.09 3.23
C ASN A 8 -2.69 -9.30 4.11
N THR A 9 -3.67 -10.15 4.14
CA THR A 9 -3.66 -11.27 5.06
C THR A 9 -3.37 -12.61 4.33
N ASP A 10 -3.64 -13.71 5.02
CA ASP A 10 -3.36 -15.07 4.56
C ASP A 10 -4.48 -15.54 3.67
N VAL A 11 -4.42 -15.17 2.40
CA VAL A 11 -5.44 -15.55 1.46
C VAL A 11 -4.97 -15.03 0.14
N LEU A 12 -4.61 -13.78 0.16
CA LEU A 12 -4.27 -13.14 -1.02
C LEU A 12 -2.80 -12.82 -1.09
N ASN A 13 -2.18 -12.49 0.00
CA ASN A 13 -0.83 -12.11 -0.11
C ASN A 13 0.07 -13.30 -0.05
N GLN A 14 -0.27 -14.33 0.66
CA GLN A 14 0.62 -15.49 0.69
C GLN A 14 0.22 -16.55 -0.33
N GLN A 15 -1.04 -16.57 -0.68
CA GLN A 15 -1.48 -17.60 -1.58
C GLN A 15 -1.57 -17.05 -2.96
N LYS A 16 -2.26 -15.95 -3.04
CA LYS A 16 -2.52 -15.31 -4.27
C LYS A 16 -1.27 -14.56 -4.79
N ILE A 17 -0.27 -14.26 -3.92
CA ILE A 17 0.97 -13.71 -4.48
C ILE A 17 1.78 -14.85 -4.99
N GLU A 18 1.71 -15.98 -4.33
CA GLU A 18 2.45 -17.09 -4.74
C GLU A 18 2.04 -17.54 -6.14
N GLU A 19 0.74 -17.56 -6.35
CA GLU A 19 0.16 -17.97 -7.62
C GLU A 19 0.28 -16.93 -8.75
N LEU A 20 -0.02 -15.66 -8.45
CA LEU A 20 -0.06 -14.66 -9.48
C LEU A 20 1.30 -14.05 -9.69
N SER A 21 1.98 -13.71 -8.60
CA SER A 21 3.30 -13.18 -8.72
C SER A 21 4.18 -14.23 -9.34
N ALA A 22 4.55 -15.28 -8.60
CA ALA A 22 5.23 -16.42 -9.23
C ALA A 22 6.34 -16.03 -10.24
N GLU A 23 6.30 -16.69 -11.40
CA GLU A 23 7.17 -16.51 -12.58
C GLU A 23 7.30 -15.03 -12.95
N ILE A 24 6.29 -14.27 -12.65
CA ILE A 24 6.26 -12.87 -12.90
C ILE A 24 6.67 -12.05 -11.69
N GLY A 25 5.76 -11.56 -10.85
CA GLY A 25 6.00 -10.71 -9.72
C GLY A 25 7.02 -11.14 -8.68
N SER A 26 7.58 -12.34 -8.73
CA SER A 26 8.61 -12.67 -7.76
C SER A 26 9.83 -11.79 -8.06
N ASP A 27 9.93 -11.42 -9.33
CA ASP A 27 10.99 -10.53 -9.76
C ASP A 27 10.53 -9.11 -9.98
N ASN A 28 9.29 -8.92 -10.41
CA ASN A 28 8.84 -7.57 -10.80
C ASN A 28 8.28 -6.78 -9.62
N VAL A 29 7.57 -7.46 -8.74
CA VAL A 29 6.97 -6.82 -7.56
C VAL A 29 7.99 -6.19 -6.59
N PRO A 30 9.13 -6.86 -6.22
CA PRO A 30 10.14 -6.21 -5.35
C PRO A 30 10.61 -4.90 -5.96
N VAL A 31 10.91 -4.97 -7.26
CA VAL A 31 11.32 -3.78 -8.01
C VAL A 31 10.29 -2.65 -7.82
N LEU A 32 9.04 -3.02 -8.00
CA LEU A 32 7.89 -2.12 -7.91
C LEU A 32 7.70 -1.58 -6.47
N LEU A 33 7.32 -2.48 -5.61
CA LEU A 33 7.10 -2.17 -4.18
C LEU A 33 8.13 -1.17 -3.62
N ASP A 34 9.40 -1.41 -3.88
CA ASP A 34 10.47 -0.58 -3.33
C ASP A 34 10.44 0.84 -3.91
N ILE A 35 10.16 0.95 -5.20
CA ILE A 35 10.11 2.26 -5.86
C ILE A 35 8.80 2.97 -5.50
N PHE A 36 7.70 2.22 -5.55
CA PHE A 36 6.35 2.69 -5.26
C PHE A 36 6.33 3.37 -3.94
N LEU A 37 6.87 2.71 -2.98
CA LEU A 37 6.98 3.20 -1.67
C LEU A 37 7.99 4.31 -1.57
N GLY A 38 9.25 4.03 -1.83
CA GLY A 38 10.31 5.01 -1.71
C GLY A 38 10.07 6.35 -2.41
N GLU A 39 9.58 6.34 -3.64
CA GLU A 39 9.39 7.59 -4.40
C GLU A 39 8.12 8.32 -3.94
N MET A 40 7.11 7.54 -3.61
CA MET A 40 5.93 8.14 -2.97
C MET A 40 6.35 8.83 -1.69
N ASP A 41 7.07 8.07 -0.90
CA ASP A 41 7.60 8.43 0.40
C ASP A 41 8.48 9.65 0.31
N SER A 42 9.12 9.78 -0.84
CA SER A 42 10.06 10.86 -1.10
C SER A 42 9.35 12.14 -0.97
N TYR A 43 8.28 12.14 -1.71
CA TYR A 43 7.48 13.26 -1.83
C TYR A 43 6.76 13.49 -0.60
N ILE A 44 6.53 12.50 0.11
CA ILE A 44 5.79 12.65 1.29
C ILE A 44 6.56 13.25 2.42
N GLY A 45 7.86 13.05 2.39
CA GLY A 45 8.71 13.79 3.27
C GLY A 45 8.66 15.28 2.93
N THR A 46 8.81 15.58 1.65
CA THR A 46 8.93 16.94 1.18
C THR A 46 7.56 17.62 1.04
N LEU A 47 6.65 17.05 0.26
CA LEU A 47 5.31 17.52 0.06
C LEU A 47 4.55 17.83 1.35
N THR A 48 4.75 17.07 2.42
CA THR A 48 4.12 17.33 3.74
C THR A 48 4.71 18.58 4.37
N GLU A 49 6.02 18.70 4.26
CA GLU A 49 6.71 19.88 4.79
C GLU A 49 6.58 21.05 3.83
N LEU A 50 5.79 20.82 2.79
CA LEU A 50 5.37 21.81 1.86
C LEU A 50 3.89 22.12 2.06
N GLN A 51 3.09 21.04 2.30
CA GLN A 51 1.62 21.11 2.39
C GLN A 51 0.95 19.71 2.43
N GLY A 52 -0.28 19.64 1.95
CA GLY A 52 -1.03 18.41 1.87
C GLY A 52 -0.80 17.69 0.56
N SER A 53 0.23 18.12 -0.18
CA SER A 53 0.62 17.47 -1.37
C SER A 53 0.94 16.06 -1.04
N GLU A 54 1.62 15.86 0.10
CA GLU A 54 1.72 14.62 0.81
C GLU A 54 0.45 13.79 0.57
N GLN A 55 -0.65 14.20 1.20
CA GLN A 55 -1.98 13.58 1.11
C GLN A 55 -2.33 13.07 -0.29
N LEU A 56 -2.12 13.91 -1.30
CA LEU A 56 -2.43 13.70 -2.68
C LEU A 56 -1.82 12.40 -3.15
N LEU A 57 -0.71 12.03 -2.51
CA LEU A 57 -0.05 10.77 -2.83
C LEU A 57 -0.93 9.54 -2.69
N TYR A 58 -2.13 9.66 -2.22
CA TYR A 58 -2.96 8.52 -1.97
C TYR A 58 -3.69 8.19 -3.22
N LEU A 59 -4.25 9.26 -3.77
CA LEU A 59 -5.01 9.05 -5.00
C LEU A 59 -4.10 8.50 -6.08
N LYS A 60 -2.89 8.98 -6.06
CA LYS A 60 -1.89 8.48 -6.96
C LYS A 60 -1.27 7.17 -6.56
N GLU A 61 -0.89 7.07 -5.31
CA GLU A 61 -0.10 5.85 -5.00
C GLU A 61 -0.94 4.62 -5.18
N ILE A 62 -2.17 4.74 -4.73
CA ILE A 62 -3.06 3.60 -4.76
C ILE A 62 -3.62 3.35 -6.17
N SER A 63 -3.65 4.37 -7.03
CA SER A 63 -4.15 4.16 -8.40
C SER A 63 -2.98 3.86 -9.34
N HIS A 64 -1.88 4.48 -9.03
CA HIS A 64 -0.66 4.29 -9.73
C HIS A 64 0.00 2.97 -9.36
N ALA A 65 0.61 2.85 -8.22
CA ALA A 65 1.45 1.73 -7.94
C ALA A 65 0.82 0.66 -7.08
N LEU A 66 -0.08 0.98 -6.17
CA LEU A 66 -0.77 -0.05 -5.42
C LEU A 66 -1.74 -0.71 -6.33
N LYS A 67 -2.38 0.07 -7.17
CA LYS A 67 -3.27 -0.49 -8.17
C LYS A 67 -2.47 -1.34 -9.16
N SER A 68 -1.18 -1.05 -9.29
CA SER A 68 -0.35 -1.79 -10.19
C SER A 68 0.04 -3.13 -9.60
N SER A 69 0.63 -3.05 -8.43
CA SER A 69 1.20 -4.14 -7.76
C SER A 69 0.14 -4.98 -7.11
N ALA A 70 -0.94 -4.36 -6.66
CA ALA A 70 -2.01 -5.14 -6.05
C ALA A 70 -2.68 -5.98 -7.09
N ALA A 71 -2.77 -5.48 -8.31
CA ALA A 71 -3.34 -6.22 -9.43
C ALA A 71 -2.53 -7.50 -9.61
N SER A 72 -1.27 -7.40 -9.24
CA SER A 72 -0.39 -8.52 -9.19
C SER A 72 -0.55 -9.29 -7.85
N PHE A 73 -0.35 -8.65 -6.69
CA PHE A 73 -0.25 -9.43 -5.40
C PHE A 73 -1.44 -9.35 -4.45
N GLY A 74 -2.49 -8.76 -4.90
CA GLY A 74 -3.62 -8.50 -4.04
C GLY A 74 -4.81 -8.14 -4.85
N ALA A 75 -4.96 -8.88 -5.91
CA ALA A 75 -6.03 -8.66 -6.90
C ALA A 75 -7.37 -9.18 -6.34
N ASP A 76 -7.45 -9.16 -5.03
CA ASP A 76 -8.50 -9.74 -4.28
C ASP A 76 -8.90 -8.62 -3.30
N ARG A 77 -9.33 -8.93 -2.12
CA ARG A 77 -9.92 -8.07 -1.13
C ARG A 77 -9.15 -6.81 -0.78
N LEU A 78 -7.87 -6.91 -0.41
CA LEU A 78 -7.10 -5.70 0.00
C LEU A 78 -7.25 -4.58 -1.05
N CYS A 79 -7.34 -5.11 -2.24
CA CYS A 79 -7.39 -4.13 -3.31
C CYS A 79 -8.65 -3.26 -3.21
N GLU A 80 -9.80 -3.85 -3.09
CA GLU A 80 -10.99 -2.98 -3.19
C GLU A 80 -11.88 -3.01 -1.96
N ARG A 81 -11.67 -4.03 -1.21
CA ARG A 81 -12.41 -4.33 -0.01
C ARG A 81 -11.62 -3.63 1.09
N ALA A 82 -10.32 -3.59 0.93
CA ALA A 82 -9.58 -2.97 1.97
C ALA A 82 -9.56 -1.51 1.72
N ILE A 83 -9.24 -1.12 0.49
CA ILE A 83 -9.38 0.32 0.21
C ILE A 83 -10.56 1.01 0.94
N ALA A 84 -11.80 0.46 0.84
CA ALA A 84 -12.86 1.07 1.67
C ALA A 84 -12.86 0.82 3.19
N ILE A 85 -12.17 -0.17 3.69
CA ILE A 85 -12.24 -0.53 5.14
C ILE A 85 -10.96 -0.07 5.87
N ASP A 86 -9.98 -0.61 5.21
CA ASP A 86 -8.66 -0.20 5.68
C ASP A 86 -8.63 1.31 6.02
N LYS A 87 -9.11 2.18 5.12
CA LYS A 87 -9.19 3.60 5.51
C LYS A 87 -10.26 3.82 6.58
N LYS A 88 -11.41 3.24 6.34
CA LYS A 88 -12.53 3.32 7.27
C LYS A 88 -12.23 3.33 8.78
N ALA A 89 -11.51 2.39 9.32
CA ALA A 89 -11.37 2.30 10.73
C ALA A 89 -10.02 1.86 11.03
N LYS A 90 -9.41 1.15 10.11
CA LYS A 90 -8.04 0.81 10.25
C LYS A 90 -7.21 2.09 10.17
N ALA A 91 -7.75 3.15 9.56
CA ALA A 91 -7.14 4.44 9.57
C ALA A 91 -7.74 5.33 10.62
N ASN A 92 -9.02 5.17 10.87
CA ASN A 92 -9.62 5.79 12.06
C ASN A 92 -8.83 5.38 13.33
N GLN A 93 -8.32 4.14 13.31
CA GLN A 93 -7.48 3.59 14.39
C GLN A 93 -6.06 4.17 14.30
N LEU A 94 -5.73 4.60 13.12
CA LEU A 94 -4.34 5.05 12.94
C LEU A 94 -4.09 6.50 13.33
N GLN A 95 -5.14 7.15 13.81
CA GLN A 95 -5.08 8.53 14.20
C GLN A 95 -6.03 8.79 15.33
N GLU A 96 -5.63 9.67 16.23
CA GLU A 96 -6.55 10.11 17.26
C GLU A 96 -7.58 11.01 16.57
N GLN A 97 -7.19 11.53 15.39
CA GLN A 97 -8.00 12.42 14.60
C GLN A 97 -9.06 11.71 13.78
N GLY A 98 -8.81 10.48 13.32
CA GLY A 98 -9.85 9.84 12.56
C GLY A 98 -9.70 9.99 11.04
N MET A 99 -8.68 9.32 10.44
CA MET A 99 -8.34 9.37 8.98
C MET A 99 -8.34 10.78 8.37
N GLU A 100 -7.17 11.36 8.15
CA GLU A 100 -7.16 12.73 7.66
C GLU A 100 -5.80 13.16 7.05
N THR A 101 -4.84 12.22 6.92
CA THR A 101 -3.47 12.59 6.48
C THR A 101 -2.47 11.43 6.76
N SER A 102 -2.61 10.77 7.89
CA SER A 102 -1.62 9.81 8.31
C SER A 102 -1.90 8.43 7.72
N GLU A 103 -3.10 8.23 7.21
CA GLU A 103 -3.51 6.91 6.69
C GLU A 103 -2.82 6.55 5.39
N MET A 104 -2.08 7.47 4.98
CA MET A 104 -1.44 7.58 3.71
C MET A 104 0.03 7.24 3.92
N LEU A 105 0.60 7.88 4.91
CA LEU A 105 1.95 7.52 5.35
C LEU A 105 1.88 6.14 6.01
N ALA A 106 0.69 5.84 6.49
CA ALA A 106 0.37 4.57 7.12
C ALA A 106 0.58 3.44 6.18
N LEU A 107 0.28 3.65 4.91
CA LEU A 107 0.52 2.68 3.85
C LEU A 107 1.94 2.12 3.92
N LEU A 108 2.88 2.94 4.34
CA LEU A 108 4.25 2.51 4.52
C LEU A 108 4.38 1.54 5.70
N HIS A 109 3.84 1.88 6.87
CA HIS A 109 4.01 0.99 8.00
C HIS A 109 3.24 -0.31 7.81
N ILE A 110 2.17 -0.24 7.05
CA ILE A 110 1.35 -1.43 6.79
C ILE A 110 2.00 -2.28 5.70
N THR A 111 2.64 -1.62 4.77
CA THR A 111 3.31 -2.34 3.71
C THR A 111 4.56 -3.04 4.28
N ARG A 112 5.22 -2.39 5.19
CA ARG A 112 6.42 -3.03 5.72
C ARG A 112 6.00 -4.12 6.69
N ASP A 113 4.91 -3.90 7.35
CA ASP A 113 4.33 -4.87 8.25
C ASP A 113 3.93 -6.14 7.50
N ALA A 114 2.96 -5.98 6.64
CA ALA A 114 2.37 -7.07 5.92
C ALA A 114 3.36 -7.74 4.98
N TYR A 115 3.99 -6.94 4.16
CA TYR A 115 4.83 -7.48 3.05
C TYR A 115 6.01 -8.27 3.61
N ARG A 116 6.39 -7.83 4.76
CA ARG A 116 7.49 -8.56 5.37
C ARG A 116 7.07 -9.94 5.91
N SER A 117 5.78 -10.21 5.93
CA SER A 117 5.30 -11.55 6.25
C SER A 117 4.85 -12.44 5.03
N TRP A 118 4.70 -11.89 3.79
CA TRP A 118 4.22 -12.73 2.65
C TRP A 118 4.63 -12.20 1.29
N THR A 119 5.29 -11.08 1.24
CA THR A 119 5.53 -10.47 -0.03
C THR A 119 6.99 -10.54 -0.40
N ASN A 120 7.76 -9.64 0.14
CA ASN A 120 9.14 -9.43 -0.23
C ASN A 120 9.84 -8.96 1.01
N MET A 7 -1.89 -8.09 9.39
CA MET A 7 -1.15 -7.61 8.22
C MET A 7 -1.46 -8.52 7.03
N ASN A 8 -0.65 -8.43 5.97
CA ASN A 8 -0.76 -9.30 4.78
C ASN A 8 -0.49 -10.71 5.24
N THR A 9 -1.51 -11.49 5.37
CA THR A 9 -1.34 -12.74 6.04
C THR A 9 -1.68 -13.98 5.17
N ASP A 10 -1.73 -15.12 5.85
CA ASP A 10 -1.98 -16.45 5.30
C ASP A 10 -3.37 -16.59 4.72
N VAL A 11 -3.57 -16.00 3.55
CA VAL A 11 -4.81 -16.01 2.85
C VAL A 11 -4.53 -15.38 1.52
N LEU A 12 -3.87 -14.25 1.58
CA LEU A 12 -3.63 -13.48 0.42
C LEU A 12 -2.18 -13.51 0.01
N ASN A 13 -1.27 -13.29 0.92
CA ASN A 13 0.09 -13.10 0.47
C ASN A 13 0.85 -14.36 0.25
N GLN A 14 0.78 -15.30 1.10
CA GLN A 14 1.54 -16.49 0.83
C GLN A 14 0.82 -17.38 -0.17
N GLN A 15 -0.46 -17.31 -0.13
CA GLN A 15 -1.26 -18.17 -0.92
C GLN A 15 -1.52 -17.53 -2.25
N LYS A 16 -2.24 -16.45 -2.18
CA LYS A 16 -2.78 -15.85 -3.34
C LYS A 16 -1.78 -14.93 -4.04
N ILE A 17 -0.61 -14.70 -3.45
CA ILE A 17 0.38 -13.99 -4.17
C ILE A 17 1.25 -14.98 -4.78
N GLU A 18 1.42 -16.08 -4.16
CA GLU A 18 2.31 -17.00 -4.73
C GLU A 18 1.75 -17.64 -5.98
N GLU A 19 0.43 -17.69 -6.04
CA GLU A 19 -0.29 -18.18 -7.18
C GLU A 19 -0.51 -17.09 -8.26
N LEU A 20 -0.76 -15.85 -7.84
CA LEU A 20 -1.02 -14.77 -8.78
C LEU A 20 0.31 -14.22 -9.26
N SER A 21 1.26 -14.08 -8.34
CA SER A 21 2.62 -13.77 -8.69
C SER A 21 3.13 -14.87 -9.61
N ALA A 22 3.73 -15.93 -9.07
CA ALA A 22 4.09 -17.08 -9.89
C ALA A 22 4.87 -16.69 -11.19
N GLU A 23 4.45 -17.27 -12.31
CA GLU A 23 4.99 -17.00 -13.66
C GLU A 23 4.72 -15.57 -14.09
N ILE A 24 3.91 -14.88 -13.34
CA ILE A 24 3.63 -13.51 -13.58
C ILE A 24 4.32 -12.61 -12.59
N GLY A 25 3.71 -12.13 -11.50
CA GLY A 25 4.27 -11.26 -10.49
C GLY A 25 5.64 -11.54 -9.96
N SER A 26 6.20 -12.72 -10.13
CA SER A 26 7.56 -12.94 -9.66
C SER A 26 8.50 -12.00 -10.45
N ASP A 27 8.03 -11.60 -11.62
CA ASP A 27 8.68 -10.57 -12.41
C ASP A 27 7.94 -9.24 -12.34
N ASN A 28 6.62 -9.25 -12.16
CA ASN A 28 5.86 -8.01 -12.32
C ASN A 28 5.68 -7.24 -11.00
N VAL A 29 5.39 -7.94 -9.91
CA VAL A 29 5.18 -7.25 -8.64
C VAL A 29 6.40 -6.50 -8.09
N PRO A 30 7.67 -7.04 -8.16
CA PRO A 30 8.85 -6.26 -7.75
C PRO A 30 8.96 -4.99 -8.58
N VAL A 31 8.60 -5.09 -9.86
CA VAL A 31 8.54 -3.90 -10.70
C VAL A 31 7.56 -2.87 -10.12
N LEU A 32 6.32 -3.27 -9.99
CA LEU A 32 5.18 -2.44 -9.60
C LEU A 32 5.37 -1.88 -8.18
N LEU A 33 5.33 -2.80 -7.25
CA LEU A 33 5.53 -2.47 -5.83
C LEU A 33 6.70 -1.46 -5.63
N ASP A 34 7.85 -1.72 -6.21
CA ASP A 34 9.01 -0.84 -6.02
C ASP A 34 8.85 0.54 -6.67
N ILE A 35 8.18 0.60 -7.80
CA ILE A 35 8.08 1.86 -8.54
C ILE A 35 7.10 2.78 -7.87
N PHE A 36 5.92 2.29 -7.67
CA PHE A 36 4.83 3.04 -7.17
C PHE A 36 5.00 3.41 -5.72
N LEU A 37 5.87 2.70 -5.05
CA LEU A 37 6.13 3.02 -3.72
C LEU A 37 7.36 3.85 -3.54
N GLY A 38 8.44 3.56 -4.26
CA GLY A 38 9.66 4.35 -4.17
C GLY A 38 9.50 5.76 -4.75
N GLU A 39 8.67 5.88 -5.77
CA GLU A 39 8.44 7.19 -6.37
C GLU A 39 7.32 7.91 -5.62
N MET A 40 6.43 7.11 -5.04
CA MET A 40 5.46 7.69 -4.09
C MET A 40 6.24 8.30 -2.97
N ASP A 41 7.16 7.50 -2.46
CA ASP A 41 8.11 7.81 -1.41
C ASP A 41 8.84 9.10 -1.72
N SER A 42 9.04 9.32 -3.02
CA SER A 42 9.74 10.49 -3.48
C SER A 42 8.96 11.77 -3.20
N TYR A 43 7.65 11.66 -3.26
CA TYR A 43 6.75 12.78 -2.98
C TYR A 43 6.69 13.08 -1.55
N ILE A 44 6.81 12.08 -0.82
CA ILE A 44 6.82 12.21 0.60
C ILE A 44 8.10 12.94 1.02
N GLY A 45 9.19 12.60 0.39
CA GLY A 45 10.41 13.33 0.61
C GLY A 45 10.30 14.79 0.14
N THR A 46 10.03 14.98 -1.14
CA THR A 46 10.09 16.27 -1.75
C THR A 46 8.81 17.06 -1.48
N LEU A 47 7.71 16.57 -2.00
CA LEU A 47 6.41 17.18 -1.94
C LEU A 47 5.88 17.37 -0.50
N THR A 48 6.30 16.55 0.44
CA THR A 48 5.89 16.81 1.83
C THR A 48 6.62 18.00 2.37
N GLU A 49 7.89 18.00 2.07
CA GLU A 49 8.78 19.11 2.41
C GLU A 49 8.38 20.39 1.69
N LEU A 50 7.39 20.29 0.82
CA LEU A 50 6.88 21.35 0.03
C LEU A 50 5.39 21.67 0.27
N GLN A 51 4.53 20.68 0.58
CA GLN A 51 3.08 20.93 0.57
C GLN A 51 2.19 19.85 1.26
N GLY A 52 2.76 19.02 2.13
CA GLY A 52 2.04 17.90 2.75
C GLY A 52 1.47 16.94 1.77
N SER A 53 1.97 17.01 0.56
CA SER A 53 1.56 16.15 -0.53
C SER A 53 1.37 14.70 -0.12
N GLU A 54 2.23 14.20 0.80
CA GLU A 54 2.03 12.88 1.45
C GLU A 54 0.52 12.58 1.68
N GLN A 55 -0.22 13.65 2.00
CA GLN A 55 -1.66 13.67 2.12
C GLN A 55 -2.31 13.10 0.85
N LEU A 56 -2.16 13.81 -0.27
CA LEU A 56 -2.57 13.42 -1.61
C LEU A 56 -2.11 12.03 -1.93
N LEU A 57 -0.92 11.72 -1.45
CA LEU A 57 -0.26 10.48 -1.73
C LEU A 57 -0.98 9.27 -1.21
N TYR A 58 -2.00 9.50 -0.47
CA TYR A 58 -2.81 8.48 0.10
C TYR A 58 -3.92 8.16 -0.85
N LEU A 59 -4.56 9.23 -1.31
CA LEU A 59 -5.62 8.89 -2.26
C LEU A 59 -5.04 8.29 -3.53
N LYS A 60 -3.82 8.71 -3.84
CA LYS A 60 -3.11 8.06 -4.91
C LYS A 60 -2.58 6.69 -4.60
N GLU A 61 -1.72 6.60 -3.60
CA GLU A 61 -0.98 5.32 -3.52
C GLU A 61 -1.91 4.15 -3.33
N ILE A 62 -2.90 4.37 -2.53
CA ILE A 62 -3.79 3.28 -2.22
C ILE A 62 -4.82 2.98 -3.33
N SER A 63 -5.26 3.96 -4.09
CA SER A 63 -6.27 3.68 -5.11
C SER A 63 -5.57 3.46 -6.45
N HIS A 64 -4.45 4.09 -6.58
CA HIS A 64 -3.61 3.95 -7.72
C HIS A 64 -2.71 2.72 -7.63
N ALA A 65 -1.70 2.65 -6.76
CA ALA A 65 -0.67 1.63 -6.73
C ALA A 65 -1.11 0.41 -5.98
N LEU A 66 -1.56 0.61 -4.76
CA LEU A 66 -1.99 -0.46 -3.90
C LEU A 66 -3.20 -1.12 -4.47
N LYS A 67 -4.07 -0.34 -5.05
CA LYS A 67 -5.24 -0.90 -5.66
C LYS A 67 -4.85 -1.60 -6.98
N SER A 68 -3.66 -1.33 -7.49
CA SER A 68 -3.19 -2.00 -8.68
C SER A 68 -2.61 -3.35 -8.30
N SER A 69 -1.59 -3.31 -7.47
CA SER A 69 -0.85 -4.45 -7.06
C SER A 69 -1.72 -5.33 -6.21
N ALA A 70 -2.54 -4.74 -5.36
CA ALA A 70 -3.36 -5.59 -4.51
C ALA A 70 -4.49 -6.21 -5.30
N ALA A 71 -4.98 -5.58 -6.34
CA ALA A 71 -6.07 -6.14 -7.16
C ALA A 71 -5.63 -7.45 -7.78
N SER A 72 -4.34 -7.58 -7.98
CA SER A 72 -3.77 -8.79 -8.47
C SER A 72 -3.14 -9.59 -7.32
N PHE A 73 -2.23 -8.99 -6.58
CA PHE A 73 -1.37 -9.73 -5.66
C PHE A 73 -1.80 -9.58 -4.18
N GLY A 74 -3.04 -9.25 -4.00
CA GLY A 74 -3.60 -9.10 -2.66
C GLY A 74 -5.06 -8.84 -2.78
N ALA A 75 -5.61 -9.57 -3.75
CA ALA A 75 -7.00 -9.39 -4.21
C ALA A 75 -8.03 -9.91 -3.22
N ASP A 76 -7.66 -9.90 -1.98
CA ASP A 76 -8.46 -10.42 -0.92
C ASP A 76 -8.74 -9.21 -0.04
N ARG A 77 -8.60 -9.32 1.24
CA ARG A 77 -8.84 -8.41 2.31
C ARG A 77 -8.10 -7.10 2.18
N LEU A 78 -6.77 -7.10 2.15
CA LEU A 78 -6.00 -5.84 2.20
C LEU A 78 -6.41 -4.93 1.03
N CYS A 79 -6.92 -5.56 0.02
CA CYS A 79 -7.22 -4.80 -1.19
C CYS A 79 -8.40 -3.86 -0.94
N GLU A 80 -9.48 -4.40 -0.46
CA GLU A 80 -10.67 -3.58 -0.36
C GLU A 80 -10.98 -3.27 1.08
N ARG A 81 -10.60 -4.18 1.94
CA ARG A 81 -10.85 -4.04 3.33
C ARG A 81 -9.93 -2.93 3.83
N ALA A 82 -8.86 -2.64 3.15
CA ALA A 82 -8.04 -1.58 3.65
C ALA A 82 -8.54 -0.32 3.05
N ILE A 83 -8.62 -0.33 1.74
CA ILE A 83 -8.93 0.89 1.04
C ILE A 83 -10.21 1.64 1.50
N ALA A 84 -11.18 0.88 1.90
CA ALA A 84 -12.46 1.43 2.27
C ALA A 84 -12.48 1.62 3.78
N ILE A 85 -11.90 0.66 4.45
CA ILE A 85 -12.03 0.53 5.89
C ILE A 85 -10.92 1.27 6.60
N ASP A 86 -10.14 1.97 5.83
CA ASP A 86 -9.07 2.78 6.24
C ASP A 86 -9.47 4.12 6.21
N LYS A 87 -9.81 4.60 5.02
CA LYS A 87 -10.19 5.99 4.90
C LYS A 87 -11.20 6.40 5.94
N LYS A 88 -12.21 5.55 6.15
CA LYS A 88 -13.39 5.98 6.88
C LYS A 88 -13.09 5.93 8.39
N ALA A 89 -12.38 4.94 8.87
CA ALA A 89 -12.27 4.83 10.28
C ALA A 89 -10.93 4.45 10.61
N LYS A 90 -10.39 3.55 9.88
CA LYS A 90 -8.99 3.37 10.21
C LYS A 90 -8.22 4.73 10.22
N ALA A 91 -8.56 5.71 9.36
CA ALA A 91 -7.86 6.95 9.47
C ALA A 91 -8.49 7.82 10.57
N ASN A 92 -9.82 7.79 10.76
CA ASN A 92 -10.38 8.61 11.84
C ASN A 92 -10.52 7.97 13.23
N GLN A 93 -10.34 6.68 13.32
CA GLN A 93 -10.40 5.98 14.60
C GLN A 93 -9.06 6.07 15.22
N LEU A 94 -8.01 6.08 14.38
CA LEU A 94 -6.67 6.26 14.81
C LEU A 94 -6.68 7.59 15.54
N GLN A 95 -6.95 8.67 14.84
CA GLN A 95 -7.27 9.94 15.44
C GLN A 95 -8.34 10.71 14.67
N GLU A 96 -8.85 11.72 15.35
CA GLU A 96 -10.02 12.54 14.97
C GLU A 96 -9.91 13.33 13.64
N GLN A 97 -8.85 13.11 12.88
CA GLN A 97 -8.59 13.92 11.68
C GLN A 97 -8.06 13.07 10.52
N GLY A 98 -8.24 11.76 10.58
CA GLY A 98 -7.75 10.92 9.49
C GLY A 98 -6.26 10.71 9.56
N MET A 99 -5.75 10.92 10.78
CA MET A 99 -4.31 10.86 11.18
C MET A 99 -3.49 11.96 10.56
N GLU A 100 -4.07 12.51 9.50
CA GLU A 100 -3.60 13.59 8.64
C GLU A 100 -2.14 13.46 8.20
N THR A 101 -1.58 12.25 8.33
CA THR A 101 -0.16 12.02 8.06
C THR A 101 0.34 10.64 8.60
N SER A 102 0.01 10.31 9.84
CA SER A 102 0.61 9.16 10.47
C SER A 102 0.05 7.80 10.04
N GLU A 103 -1.10 7.81 9.40
CA GLU A 103 -1.67 6.56 8.93
C GLU A 103 -1.19 6.33 7.50
N MET A 104 -1.17 7.41 6.79
CA MET A 104 -0.74 7.47 5.38
C MET A 104 0.76 7.16 5.22
N LEU A 105 1.61 7.78 6.02
CA LEU A 105 3.06 7.47 5.98
C LEU A 105 3.31 6.04 6.44
N ALA A 106 2.40 5.60 7.30
CA ALA A 106 2.45 4.25 7.82
C ALA A 106 2.38 3.23 6.72
N LEU A 107 1.66 3.53 5.64
CA LEU A 107 1.48 2.66 4.50
C LEU A 107 2.78 2.25 3.91
N LEU A 108 3.68 3.18 3.80
CA LEU A 108 4.95 2.94 3.21
C LEU A 108 5.80 1.99 4.05
N HIS A 109 5.89 2.23 5.37
CA HIS A 109 6.69 1.33 6.18
C HIS A 109 6.05 -0.06 6.14
N ILE A 110 4.72 -0.08 6.03
CA ILE A 110 3.99 -1.36 6.06
C ILE A 110 4.09 -2.10 4.74
N THR A 111 4.17 -1.34 3.68
CA THR A 111 4.27 -1.95 2.37
C THR A 111 5.68 -2.52 2.16
N ARG A 112 6.65 -1.88 2.77
CA ARG A 112 7.98 -2.44 2.62
C ARG A 112 8.24 -3.49 3.69
N ASP A 113 7.66 -3.33 4.87
CA ASP A 113 7.78 -4.32 5.95
C ASP A 113 7.13 -5.64 5.56
N ALA A 114 5.84 -5.55 5.26
CA ALA A 114 5.04 -6.72 4.95
C ALA A 114 5.54 -7.42 3.69
N TYR A 115 5.75 -6.66 2.65
CA TYR A 115 6.06 -7.27 1.34
C TYR A 115 7.42 -7.97 1.36
N ARG A 116 8.24 -7.47 2.24
CA ARG A 116 9.54 -8.13 2.36
C ARG A 116 9.45 -9.48 3.08
N SER A 117 8.31 -9.78 3.67
CA SER A 117 8.14 -11.04 4.37
C SER A 117 7.48 -12.16 3.51
N TRP A 118 6.74 -11.83 2.43
CA TRP A 118 6.01 -12.87 1.65
C TRP A 118 5.87 -12.51 0.19
N THR A 119 6.49 -11.43 -0.22
CA THR A 119 6.25 -10.89 -1.54
C THR A 119 7.56 -10.78 -2.33
N ASN A 120 8.40 -9.84 -1.94
CA ASN A 120 9.69 -9.55 -2.55
C ASN A 120 10.17 -8.29 -1.93
N MET A 7 -3.29 -7.30 8.36
CA MET A 7 -1.96 -7.62 7.82
C MET A 7 -2.16 -8.48 6.59
N ASN A 8 -1.09 -8.81 5.87
CA ASN A 8 -1.21 -9.69 4.73
C ASN A 8 -1.16 -11.09 5.25
N THR A 9 -2.25 -11.80 5.10
CA THR A 9 -2.32 -13.08 5.74
C THR A 9 -2.59 -14.22 4.75
N ASP A 10 -2.70 -15.42 5.30
CA ASP A 10 -2.90 -16.67 4.56
C ASP A 10 -4.27 -16.72 3.96
N VAL A 11 -4.38 -16.06 2.84
CA VAL A 11 -5.57 -15.92 2.06
C VAL A 11 -5.19 -15.18 0.78
N LEU A 12 -4.24 -14.24 0.88
CA LEU A 12 -3.87 -13.46 -0.26
C LEU A 12 -2.37 -13.34 -0.47
N ASN A 13 -1.58 -13.13 0.52
CA ASN A 13 -0.17 -12.91 0.19
C ASN A 13 0.56 -14.16 -0.22
N GLN A 14 0.53 -15.13 0.59
CA GLN A 14 1.24 -16.35 0.37
C GLN A 14 0.35 -17.21 -0.49
N GLN A 15 -0.94 -16.96 -0.49
CA GLN A 15 -1.83 -17.73 -1.30
C GLN A 15 -1.88 -17.10 -2.69
N LYS A 16 -2.33 -15.87 -2.73
CA LYS A 16 -2.59 -15.16 -3.96
C LYS A 16 -1.32 -14.59 -4.59
N ILE A 17 -0.27 -14.38 -3.83
CA ILE A 17 0.92 -13.86 -4.45
C ILE A 17 1.84 -14.96 -4.76
N GLU A 18 1.80 -16.01 -4.00
CA GLU A 18 2.73 -17.06 -4.28
C GLU A 18 2.33 -17.67 -5.64
N GLU A 19 1.01 -17.69 -5.88
CA GLU A 19 0.47 -18.24 -7.10
C GLU A 19 0.49 -17.22 -8.26
N LEU A 20 0.24 -15.93 -7.95
CA LEU A 20 0.16 -14.91 -9.00
C LEU A 20 1.45 -14.18 -9.23
N SER A 21 2.27 -14.06 -8.22
CA SER A 21 3.62 -13.64 -8.45
C SER A 21 4.20 -14.73 -9.34
N ALA A 22 4.73 -15.81 -8.75
CA ALA A 22 5.17 -16.96 -9.55
C ALA A 22 6.01 -16.55 -10.77
N GLU A 23 5.70 -17.10 -11.92
CA GLU A 23 6.36 -16.77 -13.17
C GLU A 23 5.76 -15.53 -13.80
N ILE A 24 4.98 -14.82 -13.05
CA ILE A 24 4.37 -13.63 -13.51
C ILE A 24 4.84 -12.46 -12.69
N GLY A 25 4.26 -12.04 -11.57
CA GLY A 25 4.78 -11.03 -10.75
C GLY A 25 6.13 -11.22 -10.12
N SER A 26 6.87 -12.31 -10.38
CA SER A 26 8.21 -12.35 -9.85
C SER A 26 9.08 -11.38 -10.66
N ASP A 27 8.61 -11.07 -11.87
CA ASP A 27 9.25 -10.05 -12.67
C ASP A 27 8.40 -8.84 -12.86
N ASN A 28 7.16 -8.87 -12.44
CA ASN A 28 6.34 -7.68 -12.64
C ASN A 28 6.05 -6.98 -11.31
N VAL A 29 5.76 -7.75 -10.29
CA VAL A 29 5.33 -7.18 -9.03
C VAL A 29 6.41 -6.52 -8.12
N PRO A 30 7.68 -7.03 -7.99
CA PRO A 30 8.69 -6.31 -7.21
C PRO A 30 9.01 -5.00 -7.90
N VAL A 31 8.91 -5.08 -9.23
CA VAL A 31 9.08 -3.92 -10.07
C VAL A 31 8.07 -2.84 -9.65
N LEU A 32 6.81 -3.23 -9.52
CA LEU A 32 5.71 -2.32 -9.24
C LEU A 32 5.80 -1.85 -7.75
N LEU A 33 5.74 -2.84 -6.88
CA LEU A 33 5.74 -2.58 -5.46
C LEU A 33 6.89 -1.63 -5.07
N ASP A 34 8.09 -1.92 -5.52
CA ASP A 34 9.24 -1.14 -5.13
C ASP A 34 9.19 0.29 -5.69
N ILE A 35 8.57 0.46 -6.85
CA ILE A 35 8.45 1.79 -7.40
C ILE A 35 7.34 2.55 -6.71
N PHE A 36 6.21 1.89 -6.46
CA PHE A 36 5.04 2.58 -5.96
C PHE A 36 5.19 2.93 -4.50
N LEU A 37 6.01 2.19 -3.82
CA LEU A 37 6.38 2.47 -2.50
C LEU A 37 7.44 3.57 -2.54
N GLY A 38 8.54 3.31 -3.25
CA GLY A 38 9.67 4.22 -3.35
C GLY A 38 9.34 5.62 -3.84
N GLU A 39 8.66 5.78 -4.99
CA GLU A 39 8.39 7.12 -5.53
C GLU A 39 7.37 7.86 -4.67
N MET A 40 6.45 7.09 -4.12
CA MET A 40 5.48 7.67 -3.19
C MET A 40 6.19 8.23 -2.00
N ASP A 41 7.06 7.43 -1.47
CA ASP A 41 7.84 7.68 -0.30
C ASP A 41 8.80 8.80 -0.57
N SER A 42 9.18 8.90 -1.82
CA SER A 42 10.09 9.90 -2.27
C SER A 42 9.44 11.21 -2.11
N TYR A 43 8.30 11.24 -2.73
CA TYR A 43 7.57 12.40 -2.89
C TYR A 43 7.12 12.95 -1.65
N ILE A 44 6.80 12.13 -0.75
CA ILE A 44 6.31 12.58 0.51
C ILE A 44 7.38 13.17 1.35
N GLY A 45 8.59 12.73 1.14
CA GLY A 45 9.72 13.36 1.76
C GLY A 45 9.79 14.83 1.34
N THR A 46 9.60 15.07 0.06
CA THR A 46 9.72 16.38 -0.52
C THR A 46 8.42 17.15 -0.33
N LEU A 47 7.31 16.59 -0.80
CA LEU A 47 5.95 17.08 -0.69
C LEU A 47 5.56 17.47 0.72
N THR A 48 5.97 16.74 1.73
CA THR A 48 5.66 17.10 3.13
C THR A 48 6.46 18.31 3.56
N GLU A 49 7.69 18.36 3.08
CA GLU A 49 8.53 19.52 3.39
C GLU A 49 8.20 20.68 2.46
N LEU A 50 7.19 20.50 1.61
CA LEU A 50 6.70 21.52 0.77
C LEU A 50 5.28 21.89 1.15
N GLN A 51 4.49 20.89 1.55
CA GLN A 51 3.06 21.02 1.70
C GLN A 51 2.39 19.75 2.18
N GLY A 52 1.09 19.71 2.05
CA GLY A 52 0.31 18.58 2.48
C GLY A 52 0.16 17.55 1.42
N SER A 53 0.90 17.72 0.35
CA SER A 53 0.86 16.87 -0.80
C SER A 53 0.82 15.38 -0.54
N GLU A 54 1.45 14.89 0.52
CA GLU A 54 1.10 13.55 1.07
C GLU A 54 -0.41 13.18 0.75
N GLN A 55 -1.28 14.17 0.98
CA GLN A 55 -2.72 14.13 0.65
C GLN A 55 -2.96 13.43 -0.73
N LEU A 56 -2.23 13.89 -1.74
CA LEU A 56 -2.17 13.36 -3.06
C LEU A 56 -1.86 11.91 -3.01
N LEU A 57 -0.74 11.61 -2.36
CA LEU A 57 -0.16 10.28 -2.40
C LEU A 57 -0.99 9.17 -1.83
N TYR A 58 -1.99 9.49 -1.10
CA TYR A 58 -2.79 8.52 -0.40
C TYR A 58 -3.83 8.03 -1.34
N LEU A 59 -4.28 9.01 -2.05
CA LEU A 59 -5.25 8.70 -3.03
C LEU A 59 -4.55 7.83 -4.04
N LYS A 60 -3.35 8.21 -4.37
CA LYS A 60 -2.63 7.53 -5.43
C LYS A 60 -2.15 6.16 -5.04
N GLU A 61 -1.47 6.11 -3.94
CA GLU A 61 -0.82 4.87 -3.63
C GLU A 61 -1.86 3.83 -3.46
N ILE A 62 -2.93 4.18 -2.79
CA ILE A 62 -3.90 3.14 -2.58
C ILE A 62 -4.90 3.02 -3.74
N SER A 63 -5.20 4.12 -4.38
CA SER A 63 -6.16 4.14 -5.46
C SER A 63 -5.44 4.71 -6.68
N HIS A 64 -4.70 3.82 -7.28
CA HIS A 64 -3.72 3.97 -8.34
C HIS A 64 -2.76 2.77 -8.27
N ALA A 65 -1.83 2.68 -7.31
CA ALA A 65 -0.78 1.68 -7.33
C ALA A 65 -1.11 0.44 -6.53
N LEU A 66 -1.54 0.61 -5.29
CA LEU A 66 -1.98 -0.48 -4.44
C LEU A 66 -3.20 -1.04 -5.10
N LYS A 67 -3.93 -0.19 -5.77
CA LYS A 67 -5.10 -0.60 -6.49
C LYS A 67 -4.73 -1.47 -7.68
N SER A 68 -3.54 -1.26 -8.26
CA SER A 68 -3.11 -2.06 -9.39
C SER A 68 -2.55 -3.37 -8.89
N SER A 69 -1.58 -3.24 -8.05
CA SER A 69 -0.85 -4.29 -7.48
C SER A 69 -1.74 -5.17 -6.66
N ALA A 70 -2.56 -4.60 -5.80
CA ALA A 70 -3.36 -5.42 -4.90
C ALA A 70 -4.50 -6.11 -5.62
N ALA A 71 -4.95 -5.58 -6.73
CA ALA A 71 -5.99 -6.22 -7.51
C ALA A 71 -5.41 -7.48 -8.15
N SER A 72 -4.09 -7.53 -8.16
CA SER A 72 -3.36 -8.67 -8.60
C SER A 72 -2.81 -9.48 -7.40
N PHE A 73 -2.05 -8.84 -6.49
CA PHE A 73 -1.32 -9.61 -5.44
C PHE A 73 -2.03 -9.66 -4.09
N GLY A 74 -3.21 -9.20 -4.08
CA GLY A 74 -3.93 -9.08 -2.84
C GLY A 74 -5.36 -8.80 -3.13
N ALA A 75 -5.81 -9.55 -4.13
CA ALA A 75 -7.15 -9.40 -4.72
C ALA A 75 -8.27 -9.77 -3.73
N ASP A 76 -7.96 -9.73 -2.46
CA ASP A 76 -8.87 -10.09 -1.43
C ASP A 76 -9.08 -8.78 -0.65
N ARG A 77 -8.72 -8.69 0.61
CA ARG A 77 -8.87 -7.60 1.51
C ARG A 77 -8.01 -6.38 1.26
N LEU A 78 -6.72 -6.53 1.02
CA LEU A 78 -5.84 -5.32 0.84
C LEU A 78 -6.43 -4.45 -0.23
N CYS A 79 -7.02 -5.14 -1.14
CA CYS A 79 -7.49 -4.47 -2.30
C CYS A 79 -8.63 -3.48 -1.94
N GLU A 80 -9.70 -3.96 -1.37
CA GLU A 80 -10.83 -3.03 -1.19
C GLU A 80 -11.04 -2.74 0.27
N ARG A 81 -10.63 -3.68 1.06
CA ARG A 81 -10.80 -3.62 2.47
C ARG A 81 -9.72 -2.68 3.01
N ALA A 82 -8.67 -2.45 2.28
CA ALA A 82 -7.73 -1.50 2.79
C ALA A 82 -8.16 -0.17 2.28
N ILE A 83 -8.48 -0.18 1.00
CA ILE A 83 -8.94 1.13 0.49
C ILE A 83 -10.13 1.73 1.29
N ALA A 84 -11.35 1.23 1.06
CA ALA A 84 -12.48 1.71 1.87
C ALA A 84 -12.33 1.57 3.37
N ILE A 85 -11.67 0.52 3.81
CA ILE A 85 -11.80 0.14 5.19
C ILE A 85 -10.68 0.66 6.10
N ASP A 86 -9.82 1.43 5.50
CA ASP A 86 -8.74 2.02 6.21
C ASP A 86 -9.07 3.35 6.52
N LYS A 87 -9.27 4.09 5.44
CA LYS A 87 -9.51 5.48 5.51
C LYS A 87 -10.61 5.73 6.51
N LYS A 88 -11.80 5.21 6.18
CA LYS A 88 -12.90 5.01 7.08
C LYS A 88 -12.52 5.08 8.57
N ALA A 89 -11.88 4.10 9.15
CA ALA A 89 -11.89 4.21 10.58
C ALA A 89 -10.63 3.90 11.13
N LYS A 90 -10.07 2.86 10.62
CA LYS A 90 -8.79 2.54 11.18
C LYS A 90 -7.82 3.72 10.95
N ALA A 91 -8.07 4.59 9.92
CA ALA A 91 -7.25 5.75 9.72
C ALA A 91 -7.71 6.91 10.61
N ASN A 92 -9.03 7.07 10.88
CA ASN A 92 -9.37 8.08 11.91
C ASN A 92 -9.06 7.57 13.29
N GLN A 93 -8.85 6.27 13.39
CA GLN A 93 -8.60 5.61 14.63
C GLN A 93 -7.20 5.90 15.05
N LEU A 94 -6.29 5.97 14.09
CA LEU A 94 -4.90 6.26 14.26
C LEU A 94 -4.78 7.63 14.89
N GLN A 95 -4.86 8.63 14.07
CA GLN A 95 -4.76 10.00 14.45
C GLN A 95 -6.15 10.59 14.56
N GLU A 96 -6.35 11.45 15.54
CA GLU A 96 -7.64 12.05 15.76
C GLU A 96 -7.75 13.37 15.00
N GLN A 97 -6.73 13.63 14.17
CA GLN A 97 -6.66 14.82 13.34
C GLN A 97 -7.60 14.65 12.17
N GLY A 98 -8.14 13.45 12.03
CA GLY A 98 -9.06 13.18 10.96
C GLY A 98 -8.39 12.91 9.64
N MET A 99 -7.68 11.75 9.51
CA MET A 99 -7.06 11.26 8.26
C MET A 99 -6.38 12.35 7.41
N GLU A 100 -5.11 12.62 7.73
CA GLU A 100 -4.42 13.73 7.10
C GLU A 100 -2.90 13.51 6.94
N THR A 101 -2.39 12.30 7.22
CA THR A 101 -0.93 12.01 7.13
C THR A 101 -0.50 10.68 7.78
N SER A 102 -0.88 10.46 9.03
CA SER A 102 -0.33 9.36 9.81
C SER A 102 -0.82 8.01 9.30
N GLU A 103 -1.90 8.04 8.57
CA GLU A 103 -2.52 6.87 8.04
C GLU A 103 -1.92 6.52 6.68
N MET A 104 -1.74 7.51 5.86
CA MET A 104 -1.15 7.36 4.54
C MET A 104 0.32 6.95 4.65
N LEU A 105 1.09 7.60 5.53
CA LEU A 105 2.50 7.23 5.75
C LEU A 105 2.59 5.85 6.39
N ALA A 106 1.52 5.50 7.12
CA ALA A 106 1.39 4.19 7.72
C ALA A 106 1.54 3.11 6.69
N LEU A 107 0.98 3.37 5.50
CA LEU A 107 1.04 2.45 4.37
C LEU A 107 2.42 1.95 4.14
N LEU A 108 3.41 2.82 4.22
CA LEU A 108 4.76 2.45 3.97
C LEU A 108 5.30 1.44 4.97
N HIS A 109 5.20 1.76 6.26
CA HIS A 109 5.73 0.84 7.26
C HIS A 109 4.96 -0.48 7.25
N ILE A 110 3.71 -0.41 6.86
CA ILE A 110 2.91 -1.65 6.78
C ILE A 110 3.24 -2.41 5.51
N THR A 111 3.43 -1.68 4.45
CA THR A 111 3.69 -2.30 3.17
C THR A 111 5.10 -2.89 3.11
N ARG A 112 6.09 -2.16 3.57
CA ARG A 112 7.44 -2.67 3.55
C ARG A 112 7.58 -3.84 4.49
N ASP A 113 7.09 -3.69 5.70
CA ASP A 113 7.20 -4.73 6.71
C ASP A 113 6.53 -6.01 6.24
N ALA A 114 5.33 -5.87 5.70
CA ALA A 114 4.57 -6.99 5.23
C ALA A 114 5.23 -7.63 4.01
N TYR A 115 5.58 -6.83 3.04
CA TYR A 115 6.09 -7.39 1.76
C TYR A 115 7.41 -8.13 1.96
N ARG A 116 8.13 -7.64 2.93
CA ARG A 116 9.40 -8.31 3.19
C ARG A 116 9.17 -9.63 3.97
N SER A 117 7.93 -9.89 4.36
CA SER A 117 7.56 -11.10 5.07
C SER A 117 6.92 -12.22 4.19
N TRP A 118 6.29 -11.90 3.04
CA TRP A 118 5.57 -12.92 2.23
C TRP A 118 5.52 -12.57 0.75
N THR A 119 6.10 -11.45 0.42
CA THR A 119 5.94 -10.89 -0.90
C THR A 119 7.24 -11.07 -1.68
N ASN A 120 8.32 -10.54 -1.16
CA ASN A 120 9.62 -10.70 -1.78
C ASN A 120 10.70 -10.66 -0.72
N MET A 7 -1.14 -6.18 8.00
CA MET A 7 -0.79 -7.59 7.73
C MET A 7 -1.50 -8.03 6.46
N ASN A 8 -0.89 -8.95 5.72
CA ASN A 8 -1.53 -9.52 4.55
C ASN A 8 -2.38 -10.71 4.97
N THR A 9 -1.76 -11.91 5.04
CA THR A 9 -2.33 -13.14 5.61
C THR A 9 -2.55 -14.31 4.62
N ASP A 10 -2.64 -15.46 5.25
CA ASP A 10 -2.83 -16.84 4.74
C ASP A 10 -4.09 -17.01 3.88
N VAL A 11 -4.09 -16.45 2.68
CA VAL A 11 -5.22 -16.50 1.77
C VAL A 11 -4.90 -15.66 0.56
N LEU A 12 -4.16 -14.60 0.79
CA LEU A 12 -3.95 -13.65 -0.24
C LEU A 12 -2.50 -13.51 -0.61
N ASN A 13 -1.63 -13.28 0.31
CA ASN A 13 -0.25 -13.12 -0.10
C ASN A 13 0.36 -14.44 -0.59
N GLN A 14 0.33 -15.37 0.21
CA GLN A 14 0.99 -16.65 -0.01
C GLN A 14 0.18 -17.40 -1.05
N GLN A 15 -1.12 -17.20 -1.06
CA GLN A 15 -1.91 -17.81 -2.07
C GLN A 15 -1.97 -16.93 -3.31
N LYS A 16 -2.61 -15.79 -3.18
CA LYS A 16 -2.94 -14.95 -4.32
C LYS A 16 -1.70 -14.24 -4.87
N ILE A 17 -0.69 -14.07 -4.05
CA ILE A 17 0.51 -13.46 -4.51
C ILE A 17 1.41 -14.50 -4.99
N GLU A 18 1.51 -15.60 -4.31
CA GLU A 18 2.51 -16.54 -4.70
C GLU A 18 2.08 -17.30 -5.96
N GLU A 19 0.76 -17.36 -6.16
CA GLU A 19 0.19 -18.05 -7.31
C GLU A 19 0.24 -17.15 -8.54
N LEU A 20 0.04 -15.86 -8.34
CA LEU A 20 -0.08 -14.97 -9.43
C LEU A 20 1.22 -14.26 -9.68
N SER A 21 2.05 -14.14 -8.66
CA SER A 21 3.39 -13.66 -8.83
C SER A 21 4.01 -14.66 -9.77
N ALA A 22 4.57 -15.76 -9.23
CA ALA A 22 5.01 -16.86 -10.08
C ALA A 22 5.87 -16.40 -11.31
N GLU A 23 5.50 -16.95 -12.48
CA GLU A 23 6.08 -16.68 -13.79
C GLU A 23 6.06 -15.20 -14.14
N ILE A 24 5.21 -14.46 -13.46
CA ILE A 24 5.10 -13.07 -13.66
C ILE A 24 5.68 -12.27 -12.52
N GLY A 25 4.96 -11.80 -11.50
CA GLY A 25 5.38 -11.08 -10.33
C GLY A 25 6.71 -11.38 -9.73
N SER A 26 7.28 -12.56 -9.92
CA SER A 26 8.62 -12.80 -9.43
C SER A 26 9.58 -11.75 -10.04
N ASP A 27 9.22 -11.28 -11.25
CA ASP A 27 9.88 -10.12 -11.87
C ASP A 27 9.02 -8.87 -11.80
N ASN A 28 7.72 -8.99 -11.55
CA ASN A 28 6.85 -7.80 -11.62
C ASN A 28 6.58 -7.15 -10.25
N VAL A 29 6.26 -7.95 -9.23
CA VAL A 29 5.91 -7.40 -7.91
C VAL A 29 7.05 -6.68 -7.17
N PRO A 30 8.32 -7.20 -7.11
CA PRO A 30 9.40 -6.45 -6.43
C PRO A 30 9.59 -5.13 -7.15
N VAL A 31 9.43 -5.23 -8.47
CA VAL A 31 9.48 -4.03 -9.27
C VAL A 31 8.38 -3.02 -8.82
N LEU A 32 7.10 -3.38 -8.91
CA LEU A 32 5.96 -2.49 -8.65
C LEU A 32 5.99 -2.02 -7.15
N LEU A 33 5.87 -3.01 -6.28
CA LEU A 33 5.82 -2.79 -4.85
C LEU A 33 6.89 -1.79 -4.39
N ASP A 34 8.14 -2.06 -4.72
CA ASP A 34 9.22 -1.20 -4.24
C ASP A 34 9.26 0.15 -4.95
N ILE A 35 8.70 0.25 -6.15
CA ILE A 35 8.70 1.54 -6.81
C ILE A 35 7.55 2.37 -6.31
N PHE A 36 6.39 1.75 -6.13
CA PHE A 36 5.23 2.48 -5.73
C PHE A 36 5.40 2.97 -4.32
N LEU A 37 6.19 2.25 -3.59
CA LEU A 37 6.57 2.64 -2.30
C LEU A 37 7.71 3.63 -2.38
N GLY A 38 8.83 3.23 -2.93
CA GLY A 38 10.05 4.03 -2.94
C GLY A 38 9.97 5.36 -3.68
N GLU A 39 9.35 5.39 -4.84
CA GLU A 39 9.28 6.63 -5.64
C GLU A 39 8.19 7.52 -5.07
N MET A 40 7.19 6.86 -4.58
CA MET A 40 6.20 7.68 -3.93
C MET A 40 6.69 8.20 -2.60
N ASP A 41 7.51 7.41 -1.97
CA ASP A 41 8.19 7.75 -0.74
C ASP A 41 9.19 8.86 -1.04
N SER A 42 9.60 8.91 -2.31
CA SER A 42 10.55 9.88 -2.76
C SER A 42 9.99 11.23 -2.61
N TYR A 43 8.79 11.31 -3.09
CA TYR A 43 8.08 12.49 -3.15
C TYR A 43 7.80 13.04 -1.83
N ILE A 44 7.43 12.23 -0.94
CA ILE A 44 7.06 12.66 0.38
C ILE A 44 8.27 13.05 1.21
N GLY A 45 9.44 12.64 0.78
CA GLY A 45 10.62 13.19 1.38
C GLY A 45 10.70 14.69 1.06
N THR A 46 10.57 14.99 -0.22
CA THR A 46 10.76 16.31 -0.75
C THR A 46 9.48 17.13 -0.64
N LEU A 47 8.41 16.67 -1.24
CA LEU A 47 7.10 17.25 -1.29
C LEU A 47 6.47 17.49 0.07
N THR A 48 6.82 16.72 1.06
CA THR A 48 6.35 16.97 2.43
C THR A 48 7.14 18.11 3.02
N GLU A 49 8.40 18.12 2.72
CA GLU A 49 9.23 19.23 3.15
C GLU A 49 9.01 20.46 2.25
N LEU A 50 8.06 20.34 1.32
CA LEU A 50 7.65 21.42 0.47
C LEU A 50 6.19 21.82 0.70
N GLN A 51 5.33 20.85 1.03
CA GLN A 51 3.88 21.06 1.07
C GLN A 51 3.15 19.83 1.58
N GLY A 52 1.84 19.89 1.56
CA GLY A 52 1.00 18.79 1.99
C GLY A 52 0.71 17.85 0.86
N SER A 53 1.60 17.86 -0.13
CA SER A 53 1.61 16.98 -1.27
C SER A 53 1.15 15.59 -0.89
N GLU A 54 1.72 15.08 0.16
CA GLU A 54 1.18 13.87 0.85
C GLU A 54 -0.37 13.59 0.53
N GLN A 55 -1.14 14.70 0.52
CA GLN A 55 -2.54 14.74 0.03
C GLN A 55 -2.70 13.90 -1.29
N LEU A 56 -1.87 14.25 -2.27
CA LEU A 56 -1.68 13.64 -3.55
C LEU A 56 -1.40 12.21 -3.31
N LEU A 57 -0.34 11.98 -2.51
CA LEU A 57 0.23 10.65 -2.24
C LEU A 57 -0.78 9.60 -1.87
N TYR A 58 -1.84 10.02 -1.29
CA TYR A 58 -2.85 9.17 -0.71
C TYR A 58 -3.79 8.71 -1.75
N LEU A 59 -4.18 9.66 -2.55
CA LEU A 59 -5.11 9.24 -3.54
C LEU A 59 -4.33 8.43 -4.57
N LYS A 60 -3.05 8.77 -4.70
CA LYS A 60 -2.21 8.05 -5.64
C LYS A 60 -2.00 6.64 -5.24
N GLU A 61 -1.46 6.49 -4.08
CA GLU A 61 -1.04 5.18 -3.64
C GLU A 61 -2.18 4.22 -3.78
N ILE A 62 -3.21 4.59 -3.16
CA ILE A 62 -4.26 3.61 -3.13
C ILE A 62 -5.23 3.68 -4.33
N SER A 63 -5.17 4.74 -5.10
CA SER A 63 -5.96 4.86 -6.30
C SER A 63 -5.00 5.34 -7.39
N HIS A 64 -4.18 4.38 -7.80
CA HIS A 64 -3.02 4.47 -8.63
C HIS A 64 -2.12 3.26 -8.34
N ALA A 65 -1.23 3.23 -7.35
CA ALA A 65 -0.19 2.26 -7.11
C ALA A 65 -0.71 0.98 -6.50
N LEU A 66 -1.12 1.09 -5.24
CA LEU A 66 -1.62 -0.01 -4.47
C LEU A 66 -2.72 -0.66 -5.21
N LYS A 67 -3.59 0.14 -5.77
CA LYS A 67 -4.74 -0.42 -6.44
C LYS A 67 -4.36 -1.16 -7.74
N SER A 68 -3.18 -0.90 -8.32
CA SER A 68 -2.77 -1.59 -9.54
C SER A 68 -2.22 -2.95 -9.19
N SER A 69 -1.33 -2.92 -8.27
CA SER A 69 -0.59 -4.05 -7.93
C SER A 69 -1.48 -4.93 -7.05
N ALA A 70 -2.34 -4.32 -6.24
CA ALA A 70 -3.25 -5.06 -5.38
C ALA A 70 -4.18 -5.92 -6.18
N ALA A 71 -4.66 -5.41 -7.29
CA ALA A 71 -5.59 -6.13 -8.15
C ALA A 71 -4.92 -7.41 -8.63
N SER A 72 -3.60 -7.35 -8.70
CA SER A 72 -2.82 -8.52 -8.98
C SER A 72 -2.41 -9.27 -7.66
N PHE A 73 -1.76 -8.58 -6.71
CA PHE A 73 -1.10 -9.27 -5.58
C PHE A 73 -1.94 -9.38 -4.29
N GLY A 74 -3.12 -8.87 -4.36
CA GLY A 74 -3.93 -8.71 -3.18
C GLY A 74 -5.31 -8.34 -3.57
N ALA A 75 -5.79 -9.09 -4.52
CA ALA A 75 -7.16 -8.91 -5.03
C ALA A 75 -8.20 -9.35 -3.96
N ASP A 76 -7.80 -9.26 -2.70
CA ASP A 76 -8.49 -9.73 -1.53
C ASP A 76 -8.94 -8.47 -0.79
N ARG A 77 -8.83 -8.48 0.51
CA ARG A 77 -9.08 -7.55 1.52
C ARG A 77 -8.23 -6.32 1.41
N LEU A 78 -6.92 -6.44 1.28
CA LEU A 78 -6.08 -5.22 1.23
C LEU A 78 -6.56 -4.29 0.10
N CYS A 79 -7.13 -4.95 -0.86
CA CYS A 79 -7.58 -4.16 -1.99
C CYS A 79 -8.80 -3.28 -1.65
N GLU A 80 -9.84 -3.86 -1.09
CA GLU A 80 -11.05 -3.07 -0.86
C GLU A 80 -11.25 -2.79 0.61
N ARG A 81 -10.85 -3.75 1.40
CA ARG A 81 -10.98 -3.66 2.83
C ARG A 81 -9.95 -2.63 3.32
N ALA A 82 -8.92 -2.36 2.57
CA ALA A 82 -8.07 -1.29 3.05
C ALA A 82 -8.68 -0.02 2.54
N ILE A 83 -8.80 0.04 1.24
CA ILE A 83 -9.23 1.30 0.62
C ILE A 83 -10.43 2.00 1.29
N ALA A 84 -11.45 1.23 1.58
CA ALA A 84 -12.71 1.73 2.01
C ALA A 84 -12.81 1.57 3.50
N ILE A 85 -12.16 0.50 4.00
CA ILE A 85 -12.32 0.05 5.36
C ILE A 85 -11.18 0.55 6.25
N ASP A 86 -10.35 1.36 5.62
CA ASP A 86 -9.31 2.04 6.25
C ASP A 86 -9.80 3.29 6.56
N LYS A 87 -10.04 4.07 5.47
CA LYS A 87 -10.40 5.44 5.62
C LYS A 87 -11.40 5.56 6.77
N LYS A 88 -12.58 4.94 6.59
CA LYS A 88 -13.62 4.88 7.60
C LYS A 88 -13.18 4.74 9.04
N ALA A 89 -12.47 3.74 9.45
CA ALA A 89 -12.36 3.62 10.86
C ALA A 89 -11.08 3.13 11.20
N LYS A 90 -10.58 2.23 10.42
CA LYS A 90 -9.24 1.86 10.66
C LYS A 90 -8.36 3.14 10.64
N ALA A 91 -8.64 4.09 9.74
CA ALA A 91 -7.82 5.26 9.67
C ALA A 91 -8.26 6.29 10.70
N ASN A 92 -9.57 6.39 10.97
CA ASN A 92 -9.95 7.31 12.02
C ASN A 92 -9.72 6.75 13.41
N GLN A 93 -9.48 5.46 13.49
CA GLN A 93 -9.22 4.86 14.77
C GLN A 93 -7.78 5.07 15.13
N LEU A 94 -6.87 5.05 14.15
CA LEU A 94 -5.44 5.23 14.30
C LEU A 94 -5.17 6.48 15.09
N GLN A 95 -5.37 7.56 14.44
CA GLN A 95 -5.19 8.88 14.93
C GLN A 95 -6.51 9.41 15.46
N GLU A 96 -6.48 10.25 16.46
CA GLU A 96 -7.68 10.89 16.94
C GLU A 96 -7.85 12.19 16.14
N GLN A 97 -6.90 12.41 15.23
CA GLN A 97 -6.82 13.58 14.39
C GLN A 97 -7.72 13.45 13.16
N GLY A 98 -8.30 12.28 12.97
CA GLY A 98 -9.26 12.09 11.90
C GLY A 98 -8.73 12.06 10.47
N MET A 99 -7.97 11.00 10.11
CA MET A 99 -7.47 10.73 8.75
C MET A 99 -6.96 11.98 8.06
N GLU A 100 -5.79 12.38 8.45
CA GLU A 100 -5.24 13.64 8.05
C GLU A 100 -3.91 13.54 7.31
N THR A 101 -3.28 12.34 7.31
CA THR A 101 -1.95 12.11 6.74
C THR A 101 -1.27 10.87 7.37
N SER A 102 -1.47 10.69 8.68
CA SER A 102 -0.75 9.65 9.44
C SER A 102 -1.20 8.27 9.00
N GLU A 103 -2.44 8.19 8.61
CA GLU A 103 -3.05 6.94 8.24
C GLU A 103 -2.48 6.46 6.90
N MET A 104 -2.31 7.40 6.04
CA MET A 104 -1.86 7.15 4.71
C MET A 104 -0.34 6.89 4.66
N LEU A 105 0.43 7.52 5.54
CA LEU A 105 1.87 7.21 5.63
C LEU A 105 2.06 5.88 6.34
N ALA A 106 1.07 5.56 7.16
CA ALA A 106 1.01 4.29 7.84
C ALA A 106 1.08 3.17 6.82
N LEU A 107 0.50 3.41 5.62
CA LEU A 107 0.54 2.47 4.50
C LEU A 107 1.93 1.95 4.30
N LEU A 108 2.92 2.82 4.27
CA LEU A 108 4.26 2.38 4.03
C LEU A 108 4.78 1.42 5.10
N HIS A 109 4.65 1.76 6.39
CA HIS A 109 5.20 0.86 7.41
C HIS A 109 4.46 -0.49 7.35
N ILE A 110 3.16 -0.41 7.08
CA ILE A 110 2.33 -1.62 7.06
C ILE A 110 2.60 -2.43 5.80
N THR A 111 2.82 -1.75 4.73
CA THR A 111 3.01 -2.42 3.46
C THR A 111 4.44 -2.94 3.32
N ARG A 112 5.41 -2.23 3.85
CA ARG A 112 6.77 -2.69 3.69
C ARG A 112 7.01 -3.86 4.61
N ASP A 113 6.51 -3.75 5.83
CA ASP A 113 6.69 -4.76 6.86
C ASP A 113 5.94 -6.04 6.52
N ALA A 114 4.65 -5.89 6.27
CA ALA A 114 3.80 -7.03 5.99
C ALA A 114 4.21 -7.72 4.70
N TYR A 115 4.35 -6.96 3.65
CA TYR A 115 4.55 -7.55 2.30
C TYR A 115 5.88 -8.27 2.19
N ARG A 116 6.81 -7.66 2.82
CA ARG A 116 8.16 -8.21 2.75
C ARG A 116 8.23 -9.60 3.41
N SER A 117 7.26 -9.91 4.25
CA SER A 117 7.22 -11.17 4.96
C SER A 117 6.69 -12.34 4.11
N TRP A 118 6.18 -12.07 2.91
CA TRP A 118 5.64 -13.13 2.06
C TRP A 118 5.93 -12.86 0.58
N THR A 119 5.85 -11.61 0.18
CA THR A 119 6.20 -11.25 -1.18
C THR A 119 7.69 -10.89 -1.37
N ASN A 120 8.14 -9.75 -0.84
CA ASN A 120 9.52 -9.32 -1.07
C ASN A 120 9.91 -8.20 -0.11
N MET A 7 -1.32 -8.20 10.30
CA MET A 7 -1.18 -7.57 8.98
C MET A 7 -1.54 -8.55 7.88
N ASN A 8 -1.24 -8.19 6.64
CA ASN A 8 -1.65 -8.93 5.46
C ASN A 8 -0.69 -10.06 5.25
N THR A 9 -0.92 -11.10 5.95
CA THR A 9 -0.03 -12.18 5.99
C THR A 9 -0.70 -13.48 5.50
N ASP A 10 -1.15 -14.32 6.41
CA ASP A 10 -1.79 -15.59 6.12
C ASP A 10 -3.24 -15.29 5.86
N VAL A 11 -3.53 -15.03 4.60
CA VAL A 11 -4.82 -14.54 4.12
C VAL A 11 -4.67 -14.19 2.65
N LEU A 12 -3.52 -13.61 2.30
CA LEU A 12 -3.32 -13.19 0.93
C LEU A 12 -1.88 -13.15 0.49
N ASN A 13 -0.97 -12.72 1.35
CA ASN A 13 0.36 -12.45 0.85
C ASN A 13 1.16 -13.68 0.64
N GLN A 14 1.01 -14.63 1.49
CA GLN A 14 1.73 -15.84 1.31
C GLN A 14 0.95 -16.81 0.46
N GLN A 15 -0.34 -16.61 0.38
CA GLN A 15 -1.18 -17.56 -0.27
C GLN A 15 -1.48 -17.08 -1.66
N LYS A 16 -2.14 -15.95 -1.72
CA LYS A 16 -2.58 -15.37 -2.95
C LYS A 16 -1.45 -14.74 -3.71
N ILE A 17 -0.34 -14.48 -3.08
CA ILE A 17 0.73 -13.97 -3.87
C ILE A 17 1.59 -15.12 -4.31
N GLU A 18 1.60 -16.18 -3.55
CA GLU A 18 2.27 -17.34 -4.02
C GLU A 18 1.61 -17.83 -5.31
N GLU A 19 0.30 -17.82 -5.31
CA GLU A 19 -0.47 -18.29 -6.46
C GLU A 19 -0.65 -17.23 -7.56
N LEU A 20 -0.96 -15.99 -7.18
CA LEU A 20 -1.18 -14.96 -8.18
C LEU A 20 0.11 -14.40 -8.70
N SER A 21 1.07 -14.16 -7.82
CA SER A 21 2.37 -13.82 -8.30
C SER A 21 2.92 -14.97 -9.13
N ALA A 22 3.48 -16.02 -8.53
CA ALA A 22 3.92 -17.19 -9.32
C ALA A 22 4.76 -16.78 -10.57
N GLU A 23 4.46 -17.39 -11.73
CA GLU A 23 5.16 -17.08 -12.99
C GLU A 23 4.81 -15.69 -13.49
N ILE A 24 3.93 -15.05 -12.79
CA ILE A 24 3.58 -13.70 -13.04
C ILE A 24 4.22 -12.78 -12.02
N GLY A 25 3.57 -12.29 -10.97
CA GLY A 25 4.10 -11.45 -9.93
C GLY A 25 5.48 -11.73 -9.39
N SER A 26 6.05 -12.93 -9.51
CA SER A 26 7.42 -13.13 -9.03
C SER A 26 8.35 -12.18 -9.81
N ASP A 27 7.96 -11.87 -11.03
CA ASP A 27 8.66 -10.89 -11.85
C ASP A 27 7.92 -9.56 -11.91
N ASN A 28 6.65 -9.53 -11.57
CA ASN A 28 5.86 -8.32 -11.77
C ASN A 28 5.68 -7.50 -10.49
N VAL A 29 5.32 -8.16 -9.40
CA VAL A 29 5.08 -7.43 -8.15
C VAL A 29 6.33 -6.70 -7.59
N PRO A 30 7.58 -7.28 -7.60
CA PRO A 30 8.74 -6.53 -7.11
C PRO A 30 8.97 -5.30 -7.96
N VAL A 31 8.79 -5.49 -9.29
CA VAL A 31 8.88 -4.34 -10.19
C VAL A 31 7.93 -3.24 -9.74
N LEU A 32 6.65 -3.56 -9.73
CA LEU A 32 5.58 -2.60 -9.43
C LEU A 32 5.72 -2.04 -7.98
N LEU A 33 5.44 -2.92 -7.06
CA LEU A 33 5.59 -2.62 -5.64
C LEU A 33 6.82 -1.77 -5.28
N ASP A 34 8.02 -2.10 -5.75
CA ASP A 34 9.16 -1.32 -5.31
C ASP A 34 9.23 0.04 -6.00
N ILE A 35 8.78 0.13 -7.24
CA ILE A 35 8.90 1.36 -8.02
C ILE A 35 7.90 2.39 -7.55
N PHE A 36 6.66 1.96 -7.47
CA PHE A 36 5.57 2.83 -7.15
C PHE A 36 5.58 3.26 -5.72
N LEU A 37 6.33 2.56 -4.92
CA LEU A 37 6.45 2.89 -3.56
C LEU A 37 7.68 3.66 -3.25
N GLY A 38 8.83 3.25 -3.79
CA GLY A 38 10.07 3.93 -3.51
C GLY A 38 10.14 5.29 -4.20
N GLU A 39 9.59 5.39 -5.39
CA GLU A 39 9.58 6.66 -6.11
C GLU A 39 8.39 7.50 -5.64
N MET A 40 7.35 6.78 -5.20
CA MET A 40 6.26 7.48 -4.51
C MET A 40 6.87 8.20 -3.36
N ASP A 41 7.65 7.43 -2.61
CA ASP A 41 8.38 7.79 -1.42
C ASP A 41 9.30 8.97 -1.65
N SER A 42 9.67 9.17 -2.90
CA SER A 42 10.45 10.34 -3.25
C SER A 42 9.65 11.60 -2.94
N TYR A 43 8.38 11.56 -3.29
CA TYR A 43 7.47 12.67 -3.03
C TYR A 43 7.15 12.78 -1.56
N ILE A 44 7.30 11.71 -0.92
CA ILE A 44 7.16 11.68 0.51
C ILE A 44 8.31 12.42 1.15
N GLY A 45 9.50 12.18 0.69
CA GLY A 45 10.62 12.91 1.20
C GLY A 45 10.52 14.40 0.84
N THR A 46 10.48 14.65 -0.44
CA THR A 46 10.57 15.97 -0.98
C THR A 46 9.25 16.73 -0.76
N LEU A 47 8.18 16.26 -1.36
CA LEU A 47 6.89 16.92 -1.35
C LEU A 47 6.24 17.01 0.03
N THR A 48 6.57 16.13 0.96
CA THR A 48 5.97 16.26 2.30
C THR A 48 6.62 17.40 3.04
N GLU A 49 7.87 17.47 2.82
CA GLU A 49 8.67 18.57 3.33
C GLU A 49 8.49 19.84 2.50
N LEU A 50 7.65 19.78 1.48
CA LEU A 50 7.38 20.92 0.63
C LEU A 50 5.89 21.30 0.58
N GLN A 51 5.02 20.35 0.88
CA GLN A 51 3.57 20.52 0.78
C GLN A 51 2.84 19.42 1.53
N GLY A 52 1.52 19.48 1.45
CA GLY A 52 0.64 18.50 2.04
C GLY A 52 0.52 17.26 1.19
N SER A 53 1.61 17.00 0.48
CA SER A 53 1.83 15.86 -0.34
C SER A 53 1.11 14.64 0.19
N GLU A 54 1.53 14.22 1.36
CA GLU A 54 0.81 13.19 2.16
C GLU A 54 -0.68 12.99 1.68
N GLN A 55 -1.41 14.11 1.59
CA GLN A 55 -2.79 14.15 1.04
C GLN A 55 -2.86 13.46 -0.36
N LEU A 56 -2.03 13.96 -1.26
CA LEU A 56 -1.82 13.54 -2.61
C LEU A 56 -1.42 12.09 -2.66
N LEU A 57 -0.42 11.74 -1.87
CA LEU A 57 0.20 10.42 -1.95
C LEU A 57 -0.77 9.30 -1.64
N TYR A 58 -1.86 9.64 -1.04
CA TYR A 58 -2.83 8.71 -0.56
C TYR A 58 -3.76 8.31 -1.64
N LEU A 59 -4.15 9.28 -2.42
CA LEU A 59 -5.09 8.87 -3.46
C LEU A 59 -4.33 8.08 -4.48
N LYS A 60 -3.11 8.50 -4.67
CA LYS A 60 -2.30 7.87 -5.67
C LYS A 60 -1.68 6.55 -5.31
N GLU A 61 -1.10 6.45 -4.16
CA GLU A 61 -0.46 5.16 -3.95
C GLU A 61 -1.50 4.08 -3.85
N ILE A 62 -2.59 4.41 -3.23
CA ILE A 62 -3.58 3.36 -3.02
C ILE A 62 -4.47 3.09 -4.23
N SER A 63 -4.75 4.09 -5.04
CA SER A 63 -5.64 3.88 -6.18
C SER A 63 -4.80 3.57 -7.43
N HIS A 64 -3.64 4.14 -7.47
CA HIS A 64 -2.74 3.91 -8.53
C HIS A 64 -1.88 2.66 -8.29
N ALA A 65 -1.03 2.58 -7.28
CA ALA A 65 -0.11 1.46 -7.06
C ALA A 65 -0.81 0.27 -6.43
N LEU A 66 -1.39 0.47 -5.24
CA LEU A 66 -2.06 -0.63 -4.53
C LEU A 66 -3.22 -1.16 -5.28
N LYS A 67 -4.04 -0.30 -5.80
CA LYS A 67 -5.21 -0.75 -6.51
C LYS A 67 -4.79 -1.56 -7.74
N SER A 68 -3.59 -1.33 -8.24
CA SER A 68 -3.11 -2.08 -9.35
C SER A 68 -2.49 -3.42 -8.91
N SER A 69 -1.53 -3.35 -8.01
CA SER A 69 -0.78 -4.49 -7.59
C SER A 69 -1.61 -5.35 -6.66
N ALA A 70 -2.47 -4.76 -5.88
CA ALA A 70 -3.28 -5.52 -4.94
C ALA A 70 -4.51 -6.07 -5.60
N ALA A 71 -4.88 -5.56 -6.75
CA ALA A 71 -5.99 -6.16 -7.50
C ALA A 71 -5.52 -7.48 -8.08
N SER A 72 -4.22 -7.58 -8.30
CA SER A 72 -3.64 -8.80 -8.81
C SER A 72 -2.96 -9.64 -7.71
N PHE A 73 -2.12 -9.02 -6.89
CA PHE A 73 -1.28 -9.84 -5.97
C PHE A 73 -1.56 -9.48 -4.48
N GLY A 74 -2.79 -9.16 -4.28
CA GLY A 74 -3.30 -8.83 -2.93
C GLY A 74 -4.78 -8.68 -3.00
N ALA A 75 -5.29 -9.47 -3.92
CA ALA A 75 -6.68 -9.40 -4.38
C ALA A 75 -7.71 -9.88 -3.36
N ASP A 76 -7.39 -9.78 -2.09
CA ASP A 76 -8.29 -10.27 -1.08
C ASP A 76 -8.79 -9.09 -0.23
N ARG A 77 -8.01 -8.73 0.76
CA ARG A 77 -8.35 -7.88 1.86
C ARG A 77 -7.62 -6.60 1.71
N LEU A 78 -6.36 -6.75 1.50
CA LEU A 78 -5.49 -5.65 1.18
C LEU A 78 -6.10 -4.83 0.04
N CYS A 79 -6.68 -5.57 -0.87
CA CYS A 79 -7.17 -4.93 -2.09
C CYS A 79 -8.34 -4.02 -1.83
N GLU A 80 -9.44 -4.59 -1.38
CA GLU A 80 -10.64 -3.78 -1.36
C GLU A 80 -11.03 -3.49 0.05
N ARG A 81 -10.69 -4.40 0.89
CA ARG A 81 -11.02 -4.26 2.25
C ARG A 81 -10.16 -3.14 2.81
N ALA A 82 -8.99 -2.87 2.23
CA ALA A 82 -8.22 -1.81 2.80
C ALA A 82 -8.73 -0.54 2.20
N ILE A 83 -8.76 -0.56 0.91
CA ILE A 83 -9.06 0.69 0.23
C ILE A 83 -10.34 1.46 0.68
N ALA A 84 -11.35 0.72 1.05
CA ALA A 84 -12.65 1.28 1.37
C ALA A 84 -12.76 1.43 2.88
N ILE A 85 -12.15 0.47 3.54
CA ILE A 85 -12.29 0.27 4.97
C ILE A 85 -11.11 0.89 5.71
N ASP A 86 -10.31 1.59 4.95
CA ASP A 86 -9.19 2.31 5.45
C ASP A 86 -9.48 3.68 5.56
N LYS A 87 -9.96 4.25 4.43
CA LYS A 87 -10.41 5.60 4.50
C LYS A 87 -11.32 5.77 5.72
N LYS A 88 -12.50 5.11 5.68
CA LYS A 88 -13.42 5.14 6.82
C LYS A 88 -12.85 5.15 8.24
N ALA A 89 -12.08 4.19 8.67
CA ALA A 89 -11.76 4.19 10.09
C ALA A 89 -10.33 3.95 10.27
N LYS A 90 -9.80 3.18 9.39
CA LYS A 90 -8.37 3.02 9.49
C LYS A 90 -7.69 4.33 9.56
N ALA A 91 -8.10 5.30 8.79
CA ALA A 91 -7.50 6.57 8.86
C ALA A 91 -8.15 7.42 9.93
N ASN A 92 -9.49 7.31 10.12
CA ASN A 92 -10.11 8.23 11.07
C ASN A 92 -10.01 7.78 12.50
N GLN A 93 -9.78 6.52 12.70
CA GLN A 93 -9.69 5.96 14.01
C GLN A 93 -8.27 5.99 14.46
N LEU A 94 -7.29 5.87 13.54
CA LEU A 94 -5.86 5.88 13.77
C LEU A 94 -5.54 7.07 14.63
N GLN A 95 -5.84 8.21 14.10
CA GLN A 95 -5.64 9.47 14.73
C GLN A 95 -6.92 9.84 15.41
N GLU A 96 -6.85 10.60 16.46
CA GLU A 96 -8.04 11.14 17.06
C GLU A 96 -8.30 12.48 16.32
N GLN A 97 -7.40 12.77 15.37
CA GLN A 97 -7.44 13.99 14.60
C GLN A 97 -8.31 13.84 13.38
N GLY A 98 -8.84 12.65 13.13
CA GLY A 98 -9.69 12.48 11.98
C GLY A 98 -8.97 12.53 10.63
N MET A 99 -8.16 11.48 10.32
CA MET A 99 -7.47 11.27 9.02
C MET A 99 -6.79 12.52 8.42
N GLU A 100 -5.47 12.66 8.64
CA GLU A 100 -4.82 13.88 8.20
C GLU A 100 -3.30 13.78 7.99
N THR A 101 -2.71 12.57 8.12
CA THR A 101 -1.25 12.39 7.96
C THR A 101 -0.76 10.98 8.36
N SER A 102 -1.10 10.55 9.58
CA SER A 102 -0.51 9.39 10.22
C SER A 102 -0.83 8.10 9.52
N GLU A 103 -1.90 8.11 8.80
CA GLU A 103 -2.40 6.94 8.17
C GLU A 103 -1.87 6.82 6.75
N MET A 104 -1.81 7.93 6.05
CA MET A 104 -1.26 8.02 4.69
C MET A 104 0.20 7.57 4.75
N LEU A 105 0.95 8.18 5.66
CA LEU A 105 2.35 7.80 5.89
C LEU A 105 2.41 6.34 6.34
N ALA A 106 1.34 5.95 7.02
CA ALA A 106 1.22 4.60 7.50
C ALA A 106 1.32 3.58 6.40
N LEU A 107 0.89 3.96 5.20
CA LEU A 107 0.88 3.09 4.03
C LEU A 107 2.24 2.60 3.68
N LEU A 108 3.24 3.42 3.82
CA LEU A 108 4.58 3.05 3.51
C LEU A 108 5.10 2.00 4.49
N HIS A 109 4.96 2.28 5.78
CA HIS A 109 5.45 1.29 6.72
C HIS A 109 4.66 -0.04 6.60
N ILE A 110 3.43 0.05 6.14
CA ILE A 110 2.62 -1.17 5.97
C ILE A 110 2.98 -1.87 4.66
N THR A 111 3.28 -1.10 3.64
CA THR A 111 3.65 -1.69 2.37
C THR A 111 5.04 -2.35 2.49
N ARG A 112 5.83 -1.81 3.35
CA ARG A 112 7.13 -2.42 3.53
C ARG A 112 7.05 -3.59 4.49
N ASP A 113 6.34 -3.41 5.55
CA ASP A 113 6.22 -4.43 6.58
C ASP A 113 5.42 -5.64 6.09
N ALA A 114 4.19 -5.37 5.67
CA ALA A 114 3.21 -6.38 5.35
C ALA A 114 3.40 -6.97 3.97
N TYR A 115 4.25 -6.35 3.18
CA TYR A 115 4.49 -6.92 1.85
C TYR A 115 5.85 -7.60 1.81
N ARG A 116 6.87 -6.76 2.01
CA ARG A 116 8.28 -7.17 1.83
C ARG A 116 8.69 -8.43 2.62
N SER A 117 7.89 -8.81 3.60
CA SER A 117 8.20 -10.02 4.33
C SER A 117 7.72 -11.30 3.59
N TRP A 118 6.95 -11.17 2.50
CA TRP A 118 6.36 -12.32 1.79
C TRP A 118 6.30 -12.06 0.28
N THR A 119 6.97 -11.01 -0.17
CA THR A 119 6.84 -10.64 -1.57
C THR A 119 8.15 -10.04 -2.12
N ASN A 120 9.26 -10.40 -1.48
CA ASN A 120 10.64 -9.98 -1.82
C ASN A 120 10.84 -8.51 -1.50
N MET A 7 -3.34 -6.35 7.53
CA MET A 7 -2.09 -7.03 7.17
C MET A 7 -2.36 -8.06 6.07
N ASN A 8 -1.34 -8.32 5.28
CA ASN A 8 -1.38 -9.30 4.20
C ASN A 8 -1.38 -10.66 4.86
N THR A 9 -2.41 -11.42 4.66
CA THR A 9 -2.56 -12.61 5.45
C THR A 9 -2.78 -13.88 4.60
N ASP A 10 -3.05 -14.99 5.28
CA ASP A 10 -3.19 -16.35 4.78
C ASP A 10 -4.48 -16.52 4.01
N VAL A 11 -4.46 -16.04 2.79
CA VAL A 11 -5.59 -16.07 1.90
C VAL A 11 -5.13 -15.53 0.56
N LEU A 12 -4.28 -14.52 0.61
CA LEU A 12 -3.85 -13.89 -0.61
C LEU A 12 -2.36 -13.76 -0.71
N ASN A 13 -1.68 -13.42 0.37
CA ASN A 13 -0.29 -13.10 0.21
C ASN A 13 0.59 -14.31 0.14
N GLN A 14 0.28 -15.30 0.89
CA GLN A 14 1.06 -16.49 0.78
C GLN A 14 0.46 -17.44 -0.24
N GLN A 15 -0.85 -17.32 -0.46
CA GLN A 15 -1.48 -18.20 -1.40
C GLN A 15 -1.39 -17.60 -2.79
N LYS A 16 -2.10 -16.52 -2.97
CA LYS A 16 -2.19 -15.87 -4.26
C LYS A 16 -1.00 -15.08 -4.69
N ILE A 17 -0.03 -14.87 -3.81
CA ILE A 17 1.13 -14.27 -4.32
C ILE A 17 2.11 -15.32 -4.63
N GLU A 18 2.02 -16.45 -3.97
CA GLU A 18 2.96 -17.47 -4.27
C GLU A 18 2.75 -17.99 -5.69
N GLU A 19 1.49 -18.05 -6.08
CA GLU A 19 1.07 -18.50 -7.40
C GLU A 19 1.21 -17.40 -8.46
N LEU A 20 0.84 -16.18 -8.11
CA LEU A 20 0.88 -15.07 -9.07
C LEU A 20 2.26 -14.47 -9.16
N SER A 21 2.95 -14.36 -8.04
CA SER A 21 4.35 -14.07 -8.09
C SER A 21 5.06 -15.17 -8.87
N ALA A 22 5.53 -16.23 -8.20
CA ALA A 22 6.10 -17.38 -8.91
C ALA A 22 7.14 -16.98 -9.99
N GLU A 23 7.05 -17.59 -11.16
CA GLU A 23 7.89 -17.31 -12.31
C GLU A 23 7.49 -16.02 -13.01
N ILE A 24 6.56 -15.32 -12.44
CA ILE A 24 6.07 -14.12 -13.03
C ILE A 24 6.37 -12.97 -12.14
N GLY A 25 5.56 -12.61 -11.16
CA GLY A 25 5.85 -11.61 -10.20
C GLY A 25 7.18 -11.64 -9.52
N SER A 26 7.90 -12.72 -9.52
CA SER A 26 9.18 -12.67 -8.87
C SER A 26 10.14 -11.73 -9.63
N ASP A 27 9.80 -11.43 -10.89
CA ASP A 27 10.49 -10.36 -11.61
C ASP A 27 9.61 -9.14 -11.80
N ASN A 28 8.32 -9.24 -11.53
CA ASN A 28 7.42 -8.11 -11.76
C ASN A 28 6.97 -7.43 -10.46
N VAL A 29 6.57 -8.23 -9.47
CA VAL A 29 6.02 -7.73 -8.20
C VAL A 29 6.98 -6.85 -7.36
N PRO A 30 8.29 -7.21 -7.14
CA PRO A 30 9.16 -6.37 -6.33
C PRO A 30 9.48 -5.09 -7.09
N VAL A 31 9.49 -5.21 -8.41
CA VAL A 31 9.68 -4.04 -9.24
C VAL A 31 8.57 -3.02 -8.97
N LEU A 32 7.34 -3.43 -9.22
CA LEU A 32 6.16 -2.58 -9.13
C LEU A 32 6.04 -1.98 -7.70
N LEU A 33 5.76 -2.88 -6.79
CA LEU A 33 5.62 -2.51 -5.39
C LEU A 33 6.74 -1.55 -4.89
N ASP A 34 7.99 -1.78 -5.26
CA ASP A 34 9.06 -0.94 -4.73
C ASP A 34 9.12 0.41 -5.42
N ILE A 35 8.82 0.45 -6.71
CA ILE A 35 8.95 1.68 -7.49
C ILE A 35 7.86 2.66 -7.09
N PHE A 36 6.64 2.17 -7.12
CA PHE A 36 5.48 2.97 -6.88
C PHE A 36 5.40 3.42 -5.45
N LEU A 37 6.11 2.76 -4.62
CA LEU A 37 6.16 3.14 -3.27
C LEU A 37 7.33 4.05 -3.01
N GLY A 38 8.53 3.68 -3.43
CA GLY A 38 9.71 4.50 -3.22
C GLY A 38 9.67 5.87 -3.90
N GLU A 39 9.12 5.94 -5.12
CA GLU A 39 9.00 7.22 -5.86
C GLU A 39 7.86 8.05 -5.26
N MET A 40 6.85 7.34 -4.85
CA MET A 40 5.80 8.06 -4.15
C MET A 40 6.26 8.59 -2.82
N ASP A 41 7.06 7.78 -2.16
CA ASP A 41 7.70 8.03 -0.88
C ASP A 41 8.60 9.23 -1.01
N SER A 42 9.15 9.34 -2.22
CA SER A 42 10.14 10.34 -2.55
C SER A 42 9.61 11.68 -2.25
N TYR A 43 8.44 11.84 -2.81
CA TYR A 43 7.75 13.05 -2.78
C TYR A 43 7.41 13.45 -1.43
N ILE A 44 7.04 12.53 -0.66
CA ILE A 44 6.57 12.80 0.65
C ILE A 44 7.70 13.14 1.63
N GLY A 45 8.92 12.88 1.22
CA GLY A 45 10.03 13.41 1.94
C GLY A 45 10.01 14.95 1.80
N THR A 46 10.13 15.39 0.56
CA THR A 46 10.19 16.79 0.21
C THR A 46 8.80 17.46 0.36
N LEU A 47 7.82 16.98 -0.38
CA LEU A 47 6.46 17.47 -0.43
C LEU A 47 5.76 17.57 0.92
N THR A 48 5.99 16.66 1.83
CA THR A 48 5.32 16.70 3.15
C THR A 48 5.96 17.72 4.03
N GLU A 49 7.20 17.85 3.79
CA GLU A 49 8.00 18.89 4.39
C GLU A 49 7.54 20.26 3.83
N LEU A 50 6.90 20.24 2.67
CA LEU A 50 6.52 21.42 1.94
C LEU A 50 5.02 21.73 2.07
N GLN A 51 4.21 20.68 2.26
CA GLN A 51 2.76 20.79 2.18
C GLN A 51 2.12 19.47 2.55
N GLY A 52 0.80 19.44 2.50
CA GLY A 52 0.00 18.28 2.86
C GLY A 52 -0.10 17.30 1.73
N SER A 53 0.90 17.36 0.89
CA SER A 53 1.15 16.50 -0.21
C SER A 53 0.70 15.08 0.02
N GLU A 54 1.04 14.55 1.17
CA GLU A 54 0.48 13.28 1.70
C GLU A 54 -0.98 13.03 1.15
N GLN A 55 -1.75 14.10 1.06
CA GLN A 55 -3.09 14.12 0.43
C GLN A 55 -3.03 13.41 -0.94
N LEU A 56 -2.10 13.90 -1.74
CA LEU A 56 -1.74 13.37 -3.02
C LEU A 56 -1.28 11.96 -2.82
N LEU A 57 -0.42 11.76 -1.80
CA LEU A 57 0.22 10.49 -1.51
C LEU A 57 -0.78 9.35 -1.36
N TYR A 58 -1.95 9.67 -0.96
CA TYR A 58 -3.01 8.74 -0.74
C TYR A 58 -3.64 8.40 -2.07
N LEU A 59 -4.12 9.45 -2.70
CA LEU A 59 -4.92 9.24 -3.90
C LEU A 59 -4.12 8.55 -5.01
N LYS A 60 -2.90 8.99 -5.16
CA LYS A 60 -2.07 8.41 -6.19
C LYS A 60 -1.30 7.16 -5.87
N GLU A 61 -1.47 6.56 -4.73
CA GLU A 61 -0.83 5.27 -4.62
C GLU A 61 -1.78 4.21 -4.26
N ILE A 62 -2.84 4.56 -3.64
CA ILE A 62 -3.77 3.54 -3.29
C ILE A 62 -4.60 3.16 -4.50
N SER A 63 -4.82 4.12 -5.36
CA SER A 63 -5.58 3.88 -6.56
C SER A 63 -4.60 3.55 -7.67
N HIS A 64 -3.46 4.18 -7.58
CA HIS A 64 -2.43 3.95 -8.52
C HIS A 64 -1.67 2.68 -8.19
N ALA A 65 -0.82 2.63 -7.18
CA ALA A 65 0.09 1.54 -6.88
C ALA A 65 -0.64 0.35 -6.32
N LEU A 66 -1.44 0.55 -5.29
CA LEU A 66 -2.15 -0.52 -4.62
C LEU A 66 -3.16 -1.16 -5.44
N LYS A 67 -4.07 -0.40 -5.95
CA LYS A 67 -5.09 -0.94 -6.80
C LYS A 67 -4.44 -1.65 -8.00
N SER A 68 -3.18 -1.34 -8.32
CA SER A 68 -2.50 -1.99 -9.41
C SER A 68 -1.83 -3.28 -8.96
N SER A 69 -1.09 -3.21 -7.89
CA SER A 69 -0.30 -4.25 -7.33
C SER A 69 -1.21 -5.24 -6.65
N ALA A 70 -2.19 -4.74 -5.94
CA ALA A 70 -3.10 -5.61 -5.21
C ALA A 70 -3.94 -6.38 -6.20
N ALA A 71 -4.35 -5.75 -7.27
CA ALA A 71 -5.19 -6.42 -8.26
C ALA A 71 -4.40 -7.49 -9.00
N SER A 72 -3.09 -7.40 -8.91
CA SER A 72 -2.21 -8.36 -9.52
C SER A 72 -1.66 -9.35 -8.49
N PHE A 73 -1.40 -8.91 -7.25
CA PHE A 73 -0.80 -9.81 -6.25
C PHE A 73 -1.29 -9.60 -4.79
N GLY A 74 -2.57 -9.37 -4.71
CA GLY A 74 -3.27 -9.16 -3.43
C GLY A 74 -4.73 -8.86 -3.70
N ALA A 75 -5.19 -9.63 -4.64
CA ALA A 75 -6.51 -9.38 -5.26
C ALA A 75 -7.70 -9.95 -4.49
N ASP A 76 -7.59 -9.88 -3.21
CA ASP A 76 -8.62 -10.36 -2.33
C ASP A 76 -8.60 -9.28 -1.26
N ARG A 77 -9.30 -9.42 -0.16
CA ARG A 77 -9.12 -8.74 1.11
C ARG A 77 -8.51 -7.36 1.06
N LEU A 78 -7.22 -7.27 1.06
CA LEU A 78 -6.56 -5.95 1.20
C LEU A 78 -7.00 -5.04 0.09
N CYS A 79 -7.31 -5.68 -1.00
CA CYS A 79 -7.62 -4.90 -2.14
C CYS A 79 -8.92 -4.13 -1.89
N GLU A 80 -9.92 -4.83 -1.43
CA GLU A 80 -11.27 -4.21 -1.30
C GLU A 80 -11.67 -4.02 0.16
N ARG A 81 -11.35 -5.02 0.91
CA ARG A 81 -11.73 -5.15 2.28
C ARG A 81 -10.90 -4.15 3.06
N ALA A 82 -9.71 -3.88 2.58
CA ALA A 82 -8.89 -2.96 3.28
C ALA A 82 -9.19 -1.63 2.70
N ILE A 83 -9.20 -1.53 1.39
CA ILE A 83 -9.55 -0.18 0.86
C ILE A 83 -10.81 0.55 1.50
N ALA A 84 -11.70 -0.26 2.11
CA ALA A 84 -12.91 0.22 2.72
C ALA A 84 -12.63 0.66 4.19
N ILE A 85 -11.92 -0.18 4.95
CA ILE A 85 -11.71 0.02 6.43
C ILE A 85 -10.38 0.75 6.64
N ASP A 86 -9.62 0.44 5.66
CA ASP A 86 -8.33 1.07 5.68
C ASP A 86 -8.45 2.57 5.72
N LYS A 87 -9.23 3.16 4.82
CA LYS A 87 -9.44 4.61 4.98
C LYS A 87 -10.15 4.89 6.30
N LYS A 88 -11.24 4.28 6.42
CA LYS A 88 -12.08 4.32 7.57
C LYS A 88 -11.49 4.28 9.04
N ALA A 89 -10.65 3.36 9.44
CA ALA A 89 -10.27 3.22 10.82
C ALA A 89 -8.85 2.87 10.85
N LYS A 90 -8.34 2.32 9.76
CA LYS A 90 -6.91 2.27 9.66
C LYS A 90 -6.38 3.69 9.75
N ALA A 91 -7.18 4.70 9.43
CA ALA A 91 -6.74 6.03 9.59
C ALA A 91 -7.17 6.52 10.94
N ASN A 92 -8.35 6.16 11.40
CA ASN A 92 -8.68 6.50 12.78
C ASN A 92 -7.77 5.78 13.83
N GLN A 93 -7.12 4.70 13.47
CA GLN A 93 -6.14 4.05 14.36
C GLN A 93 -4.83 4.86 14.25
N LEU A 94 -4.77 5.53 13.14
CA LEU A 94 -3.63 6.39 12.81
C LEU A 94 -3.64 7.76 13.47
N GLN A 95 -4.64 8.08 14.29
CA GLN A 95 -4.83 9.43 14.83
C GLN A 95 -6.15 9.51 15.58
N GLU A 96 -6.54 10.71 15.93
CA GLU A 96 -7.82 10.92 16.58
C GLU A 96 -8.89 11.32 15.58
N GLN A 97 -8.52 12.09 14.56
CA GLN A 97 -9.46 12.67 13.59
C GLN A 97 -9.81 11.77 12.42
N GLY A 98 -9.91 10.43 12.58
CA GLY A 98 -10.18 9.40 11.55
C GLY A 98 -9.81 9.69 10.10
N MET A 99 -8.68 10.37 9.88
CA MET A 99 -8.18 10.85 8.58
C MET A 99 -8.06 12.33 8.46
N GLU A 100 -6.83 12.74 8.40
CA GLU A 100 -6.47 14.12 8.42
C GLU A 100 -5.25 14.37 7.53
N THR A 101 -4.41 13.35 7.33
CA THR A 101 -3.13 13.53 6.67
C THR A 101 -2.22 12.32 6.99
N SER A 102 -2.35 11.78 8.21
CA SER A 102 -1.41 10.77 8.70
C SER A 102 -1.67 9.42 8.05
N GLU A 103 -2.91 9.23 7.68
CA GLU A 103 -3.36 7.97 7.09
C GLU A 103 -2.69 7.72 5.74
N MET A 104 -2.49 8.78 5.06
CA MET A 104 -1.88 8.86 3.76
C MET A 104 -0.45 8.32 3.81
N LEU A 105 0.38 8.99 4.57
CA LEU A 105 1.77 8.47 4.69
C LEU A 105 1.83 7.20 5.55
N ALA A 106 0.71 6.90 6.21
CA ALA A 106 0.56 5.65 6.92
C ALA A 106 0.71 4.48 5.98
N LEU A 107 0.23 4.65 4.76
CA LEU A 107 0.28 3.62 3.71
C LEU A 107 1.69 3.13 3.50
N LEU A 108 2.63 4.01 3.72
CA LEU A 108 3.99 3.68 3.57
C LEU A 108 4.49 2.74 4.68
N HIS A 109 4.19 3.01 5.94
CA HIS A 109 4.67 2.08 6.96
C HIS A 109 3.90 0.78 6.92
N ILE A 110 2.68 0.84 6.40
CA ILE A 110 1.88 -0.36 6.30
C ILE A 110 2.30 -1.19 5.09
N THR A 111 2.75 -0.51 4.06
CA THR A 111 3.23 -1.20 2.87
C THR A 111 4.60 -1.81 3.15
N ARG A 112 5.29 -1.25 4.11
CA ARG A 112 6.58 -1.75 4.49
C ARG A 112 6.43 -2.87 5.48
N ASP A 113 5.55 -2.68 6.40
CA ASP A 113 5.34 -3.66 7.44
C ASP A 113 4.63 -4.89 6.92
N ALA A 114 3.43 -4.65 6.43
CA ALA A 114 2.52 -5.69 6.09
C ALA A 114 2.83 -6.35 4.77
N TYR A 115 3.69 -5.76 3.99
CA TYR A 115 4.00 -6.36 2.67
C TYR A 115 5.39 -6.97 2.67
N ARG A 116 6.29 -6.26 3.28
CA ARG A 116 7.70 -6.69 3.29
C ARG A 116 7.92 -8.01 4.04
N SER A 117 6.87 -8.50 4.66
CA SER A 117 6.95 -9.82 5.25
C SER A 117 6.58 -10.99 4.28
N TRP A 118 5.96 -10.73 3.08
CA TRP A 118 5.43 -11.82 2.17
C TRP A 118 5.19 -11.32 0.75
N THR A 119 5.65 -10.13 0.45
CA THR A 119 5.35 -9.49 -0.83
C THR A 119 6.66 -9.03 -1.49
N ASN A 120 7.77 -9.46 -0.89
CA ASN A 120 9.15 -9.05 -1.24
C ASN A 120 9.48 -7.76 -0.56
N MET A 7 -2.23 -6.22 7.73
CA MET A 7 -1.30 -7.36 7.70
C MET A 7 -1.66 -8.28 6.54
N ASN A 8 -0.72 -8.49 5.66
CA ASN A 8 -0.93 -9.36 4.51
C ASN A 8 -0.59 -10.77 4.93
N THR A 9 -1.48 -11.42 5.62
CA THR A 9 -1.15 -12.65 6.30
C THR A 9 -1.42 -13.94 5.46
N ASP A 10 -1.43 -15.06 6.16
CA ASP A 10 -1.67 -16.41 5.68
C ASP A 10 -3.09 -16.57 5.23
N VAL A 11 -3.33 -16.15 4.01
CA VAL A 11 -4.61 -16.22 3.34
C VAL A 11 -4.46 -15.60 1.98
N LEU A 12 -3.66 -14.55 1.89
CA LEU A 12 -3.55 -13.82 0.69
C LEU A 12 -2.13 -13.66 0.21
N ASN A 13 -1.24 -13.26 1.06
CA ASN A 13 0.07 -12.92 0.58
C ASN A 13 0.91 -14.09 0.32
N GLN A 14 0.83 -15.09 1.12
CA GLN A 14 1.61 -16.26 0.80
C GLN A 14 0.81 -17.21 -0.08
N GLN A 15 -0.50 -17.02 -0.13
CA GLN A 15 -1.33 -17.94 -0.83
C GLN A 15 -1.61 -17.40 -2.20
N LYS A 16 -2.21 -16.24 -2.22
CA LYS A 16 -2.59 -15.63 -3.45
C LYS A 16 -1.44 -15.00 -4.15
N ILE A 17 -0.34 -14.79 -3.47
CA ILE A 17 0.81 -14.35 -4.23
C ILE A 17 1.48 -15.55 -4.84
N GLU A 18 1.46 -16.67 -4.15
CA GLU A 18 1.98 -17.86 -4.72
C GLU A 18 1.23 -18.19 -6.00
N GLU A 19 -0.08 -18.12 -5.94
CA GLU A 19 -0.93 -18.44 -7.07
C GLU A 19 -1.05 -17.34 -8.13
N LEU A 20 -1.23 -16.09 -7.73
CA LEU A 20 -1.36 -15.03 -8.72
C LEU A 20 -0.03 -14.51 -9.20
N SER A 21 0.90 -14.30 -8.28
CA SER A 21 2.22 -13.96 -8.67
C SER A 21 2.86 -15.12 -9.42
N ALA A 22 3.37 -16.17 -8.75
CA ALA A 22 3.85 -17.36 -9.49
C ALA A 22 4.79 -17.01 -10.67
N GLU A 23 4.52 -17.63 -11.85
CA GLU A 23 5.26 -17.41 -13.10
C GLU A 23 5.09 -15.99 -13.62
N ILE A 24 4.24 -15.24 -12.95
CA ILE A 24 4.08 -13.86 -13.21
C ILE A 24 4.77 -13.04 -12.14
N GLY A 25 4.10 -12.49 -11.11
CA GLY A 25 4.61 -11.67 -10.03
C GLY A 25 5.80 -12.11 -9.24
N SER A 26 6.32 -13.31 -9.41
CA SER A 26 7.56 -13.61 -8.74
C SER A 26 8.65 -12.73 -9.38
N ASP A 27 8.39 -12.33 -10.62
CA ASP A 27 9.27 -11.41 -11.31
C ASP A 27 8.68 -10.01 -11.51
N ASN A 28 7.36 -9.88 -11.69
CA ASN A 28 6.84 -8.56 -12.12
C ASN A 28 6.39 -7.70 -10.95
N VAL A 29 5.85 -8.32 -9.92
CA VAL A 29 5.29 -7.58 -8.83
C VAL A 29 6.34 -6.96 -7.87
N PRO A 30 7.55 -7.57 -7.61
CA PRO A 30 8.57 -6.87 -6.84
C PRO A 30 9.07 -5.67 -7.63
N VAL A 31 9.07 -5.84 -8.96
CA VAL A 31 9.38 -4.70 -9.81
C VAL A 31 8.38 -3.56 -9.54
N LEU A 32 7.11 -3.87 -9.63
CA LEU A 32 6.00 -2.94 -9.49
C LEU A 32 5.98 -2.30 -8.07
N LEU A 33 5.80 -3.17 -7.11
CA LEU A 33 5.79 -2.76 -5.71
C LEU A 33 6.96 -1.80 -5.36
N ASP A 34 8.19 -2.12 -5.79
CA ASP A 34 9.31 -1.21 -5.50
C ASP A 34 9.22 0.12 -6.27
N ILE A 35 8.61 0.10 -7.45
CA ILE A 35 8.58 1.30 -8.28
C ILE A 35 7.44 2.23 -7.87
N PHE A 36 6.23 1.71 -7.84
CA PHE A 36 5.04 2.51 -7.58
C PHE A 36 5.08 3.12 -6.18
N LEU A 37 5.82 2.49 -5.33
CA LEU A 37 6.02 2.98 -4.03
C LEU A 37 7.24 3.86 -3.97
N GLY A 38 8.38 3.42 -4.52
CA GLY A 38 9.61 4.22 -4.49
C GLY A 38 9.53 5.52 -5.29
N GLU A 39 8.80 5.53 -6.39
CA GLU A 39 8.61 6.73 -7.20
C GLU A 39 7.67 7.67 -6.46
N MET A 40 6.67 7.04 -5.92
CA MET A 40 5.73 7.84 -5.14
C MET A 40 6.41 8.41 -3.93
N ASP A 41 7.24 7.62 -3.37
CA ASP A 41 8.07 7.91 -2.24
C ASP A 41 9.00 9.02 -2.57
N SER A 42 9.48 8.95 -3.81
CA SER A 42 10.54 9.79 -4.29
C SER A 42 10.37 11.19 -3.90
N TYR A 43 9.30 11.61 -4.41
CA TYR A 43 9.07 12.95 -4.54
C TYR A 43 8.08 13.35 -3.55
N ILE A 44 7.74 12.44 -2.66
CA ILE A 44 6.91 12.72 -1.55
C ILE A 44 7.70 12.79 -0.26
N GLY A 45 8.87 12.18 -0.30
CA GLY A 45 9.88 12.55 0.66
C GLY A 45 10.18 14.02 0.40
N THR A 46 10.16 14.36 -0.89
CA THR A 46 10.29 15.72 -1.37
C THR A 46 8.98 16.51 -1.10
N LEU A 47 7.84 15.99 -1.55
CA LEU A 47 6.53 16.62 -1.44
C LEU A 47 6.04 16.87 -0.03
N THR A 48 6.47 16.10 0.91
CA THR A 48 6.17 16.41 2.30
C THR A 48 7.13 17.45 2.83
N GLU A 49 8.32 17.38 2.34
CA GLU A 49 9.32 18.41 2.65
C GLU A 49 8.95 19.73 1.92
N LEU A 50 7.96 19.67 1.05
CA LEU A 50 7.52 20.77 0.27
C LEU A 50 6.13 21.20 0.74
N GLN A 51 5.36 20.24 1.23
CA GLN A 51 3.95 20.41 1.53
C GLN A 51 3.39 19.17 2.19
N GLY A 52 2.10 19.11 2.34
CA GLY A 52 1.48 17.96 2.96
C GLY A 52 1.24 16.84 1.99
N SER A 53 1.87 16.92 0.83
CA SER A 53 1.66 16.02 -0.23
C SER A 53 1.69 14.49 0.05
N GLU A 54 2.28 13.98 1.13
CA GLU A 54 1.93 12.58 1.54
C GLU A 54 0.37 12.37 1.57
N GLN A 55 -0.38 13.48 1.63
CA GLN A 55 -1.83 13.54 1.44
C GLN A 55 -2.18 13.06 0.03
N LEU A 56 -1.41 13.51 -0.96
CA LEU A 56 -1.50 13.10 -2.34
C LEU A 56 -1.16 11.63 -2.42
N LEU A 57 -0.11 11.27 -1.68
CA LEU A 57 0.52 9.95 -1.68
C LEU A 57 -0.48 8.83 -1.43
N TYR A 58 -1.54 9.18 -0.81
CA TYR A 58 -2.55 8.30 -0.34
C TYR A 58 -3.41 7.87 -1.48
N LEU A 59 -3.82 8.87 -2.22
CA LEU A 59 -4.71 8.53 -3.30
C LEU A 59 -3.91 7.87 -4.40
N LYS A 60 -2.62 8.21 -4.47
CA LYS A 60 -1.76 7.56 -5.44
C LYS A 60 -1.59 6.12 -5.13
N GLU A 61 -0.98 5.90 -3.99
CA GLU A 61 -0.43 4.55 -3.84
C GLU A 61 -1.53 3.54 -3.77
N ILE A 62 -2.57 3.94 -3.15
CA ILE A 62 -3.62 2.97 -2.96
C ILE A 62 -4.42 2.68 -4.25
N SER A 63 -4.54 3.66 -5.12
CA SER A 63 -5.31 3.47 -6.35
C SER A 63 -4.36 3.04 -7.47
N HIS A 64 -3.19 3.58 -7.38
CA HIS A 64 -2.09 3.32 -8.26
C HIS A 64 -1.41 2.02 -7.89
N ALA A 65 -0.60 1.92 -6.86
CA ALA A 65 0.21 0.76 -6.51
C ALA A 65 -0.64 -0.37 -5.95
N LEU A 66 -1.32 -0.11 -4.82
CA LEU A 66 -2.11 -1.14 -4.16
C LEU A 66 -3.18 -1.69 -5.05
N LYS A 67 -4.03 -0.84 -5.57
CA LYS A 67 -5.08 -1.30 -6.47
C LYS A 67 -4.51 -2.12 -7.64
N SER A 68 -3.25 -1.90 -8.00
CA SER A 68 -2.67 -2.62 -9.10
C SER A 68 -2.03 -3.95 -8.66
N SER A 69 -1.09 -3.85 -7.76
CA SER A 69 -0.31 -4.94 -7.31
C SER A 69 -1.13 -5.80 -6.38
N ALA A 70 -1.95 -5.16 -5.57
CA ALA A 70 -2.74 -5.90 -4.60
C ALA A 70 -3.88 -6.60 -5.29
N ALA A 71 -4.36 -6.08 -6.39
CA ALA A 71 -5.40 -6.80 -7.16
C ALA A 71 -4.83 -8.13 -7.61
N SER A 72 -3.52 -8.15 -7.78
CA SER A 72 -2.82 -9.37 -8.05
C SER A 72 -2.38 -10.09 -6.76
N PHE A 73 -1.72 -9.39 -5.81
CA PHE A 73 -1.09 -10.13 -4.67
C PHE A 73 -1.82 -10.01 -3.33
N GLY A 74 -2.97 -9.47 -3.39
CA GLY A 74 -3.73 -9.18 -2.18
C GLY A 74 -5.12 -8.80 -2.52
N ALA A 75 -5.63 -9.58 -3.44
CA ALA A 75 -6.98 -9.38 -3.97
C ALA A 75 -8.02 -9.84 -2.93
N ASP A 76 -7.67 -9.73 -1.68
CA ASP A 76 -8.41 -10.20 -0.55
C ASP A 76 -8.60 -8.92 0.28
N ARG A 77 -8.37 -8.86 1.59
CA ARG A 77 -8.53 -7.71 2.48
C ARG A 77 -7.91 -6.42 2.03
N LEU A 78 -6.61 -6.39 1.83
CA LEU A 78 -5.95 -5.11 1.55
C LEU A 78 -6.55 -4.41 0.34
N CYS A 79 -7.19 -5.20 -0.48
CA CYS A 79 -7.75 -4.67 -1.71
C CYS A 79 -8.92 -3.75 -1.38
N GLU A 80 -9.93 -4.28 -0.75
CA GLU A 80 -11.13 -3.48 -0.51
C GLU A 80 -11.25 -3.12 0.93
N ARG A 81 -10.86 -4.06 1.74
CA ARG A 81 -11.00 -3.89 3.15
C ARG A 81 -10.03 -2.76 3.55
N ALA A 82 -8.95 -2.56 2.83
CA ALA A 82 -8.13 -1.46 3.22
C ALA A 82 -8.70 -0.23 2.56
N ILE A 83 -8.79 -0.32 1.25
CA ILE A 83 -9.17 0.88 0.50
C ILE A 83 -10.39 1.67 0.99
N ALA A 84 -11.42 0.95 1.33
CA ALA A 84 -12.67 1.54 1.63
C ALA A 84 -12.75 1.73 3.13
N ILE A 85 -12.23 0.72 3.83
CA ILE A 85 -12.40 0.57 5.25
C ILE A 85 -11.32 1.28 6.00
N ASP A 86 -10.49 1.96 5.26
CA ASP A 86 -9.44 2.71 5.78
C ASP A 86 -9.80 4.07 5.83
N LYS A 87 -10.09 4.65 4.66
CA LYS A 87 -10.45 6.03 4.68
C LYS A 87 -11.46 6.33 5.78
N LYS A 88 -12.64 5.65 5.73
CA LYS A 88 -13.63 5.66 6.82
C LYS A 88 -13.14 5.87 8.22
N ALA A 89 -12.49 4.90 8.79
CA ALA A 89 -12.35 4.95 10.21
C ALA A 89 -11.00 4.58 10.55
N LYS A 90 -10.47 3.72 9.75
CA LYS A 90 -9.04 3.57 9.94
C LYS A 90 -8.40 4.89 9.98
N ALA A 91 -8.65 5.68 8.96
CA ALA A 91 -7.92 6.88 8.88
C ALA A 91 -8.42 7.87 9.92
N ASN A 92 -9.73 7.86 10.21
CA ASN A 92 -10.25 8.84 11.18
C ASN A 92 -10.09 8.41 12.62
N GLN A 93 -10.00 7.12 12.88
CA GLN A 93 -9.95 6.62 14.22
C GLN A 93 -8.54 6.70 14.72
N LEU A 94 -7.54 6.58 13.85
CA LEU A 94 -6.16 6.69 14.19
C LEU A 94 -5.84 8.07 14.69
N GLN A 95 -5.84 9.03 13.80
CA GLN A 95 -5.48 10.40 14.07
C GLN A 95 -6.68 11.08 14.67
N GLU A 96 -6.49 11.84 15.73
CA GLU A 96 -7.62 12.46 16.40
C GLU A 96 -7.95 13.73 15.63
N GLN A 97 -7.06 14.07 14.70
CA GLN A 97 -7.21 15.28 13.93
C GLN A 97 -7.98 15.00 12.66
N GLY A 98 -8.54 13.80 12.55
CA GLY A 98 -9.36 13.52 11.41
C GLY A 98 -8.62 13.25 10.12
N MET A 99 -7.91 12.11 10.00
CA MET A 99 -7.27 11.67 8.75
C MET A 99 -6.55 12.74 7.94
N GLU A 100 -5.49 13.26 8.50
CA GLU A 100 -4.83 14.39 7.92
C GLU A 100 -3.31 14.27 7.86
N THR A 101 -2.79 13.04 8.11
CA THR A 101 -1.33 12.76 8.02
C THR A 101 -0.91 11.34 8.52
N SER A 102 -1.18 10.99 9.77
CA SER A 102 -0.59 9.81 10.41
C SER A 102 -0.88 8.51 9.64
N GLU A 103 -2.07 8.42 9.12
CA GLU A 103 -2.53 7.23 8.41
C GLU A 103 -1.93 7.17 6.98
N MET A 104 -1.94 8.28 6.30
CA MET A 104 -1.41 8.36 4.94
C MET A 104 0.12 8.03 4.91
N LEU A 105 0.88 8.64 5.82
CA LEU A 105 2.33 8.25 5.98
C LEU A 105 2.45 6.77 6.35
N ALA A 106 1.45 6.35 7.12
CA ALA A 106 1.38 4.99 7.63
C ALA A 106 1.47 3.98 6.53
N LEU A 107 0.92 4.28 5.36
CA LEU A 107 0.84 3.42 4.20
C LEU A 107 2.18 2.86 3.84
N LEU A 108 3.18 3.71 3.77
CA LEU A 108 4.50 3.29 3.42
C LEU A 108 5.07 2.32 4.44
N HIS A 109 5.00 2.66 5.73
CA HIS A 109 5.57 1.74 6.69
C HIS A 109 4.76 0.44 6.78
N ILE A 110 3.49 0.50 6.41
CA ILE A 110 2.65 -0.71 6.41
C ILE A 110 2.86 -1.53 5.15
N THR A 111 3.11 -0.86 4.07
CA THR A 111 3.36 -1.54 2.81
C THR A 111 4.76 -2.17 2.85
N ARG A 112 5.60 -1.59 3.67
CA ARG A 112 6.92 -2.16 3.82
C ARG A 112 6.89 -3.26 4.87
N ASP A 113 6.27 -2.99 5.97
CA ASP A 113 6.22 -3.93 7.08
C ASP A 113 5.40 -5.17 6.74
N ALA A 114 4.16 -4.93 6.38
CA ALA A 114 3.16 -5.96 6.25
C ALA A 114 3.19 -6.64 4.90
N TYR A 115 3.95 -6.08 3.99
CA TYR A 115 4.02 -6.70 2.66
C TYR A 115 5.36 -7.40 2.51
N ARG A 116 6.40 -6.61 2.65
CA ARG A 116 7.79 -7.10 2.44
C ARG A 116 8.16 -8.35 3.29
N SER A 117 7.31 -8.70 4.25
CA SER A 117 7.52 -9.94 4.99
C SER A 117 7.20 -11.22 4.12
N TRP A 118 6.49 -11.05 2.97
CA TRP A 118 6.06 -12.19 2.08
C TRP A 118 6.12 -11.72 0.65
N THR A 119 5.87 -10.44 0.49
CA THR A 119 5.92 -9.79 -0.80
C THR A 119 7.38 -9.43 -1.19
N ASN A 120 8.34 -10.02 -0.45
CA ASN A 120 9.79 -9.92 -0.69
C ASN A 120 10.38 -8.64 -0.16
#